data_6MUT
#
_entry.id   6MUT
#
loop_
_entity.id
_entity.type
_entity.pdbx_description
1 polymer 'Uncharacterized protein Csm1'
2 polymer 'Uncharacterized protein Csm2'
3 polymer 'Uncharacterized protein Csm3'
4 polymer 'Uncharacterized protein Csm4'
5 polymer "RNA (5'-R(*GP*UP*GP*GP*AP*AP*AP*GP*GP*CP*GP*GP*GP*CP*AP*GP*AP*GP*GP*C)-3')"
6 polymer "RNA (5'-R(P*CP*CP*UP*CP*UP*GP*CP*CP*CP*GP*CP*CP*UP*UP*UP*CP*CP*AP*C)-3')"
7 polymer 'Uncharacterized protein Csm5'
8 non-polymer 'ZINC ION'
#
loop_
_entity_poly.entity_id
_entity_poly.type
_entity_poly.pdbx_seq_one_letter_code
_entity_poly.pdbx_strand_id
1 'polypeptide(L)'
;MGSSHHHHHHSQDPMEIDELTALGGLLHDIGKPVQRAGLYSGDHSTQGARFLRDLAENTGRAEYELLSLFSEFHHKGHMK
NDELMIRRIKELSPERFGLTMEDVLNALWIVYEADNLASGEREEGQPQASRPLYSVFNPGKAYPWAELDFEKELPVPGDV
FSIRSQDYRELVKRLWEELSKAKLRSDRLLPVLEKYLTFVSSVTSEGNIISLYDHMRMTSAIALAMLRAGCTAEDVRSGR
CRKEKRFLLIEGDFSGIQDFIYRVSGKGTLKYLRARSAYLELIGWDVVLEILSRLGLTRANVVFNAGGHFMIIAQNTPDA
VKELEEIRAKAVEWLYREFESDLYLAIEWEPVSGREFGREGGKNLFAEARKRLKHKLTVRKLKRFGEIKGLFEHGHTERL
AECPVCGRELPEGKLEPSASDPETKVCPTCNRLVSLGGNLPKLLGFGRTAKNDAGVLVEGPFSGFVPYLQGGRPVGEQIL
VKNTLNPGEIPESAQFVPYFVADYFKKDPKGGVATFEELSMASTGTRRLGVMKGDVDRLGEFFSSMDSPSKLATASRFMD
YFFKGYIGAIIEGKFGYIIGDVPSLRDWPEEPDIVVVYAGGDDFFIVGAWDQIFELAFRVRRAFNAYTGGKLTLSVGLGY
FDERTPIYRMADVVSERLDTAKDEGRNRVFVVGRSRPLDGKHKLSYEWNHYEELWRTYAPRIYAGNGRLKGKLESKKGLL
WKLLEIRELYVRDPNDVRWAYLTAYLLGRHGLSDLFPELVGIDTKAVERKEPQPVYWVDGVLKIVLMAVRR
;
A
2 'polypeptide(L)'
;SMAYHQKHGGYGRGGYGRQDRPQVDASRLFGESPDVVGIKKMLEGKGKQWEAIQPYFDNVVREAKNFLEWSPNKRLANAV
TVAAYLTSQGLKTNQVRKILDMARTTELKVKRGEGDIKDDLVKMRYLLAYTVGKATGQSKYSLDAFHRILDPMLEVLMGS
PKKENFEKFYDFLQAVVAYHKFFGGGD
;
B
3 'polypeptide(L)'
;SMDRRFYGKIVIKGKIKAVTGLHIGSQRDISEIGGIANPVIKDPHTGLPYIPGSSLKGRLRSLFEILVNSRLGEWREKYP
SLANYSPGSCRPDNQENCGKFFNRKINRGWIHVCPDYETALACPVCRLFGASGKESNFPSRIIVRDAFLTKEWEEKWRAG
EAITEAKIEVGIDRVTSQANPRTNERVVAGAEFEFEIIYNVENTTHWRDDIKNLLTAMALLEDSYLGGSGSRGYGKVKFI
FDSFEFRPLDYYRTGKDEDIVSIDAREKSVSDILSGFDSLFSEVEGKLEAG
;
C,D
4 'polypeptide(L)'
;MPKFIAVKLIPKGPFRDIPRADTLFGAIGNAISAIHGQSAVEELVDAFVGGARISSAFPYSGDTYYLPKPLSVEPALEGI
LTGLDEEERYTTAKRLRKAKYLDLKNFELALRLRPFTIPEEIPYARVDVPRVVLDRVTQDSSIYFWEEIRFREKSGVYFL
YSGPREVFDGYIAPAMRFLGDTGIGGKSTWGAGLFEVEFHEMKIDAPGSEYSVTLSNALPTKTPVLWRLLRKGGWSFGRR
KPRMTFIAEGSIVKNDPGGMERLELGLSHEVYVYGLTFPLGVELPEGLE
;
E
5 'polyribonucleotide' GUGGAAAGGCGGGCAGAGGCGGUUUGCGUAUUGGGCGC G
6 'polyribonucleotide' CCCUGGCGCCCAAUACGCAAACCGCCUCUGCCCGCCUUUCCACGG H
7 'polypeptide(L)'
;MTERTLKVLSPLHIGTGNELTPVDIYPRENIIHVLDTERLVNDLMNLGVELNEILALLKNPPGDAYIWKGYIEEFHLDPS
DYSIYTLKIHGKIGRKSMQIKEFIKLNGRPYIPGSSLKGAIRTAVLYKALKECGDARAVMRVVSKVNGDVARDIGRSEDV
LDYYMSFLSRARIDRKRADDLLEAIVFGMEPDRRSKIRYEPKRDPMKALIVRDSKPVGRKHLAVYHVEVIGNPQPIPIWV
EAIEPGAATDVEIHVDTEALRLNADYFNGLLWECLKERGEPGEVFEDFLWEAVDEFYTAVMKYETIEVQKFGRYTSQVRS
FYASLEDHSGHVLRLGWGSGWLAMTIGLLLVEKGYKWENVRKKLGLGKKPGGSGFSREFPKTRRLADGMPMGWVVLEHHH
HHH
;
F
#
# COMPACT_ATOMS: atom_id res chain seq x y z
N MET A 15 -7.04 69.13 10.32
CA MET A 15 -7.71 68.06 9.59
C MET A 15 -7.91 68.41 8.12
N GLU A 16 -7.46 67.54 7.23
CA GLU A 16 -7.49 67.84 5.82
C GLU A 16 -8.81 67.38 5.21
N ILE A 17 -8.90 67.50 3.88
CA ILE A 17 -10.14 67.17 3.20
C ILE A 17 -10.20 65.71 2.78
N ASP A 18 -9.05 65.11 2.48
CA ASP A 18 -9.03 63.69 2.14
C ASP A 18 -9.39 62.82 3.33
N GLU A 19 -9.01 63.24 4.54
CA GLU A 19 -9.39 62.53 5.74
C GLU A 19 -10.82 62.88 6.15
N LEU A 20 -11.47 63.77 5.42
CA LEU A 20 -12.85 64.12 5.73
C LEU A 20 -13.83 63.35 4.86
N THR A 21 -13.51 63.21 3.57
CA THR A 21 -14.39 62.46 2.67
C THR A 21 -14.34 60.97 2.95
N ALA A 22 -13.16 60.48 3.32
CA ALA A 22 -13.01 59.10 3.75
C ALA A 22 -13.83 58.82 4.99
N LEU A 23 -13.87 59.76 5.94
CA LEU A 23 -14.62 59.56 7.16
C LEU A 23 -16.06 59.98 7.06
N GLY A 24 -16.45 60.72 6.03
CA GLY A 24 -17.84 61.06 5.91
C GLY A 24 -18.63 59.90 5.36
N GLY A 25 -18.08 59.19 4.38
CA GLY A 25 -18.77 58.04 3.85
C GLY A 25 -18.76 56.87 4.80
N LEU A 26 -17.77 56.80 5.67
CA LEU A 26 -17.70 55.74 6.66
C LEU A 26 -18.64 56.01 7.82
N LEU A 27 -19.15 57.24 7.96
CA LEU A 27 -20.15 57.57 8.97
C LEU A 27 -21.40 58.15 8.31
N HIS A 28 -21.78 57.64 7.15
CA HIS A 28 -22.88 58.23 6.40
C HIS A 28 -24.19 57.51 6.65
N ASP A 29 -24.19 56.19 6.68
CA ASP A 29 -25.36 55.43 7.09
C ASP A 29 -25.21 54.94 8.51
N ILE A 30 -24.39 55.62 9.30
CA ILE A 30 -24.55 55.50 10.74
C ILE A 30 -25.86 56.19 11.09
N GLY A 31 -26.52 55.70 12.13
CA GLY A 31 -27.85 56.19 12.33
C GLY A 31 -28.91 55.30 11.76
N LYS A 32 -28.57 54.55 10.73
CA LYS A 32 -29.37 53.37 10.42
C LYS A 32 -29.42 52.35 11.55
N PRO A 33 -28.38 52.09 12.34
CA PRO A 33 -28.61 51.19 13.48
C PRO A 33 -29.43 51.81 14.59
N VAL A 34 -29.25 53.11 14.87
CA VAL A 34 -29.90 53.68 16.03
C VAL A 34 -31.36 53.99 15.77
N GLN A 35 -31.83 53.90 14.52
CA GLN A 35 -33.27 53.93 14.31
C GLN A 35 -33.91 52.63 14.73
N ARG A 36 -33.24 51.51 14.42
CA ARG A 36 -33.76 50.22 14.83
C ARG A 36 -33.71 50.06 16.34
N ALA A 37 -32.77 50.73 17.01
CA ALA A 37 -32.83 50.81 18.46
C ALA A 37 -33.92 51.75 18.92
N GLY A 38 -34.20 52.80 18.15
CA GLY A 38 -35.32 53.67 18.46
C GLY A 38 -35.10 54.59 19.63
N LEU A 39 -34.22 55.57 19.51
CA LEU A 39 -33.92 56.40 20.66
C LEU A 39 -33.77 57.88 20.34
N TYR A 40 -34.17 58.30 19.16
CA TYR A 40 -34.44 59.69 18.85
C TYR A 40 -35.69 59.77 17.95
N SER A 41 -35.92 60.92 17.32
CA SER A 41 -37.07 61.08 16.43
C SER A 41 -36.90 60.25 15.16
N GLY A 42 -37.93 59.48 14.85
CA GLY A 42 -37.77 58.29 14.01
C GLY A 42 -37.52 58.44 12.52
N ASP A 43 -36.36 58.99 12.15
CA ASP A 43 -35.86 58.86 10.79
C ASP A 43 -34.35 59.06 10.84
N HIS A 44 -33.61 58.27 10.06
CA HIS A 44 -32.19 58.12 10.30
C HIS A 44 -31.41 59.34 9.81
N SER A 45 -32.03 60.19 9.00
CA SER A 45 -31.37 61.41 8.58
C SER A 45 -31.39 62.49 9.66
N THR A 46 -31.95 62.22 10.82
CA THR A 46 -31.81 63.08 11.98
C THR A 46 -31.15 62.35 13.15
N GLN A 47 -31.35 61.04 13.26
CA GLN A 47 -30.86 60.33 14.42
C GLN A 47 -29.35 60.14 14.37
N GLY A 48 -28.82 59.77 13.21
CA GLY A 48 -27.39 59.70 13.05
C GLY A 48 -26.72 61.06 13.11
N ALA A 49 -27.48 62.12 12.80
CA ALA A 49 -27.00 63.46 13.09
C ALA A 49 -26.93 63.68 14.59
N ARG A 50 -27.95 63.23 15.31
CA ARG A 50 -27.93 63.37 16.76
C ARG A 50 -26.92 62.44 17.41
N PHE A 51 -26.76 61.22 16.90
CA PHE A 51 -25.87 60.25 17.53
C PHE A 51 -24.42 60.68 17.42
N LEU A 52 -24.09 61.48 16.41
CA LEU A 52 -22.70 61.87 16.21
C LEU A 52 -22.35 63.11 17.00
N ARG A 53 -23.22 64.12 17.00
CA ARG A 53 -22.91 65.33 17.74
C ARG A 53 -23.03 65.12 19.24
N ASP A 54 -23.79 64.10 19.65
CA ASP A 54 -23.77 63.67 21.04
C ASP A 54 -22.41 63.09 21.38
N LEU A 55 -21.89 62.23 20.49
CA LEU A 55 -20.53 61.72 20.61
C LEU A 55 -19.48 62.82 20.49
N ALA A 56 -19.81 63.90 19.80
CA ALA A 56 -18.90 65.04 19.75
C ALA A 56 -18.89 65.80 21.06
N GLU A 57 -19.92 65.66 21.89
CA GLU A 57 -19.98 66.41 23.12
C GLU A 57 -19.17 65.73 24.23
N ASN A 58 -19.58 64.53 24.63
CA ASN A 58 -18.94 63.88 25.75
C ASN A 58 -17.86 62.90 25.31
N THR A 59 -16.66 63.12 25.86
CA THR A 59 -15.40 62.56 25.38
C THR A 59 -15.30 62.78 23.87
N GLY A 60 -15.50 64.01 23.45
CA GLY A 60 -15.74 64.30 22.05
C GLY A 60 -14.65 65.12 21.43
N ARG A 61 -14.08 64.59 20.36
CA ARG A 61 -13.34 65.42 19.43
C ARG A 61 -14.29 66.42 18.80
N ALA A 62 -13.75 67.58 18.44
CA ALA A 62 -14.60 68.59 17.80
C ALA A 62 -14.83 68.30 16.33
N GLU A 63 -14.29 67.21 15.80
CA GLU A 63 -14.56 66.87 14.41
C GLU A 63 -15.79 65.98 14.26
N TYR A 64 -16.19 65.28 15.32
CA TYR A 64 -17.40 64.46 15.24
C TYR A 64 -18.66 65.29 15.12
N GLU A 65 -18.58 66.58 15.42
CA GLU A 65 -19.72 67.44 15.20
C GLU A 65 -19.83 67.77 13.72
N LEU A 66 -18.70 67.95 13.06
CA LEU A 66 -18.69 68.30 11.65
C LEU A 66 -19.05 67.11 10.78
N LEU A 67 -18.76 65.90 11.25
CA LEU A 67 -19.06 64.73 10.44
C LEU A 67 -20.53 64.38 10.43
N SER A 68 -21.33 64.99 11.30
CA SER A 68 -22.77 64.83 11.27
C SER A 68 -23.44 65.79 10.31
N LEU A 69 -22.70 66.32 9.36
CA LEU A 69 -23.29 66.93 8.18
C LEU A 69 -23.49 65.92 7.09
N PHE A 70 -23.05 64.69 7.30
CA PHE A 70 -23.13 63.64 6.30
C PHE A 70 -24.30 62.73 6.50
N SER A 71 -24.57 62.29 7.73
CA SER A 71 -25.79 61.53 7.95
C SER A 71 -27.00 62.43 8.06
N GLU A 72 -26.80 63.74 8.10
CA GLU A 72 -27.91 64.67 8.12
C GLU A 72 -28.47 64.88 6.72
N PHE A 73 -27.61 65.14 5.75
CA PHE A 73 -28.04 65.39 4.37
C PHE A 73 -27.85 64.09 3.59
N HIS A 74 -28.87 63.24 3.67
CA HIS A 74 -28.81 61.87 3.19
C HIS A 74 -29.88 61.61 2.15
N HIS A 75 -31.08 62.15 2.40
CA HIS A 75 -32.27 61.58 1.80
C HIS A 75 -32.72 62.30 0.53
N LYS A 76 -31.96 63.32 0.12
CA LYS A 76 -32.04 64.18 -1.07
C LYS A 76 -33.29 65.06 -1.09
N GLY A 77 -34.22 64.90 -0.15
CA GLY A 77 -35.19 65.93 0.10
C GLY A 77 -34.64 66.96 1.07
N HIS A 78 -33.80 66.52 1.99
CA HIS A 78 -33.00 67.41 2.79
C HIS A 78 -31.81 67.92 2.02
N MET A 79 -31.32 67.15 1.06
CA MET A 79 -30.23 67.57 0.19
C MET A 79 -30.87 68.07 -1.11
N LYS A 80 -31.51 69.22 -1.00
CA LYS A 80 -32.37 69.75 -2.05
C LYS A 80 -32.17 71.26 -2.14
N ASN A 81 -31.76 71.71 -3.31
CA ASN A 81 -31.84 73.11 -3.73
C ASN A 81 -30.97 74.04 -2.89
N ASP A 82 -29.80 73.54 -2.49
CA ASP A 82 -28.60 74.32 -2.20
C ASP A 82 -28.73 75.47 -1.21
N GLU A 83 -29.75 75.43 -0.35
CA GLU A 83 -29.98 76.56 0.54
C GLU A 83 -29.83 76.18 2.00
N LEU A 84 -30.46 75.09 2.41
CA LEU A 84 -30.53 74.70 3.81
C LEU A 84 -29.18 74.28 4.36
N MET A 85 -28.27 73.84 3.49
CA MET A 85 -26.94 73.47 3.94
C MET A 85 -26.10 74.69 4.28
N ILE A 86 -26.09 75.69 3.38
CA ILE A 86 -25.15 76.80 3.47
C ILE A 86 -25.41 77.67 4.68
N ARG A 87 -26.65 77.75 5.16
CA ARG A 87 -26.92 78.37 6.45
C ARG A 87 -26.20 77.64 7.57
N ARG A 88 -26.42 76.32 7.66
CA ARG A 88 -25.90 75.60 8.81
C ARG A 88 -24.40 75.39 8.73
N ILE A 89 -23.86 75.16 7.54
CA ILE A 89 -22.42 74.93 7.44
C ILE A 89 -21.66 76.23 7.66
N LYS A 90 -22.33 77.38 7.50
CA LYS A 90 -21.79 78.65 7.94
C LYS A 90 -21.72 78.74 9.46
N GLU A 91 -22.67 78.10 10.16
CA GLU A 91 -22.84 78.30 11.60
C GLU A 91 -21.70 77.68 12.38
N LEU A 92 -21.03 76.69 11.82
CA LEU A 92 -19.92 76.06 12.52
C LEU A 92 -18.65 76.90 12.42
N SER A 93 -17.53 76.29 12.79
CA SER A 93 -16.22 76.91 12.64
C SER A 93 -15.36 76.07 11.70
N PRO A 94 -15.71 76.00 10.40
CA PRO A 94 -14.94 75.13 9.51
C PRO A 94 -13.55 75.65 9.22
N GLU A 95 -13.28 76.91 9.51
CA GLU A 95 -11.93 77.43 9.42
C GLU A 95 -11.03 76.87 10.49
N ARG A 96 -11.58 76.43 11.62
CA ARG A 96 -10.77 75.85 12.70
C ARG A 96 -10.21 74.50 12.37
N PHE A 97 -10.54 73.93 11.21
CA PHE A 97 -9.91 72.71 10.73
C PHE A 97 -9.13 72.97 9.46
N GLY A 98 -9.16 74.20 8.97
CA GLY A 98 -8.60 74.55 7.68
C GLY A 98 -9.61 74.50 6.56
N LEU A 99 -10.77 73.91 6.79
CA LEU A 99 -11.73 73.66 5.73
C LEU A 99 -12.37 74.95 5.24
N THR A 100 -12.49 75.06 3.92
CA THR A 100 -13.11 76.21 3.31
C THR A 100 -14.63 76.05 3.36
N MET A 101 -15.34 77.16 3.17
CA MET A 101 -16.80 77.16 3.09
C MET A 101 -17.33 76.29 1.96
N GLU A 102 -16.53 76.10 0.91
CA GLU A 102 -17.00 75.43 -0.30
C GLU A 102 -16.59 73.98 -0.36
N ASP A 103 -15.35 73.71 0.04
CA ASP A 103 -14.76 72.34 0.00
C ASP A 103 -15.59 71.42 0.91
N VAL A 104 -16.01 71.89 2.08
CA VAL A 104 -16.85 71.05 2.97
C VAL A 104 -18.16 70.75 2.22
N LEU A 105 -18.73 71.77 1.56
CA LEU A 105 -19.96 71.58 0.76
C LEU A 105 -19.63 70.63 -0.41
N ASN A 106 -18.46 70.79 -1.03
CA ASN A 106 -18.10 69.94 -2.14
C ASN A 106 -17.91 68.50 -1.68
N ALA A 107 -17.64 68.28 -0.39
CA ALA A 107 -17.46 66.93 0.12
C ALA A 107 -18.78 66.25 0.48
N LEU A 108 -19.85 67.01 0.72
CA LEU A 108 -21.14 66.38 0.98
C LEU A 108 -21.73 65.79 -0.29
N TRP A 109 -21.42 66.38 -1.44
CA TRP A 109 -22.01 65.90 -2.69
C TRP A 109 -21.32 64.64 -3.18
N ILE A 110 -20.03 64.52 -2.93
CA ILE A 110 -19.29 63.33 -3.32
C ILE A 110 -19.77 62.14 -2.51
N VAL A 111 -19.83 62.31 -1.19
CA VAL A 111 -20.28 61.22 -0.28
C VAL A 111 -21.74 60.90 -0.59
N TYR A 112 -22.46 61.83 -1.22
CA TYR A 112 -23.88 61.57 -1.58
C TYR A 112 -23.92 60.82 -2.90
N GLU A 113 -23.04 61.18 -3.82
CA GLU A 113 -22.96 60.49 -5.14
C GLU A 113 -22.46 59.06 -4.92
N ALA A 114 -21.48 58.88 -4.04
CA ALA A 114 -20.85 57.57 -3.79
C ALA A 114 -21.90 56.58 -3.26
N ASP A 115 -22.80 57.02 -2.41
CA ASP A 115 -23.82 56.11 -1.83
C ASP A 115 -24.70 55.52 -2.95
N ASN A 116 -25.11 56.32 -3.92
CA ASN A 116 -25.99 55.82 -5.01
C ASN A 116 -25.28 54.75 -5.86
N LEU A 117 -24.04 54.97 -6.25
CA LEU A 117 -23.28 53.99 -7.10
C LEU A 117 -23.09 52.68 -6.34
N ALA A 118 -22.80 52.79 -5.05
CA ALA A 118 -22.47 51.68 -4.14
C ALA A 118 -23.83 51.10 -3.70
N SER A 119 -24.19 49.95 -4.23
CA SER A 119 -25.54 49.38 -3.94
C SER A 119 -26.53 50.07 -4.89
N GLY A 120 -26.20 51.28 -5.30
CA GLY A 120 -27.02 52.04 -6.26
C GLY A 120 -28.18 52.76 -5.59
N GLU A 121 -29.03 53.41 -6.38
CA GLU A 121 -30.22 54.12 -5.85
C GLU A 121 -31.39 53.14 -5.81
N ARG A 122 -31.26 52.02 -6.51
CA ARG A 122 -32.31 50.97 -6.55
C ARG A 122 -32.36 50.24 -5.20
N GLU A 123 -31.23 50.19 -4.49
CA GLU A 123 -31.18 49.52 -3.16
C GLU A 123 -31.95 50.36 -2.14
N GLU A 124 -31.97 51.68 -2.32
CA GLU A 124 -32.68 52.60 -1.39
C GLU A 124 -34.12 52.10 -1.16
N GLY A 125 -34.46 51.76 0.08
CA GLY A 125 -35.82 51.25 0.41
C GLY A 125 -36.67 52.37 1.02
N GLN A 126 -37.92 52.07 1.37
CA GLN A 126 -38.83 53.08 1.97
C GLN A 126 -38.82 52.93 3.49
N PRO A 127 -39.86 53.41 4.16
CA PRO A 127 -39.93 53.31 5.63
C PRO A 127 -40.35 51.88 6.03
N GLN A 128 -39.41 50.94 5.98
CA GLN A 128 -39.71 49.54 6.36
C GLN A 128 -39.48 49.34 7.86
N ALA A 129 -39.74 48.16 8.38
CA ALA A 129 -39.53 47.89 9.82
C ALA A 129 -38.18 47.20 10.04
N SER A 130 -38.05 46.36 11.05
CA SER A 130 -36.79 45.64 11.31
C SER A 130 -36.80 44.29 10.57
N ARG A 131 -35.70 43.92 9.94
CA ARG A 131 -35.64 42.62 9.21
C ARG A 131 -34.25 42.00 9.41
N PRO A 132 -34.12 40.69 9.22
CA PRO A 132 -32.84 40.00 9.35
C PRO A 132 -32.06 40.15 8.03
N LEU A 133 -30.74 40.21 8.08
CA LEU A 133 -29.95 40.33 6.83
C LEU A 133 -29.99 38.99 6.09
N TYR A 134 -30.58 38.95 4.91
CA TYR A 134 -30.64 37.66 4.15
C TYR A 134 -29.22 37.31 3.71
N SER A 135 -28.89 36.02 3.68
CA SER A 135 -27.54 35.59 3.35
C SER A 135 -27.25 35.74 1.88
N VAL A 136 -26.00 36.10 1.58
CA VAL A 136 -25.57 36.33 0.21
C VAL A 136 -25.42 35.04 -0.56
N PHE A 137 -25.34 33.90 0.14
CA PHE A 137 -25.26 32.63 -0.54
C PHE A 137 -26.63 32.03 -0.80
N ASN A 138 -27.62 32.45 -0.03
CA ASN A 138 -28.99 31.95 -0.13
C ASN A 138 -29.92 33.04 0.39
N PRO A 139 -30.62 33.76 -0.49
CA PRO A 139 -31.48 34.86 -0.03
C PRO A 139 -32.75 34.42 0.68
N GLY A 140 -33.07 33.13 0.68
CA GLY A 140 -34.23 32.71 1.44
C GLY A 140 -34.03 32.65 2.93
N LYS A 141 -32.86 32.23 3.39
CA LYS A 141 -32.54 32.17 4.80
C LYS A 141 -32.01 33.53 5.25
N ALA A 142 -31.75 33.68 6.55
CA ALA A 142 -31.30 34.96 7.06
C ALA A 142 -30.38 34.74 8.25
N TYR A 143 -29.76 35.82 8.72
CA TYR A 143 -28.82 35.75 9.83
C TYR A 143 -29.46 36.25 11.11
N PRO A 144 -28.94 35.84 12.27
CA PRO A 144 -29.15 36.62 13.48
C PRO A 144 -28.17 37.77 13.56
N TRP A 145 -28.16 38.46 14.69
CA TRP A 145 -27.11 39.44 14.94
C TRP A 145 -26.09 38.88 15.93
N ALA A 146 -24.82 39.12 15.66
CA ALA A 146 -23.76 38.73 16.59
C ALA A 146 -22.61 39.72 16.46
N GLU A 147 -21.47 39.35 17.00
CA GLU A 147 -20.20 40.04 16.83
C GLU A 147 -19.38 39.33 15.76
N LEU A 148 -18.28 39.95 15.38
CA LEU A 148 -17.27 39.25 14.59
C LEU A 148 -16.18 38.78 15.55
N ASP A 149 -16.51 37.72 16.27
CA ASP A 149 -15.58 37.17 17.26
C ASP A 149 -14.60 36.20 16.62
N PHE A 150 -15.09 35.34 15.71
CA PHE A 150 -14.52 34.08 15.25
C PHE A 150 -14.35 33.08 16.38
N GLU A 151 -14.99 33.30 17.53
CA GLU A 151 -14.86 32.46 18.71
C GLU A 151 -16.28 32.06 19.10
N LYS A 152 -16.55 30.75 19.04
CA LYS A 152 -17.64 30.10 19.78
C LYS A 152 -19.01 30.51 19.24
N GLU A 153 -19.00 30.93 17.97
CA GLU A 153 -20.24 31.14 17.24
C GLU A 153 -20.01 30.94 15.76
N LEU A 154 -20.77 30.02 15.17
CA LEU A 154 -20.82 29.81 13.72
C LEU A 154 -22.14 30.41 13.26
N PRO A 155 -22.17 31.64 12.78
CA PRO A 155 -23.42 32.19 12.26
C PRO A 155 -23.80 31.59 10.92
N VAL A 156 -24.33 30.38 11.02
CA VAL A 156 -25.09 29.73 9.93
C VAL A 156 -26.31 30.55 9.61
N PRO A 157 -26.70 30.70 8.36
CA PRO A 157 -28.01 31.26 8.04
C PRO A 157 -29.13 30.39 8.58
N GLY A 158 -29.82 30.87 9.60
CA GLY A 158 -30.98 30.19 10.13
C GLY A 158 -32.21 30.57 9.34
N ASP A 159 -33.36 30.31 9.93
CA ASP A 159 -34.59 30.77 9.31
C ASP A 159 -34.73 32.27 9.54
N VAL A 160 -35.66 32.89 8.81
CA VAL A 160 -36.00 34.28 9.02
C VAL A 160 -36.61 34.45 10.41
N PHE A 161 -36.00 35.32 11.19
CA PHE A 161 -36.53 35.73 12.48
C PHE A 161 -36.21 37.20 12.60
N SER A 162 -37.22 38.01 12.92
CA SER A 162 -37.01 39.43 13.06
C SER A 162 -36.14 39.72 14.28
N ILE A 163 -35.14 40.58 14.11
CA ILE A 163 -34.30 40.98 15.22
C ILE A 163 -35.12 41.85 16.17
N ARG A 164 -35.01 41.58 17.45
CA ARG A 164 -35.77 42.34 18.44
C ARG A 164 -35.19 43.73 18.60
N SER A 165 -36.08 44.68 18.88
CA SER A 165 -35.70 46.09 18.89
C SER A 165 -34.84 46.49 20.07
N GLN A 166 -34.72 45.68 21.12
CA GLN A 166 -33.78 46.01 22.17
C GLN A 166 -32.41 45.40 21.93
N ASP A 167 -32.29 44.45 21.02
CA ASP A 167 -30.98 43.90 20.70
C ASP A 167 -30.12 44.92 19.97
N TYR A 168 -30.74 45.82 19.22
CA TYR A 168 -30.02 46.97 18.67
C TYR A 168 -29.54 47.92 19.75
N ARG A 169 -30.23 48.00 20.89
CA ARG A 169 -29.76 48.92 21.92
C ARG A 169 -28.55 48.34 22.64
N GLU A 170 -28.32 47.03 22.52
CA GLU A 170 -27.06 46.51 22.99
C GLU A 170 -25.98 46.77 21.95
N LEU A 171 -26.36 46.81 20.67
CA LEU A 171 -25.42 47.12 19.60
C LEU A 171 -24.92 48.55 19.69
N VAL A 172 -25.83 49.50 19.87
CA VAL A 172 -25.49 50.92 19.93
C VAL A 172 -24.63 51.23 21.15
N LYS A 173 -24.98 50.64 22.29
CA LYS A 173 -24.30 50.96 23.54
C LYS A 173 -22.85 50.49 23.53
N ARG A 174 -22.59 49.32 22.95
CA ARG A 174 -21.20 48.92 22.73
C ARG A 174 -20.56 49.78 21.65
N LEU A 175 -21.34 50.25 20.69
CA LEU A 175 -20.80 51.07 19.62
C LEU A 175 -20.50 52.47 20.12
N TRP A 176 -21.23 52.92 21.12
CA TRP A 176 -20.92 54.19 21.77
C TRP A 176 -19.56 54.15 22.44
N GLU A 177 -19.28 53.08 23.16
CA GLU A 177 -18.08 53.02 23.96
C GLU A 177 -16.86 52.75 23.09
N GLU A 178 -17.02 51.95 22.04
CA GLU A 178 -15.92 51.68 21.13
C GLU A 178 -15.57 52.89 20.30
N LEU A 179 -16.57 53.63 19.81
CA LEU A 179 -16.26 54.83 19.04
C LEU A 179 -15.72 55.95 19.89
N SER A 180 -16.06 55.98 21.18
CA SER A 180 -15.53 57.00 22.07
C SER A 180 -14.06 56.78 22.33
N LYS A 181 -13.65 55.53 22.48
CA LYS A 181 -12.25 55.22 22.73
C LYS A 181 -11.40 55.32 21.47
N ALA A 182 -11.95 54.90 20.33
CA ALA A 182 -11.14 54.73 19.14
C ALA A 182 -10.78 56.06 18.51
N LYS A 183 -9.61 56.09 17.87
CA LYS A 183 -9.05 57.27 17.28
C LYS A 183 -9.85 57.67 16.05
N LEU A 184 -9.87 58.96 15.75
CA LEU A 184 -10.68 59.43 14.62
C LEU A 184 -9.79 59.42 13.40
N ARG A 185 -9.82 58.28 12.70
CA ARG A 185 -8.96 58.00 11.57
C ARG A 185 -9.52 56.75 10.93
N SER A 186 -9.30 56.61 9.63
CA SER A 186 -9.95 55.54 8.86
C SER A 186 -9.49 54.17 9.30
N ASP A 187 -8.21 53.99 9.57
CA ASP A 187 -7.72 52.68 9.98
C ASP A 187 -8.13 52.30 11.39
N ARG A 188 -8.69 53.22 12.17
CA ARG A 188 -9.15 52.95 13.52
C ARG A 188 -10.67 52.90 13.61
N LEU A 189 -11.39 53.26 12.54
CA LEU A 189 -12.84 53.11 12.55
C LEU A 189 -13.31 51.98 11.66
N LEU A 190 -12.48 51.55 10.73
CA LEU A 190 -12.82 50.37 9.96
C LEU A 190 -12.99 49.10 10.79
N PRO A 191 -12.16 48.77 11.80
CA PRO A 191 -12.46 47.57 12.58
C PRO A 191 -13.61 47.71 13.54
N VAL A 192 -13.84 48.91 14.08
CA VAL A 192 -14.92 49.11 15.02
C VAL A 192 -16.26 48.93 14.33
N LEU A 193 -16.42 49.52 13.16
CA LEU A 193 -17.64 49.30 12.40
C LEU A 193 -17.68 47.92 11.80
N GLU A 194 -16.55 47.22 11.71
CA GLU A 194 -16.59 45.87 11.18
C GLU A 194 -17.09 44.90 12.22
N LYS A 195 -16.59 45.01 13.43
CA LYS A 195 -16.92 44.06 14.48
C LYS A 195 -18.40 44.11 14.85
N TYR A 196 -18.98 45.30 14.86
CA TYR A 196 -20.36 45.47 15.27
C TYR A 196 -21.33 45.45 14.10
N LEU A 197 -21.01 46.10 12.99
CA LEU A 197 -21.99 46.25 11.94
C LEU A 197 -21.80 45.28 10.80
N THR A 198 -21.26 44.09 11.06
CA THR A 198 -21.11 43.13 9.96
C THR A 198 -22.42 42.44 9.66
N PHE A 199 -23.10 41.92 10.67
CA PHE A 199 -24.31 41.15 10.47
C PHE A 199 -25.57 41.99 10.60
N VAL A 200 -25.47 43.25 10.28
CA VAL A 200 -26.58 44.18 10.26
C VAL A 200 -26.87 44.52 8.81
N SER A 201 -28.12 44.44 8.39
CA SER A 201 -28.38 44.67 6.98
C SER A 201 -28.42 46.15 6.68
N SER A 202 -28.02 46.49 5.46
CA SER A 202 -27.84 47.89 5.10
C SER A 202 -29.18 48.58 4.92
N VAL A 203 -29.95 48.12 3.95
CA VAL A 203 -31.32 48.55 3.76
C VAL A 203 -32.19 47.38 4.19
N THR A 204 -33.32 47.68 4.82
CA THR A 204 -34.32 46.65 5.13
C THR A 204 -35.23 46.49 3.92
N SER A 205 -35.30 45.27 3.38
CA SER A 205 -36.25 44.96 2.32
C SER A 205 -36.48 43.45 2.30
N GLU A 206 -37.08 42.95 1.22
CA GLU A 206 -37.26 41.48 1.13
C GLU A 206 -36.07 40.90 0.35
N GLY A 207 -35.30 40.01 0.96
CA GLY A 207 -34.14 39.38 0.28
C GLY A 207 -32.88 40.23 0.27
N ASN A 208 -32.78 41.31 1.03
CA ASN A 208 -31.53 42.12 1.00
C ASN A 208 -30.36 41.25 1.48
N ILE A 209 -29.25 41.24 0.75
CA ILE A 209 -28.06 40.40 1.12
C ILE A 209 -26.82 41.28 1.32
N ILE A 210 -26.95 42.59 1.41
CA ILE A 210 -25.81 43.47 1.55
C ILE A 210 -25.65 43.85 3.01
N SER A 211 -24.46 43.67 3.54
CA SER A 211 -24.20 44.09 4.90
C SER A 211 -24.09 45.61 4.97
N LEU A 212 -24.33 46.15 6.15
CA LEU A 212 -24.17 47.58 6.36
C LEU A 212 -22.74 47.99 6.41
N TYR A 213 -21.86 47.15 6.94
CA TYR A 213 -20.45 47.53 6.94
C TYR A 213 -19.89 47.57 5.53
N ASP A 214 -20.24 46.59 4.71
CA ASP A 214 -19.83 46.57 3.33
C ASP A 214 -20.39 47.74 2.53
N HIS A 215 -21.55 48.22 2.88
CA HIS A 215 -22.08 49.41 2.22
C HIS A 215 -21.42 50.67 2.76
N MET A 216 -20.79 50.62 3.92
CA MET A 216 -20.03 51.78 4.39
C MET A 216 -18.56 51.68 4.01
N ARG A 217 -18.03 50.46 4.00
CA ARG A 217 -16.67 50.22 3.54
C ARG A 217 -16.53 50.62 2.08
N MET A 218 -17.57 50.40 1.30
CA MET A 218 -17.52 50.69 -0.12
C MET A 218 -18.01 52.08 -0.47
N THR A 219 -18.74 52.75 0.41
CA THR A 219 -19.06 54.14 0.17
C THR A 219 -17.87 55.03 0.42
N SER A 220 -17.03 54.73 1.40
CA SER A 220 -15.83 55.51 1.62
C SER A 220 -14.75 55.20 0.61
N ALA A 221 -14.94 54.16 -0.20
CA ALA A 221 -13.98 53.82 -1.23
C ALA A 221 -14.25 54.60 -2.49
N ILE A 222 -15.50 54.59 -2.93
CA ILE A 222 -15.91 55.33 -4.10
C ILE A 222 -15.92 56.83 -3.83
N ALA A 223 -16.02 57.23 -2.57
CA ALA A 223 -15.98 58.65 -2.26
C ALA A 223 -14.59 59.21 -2.41
N LEU A 224 -13.58 58.51 -1.89
CA LEU A 224 -12.24 59.04 -1.97
C LEU A 224 -11.65 58.86 -3.34
N ALA A 225 -12.13 57.87 -4.10
CA ALA A 225 -11.72 57.76 -5.50
C ALA A 225 -12.42 58.78 -6.37
N MET A 226 -13.48 59.41 -5.88
CA MET A 226 -14.00 60.58 -6.55
C MET A 226 -13.23 61.83 -6.20
N LEU A 227 -12.78 61.94 -4.96
CA LEU A 227 -12.00 63.09 -4.56
C LEU A 227 -10.66 63.12 -5.24
N ARG A 228 -9.95 62.00 -5.26
CA ARG A 228 -8.63 61.96 -5.89
C ARG A 228 -8.72 62.12 -7.39
N ALA A 229 -9.87 61.74 -7.94
CA ALA A 229 -10.20 61.92 -9.37
C ALA A 229 -10.33 63.41 -9.65
N GLY A 230 -10.69 64.20 -8.64
CA GLY A 230 -10.82 65.66 -8.78
C GLY A 230 -12.23 66.11 -9.15
N CYS A 231 -13.22 65.23 -9.18
CA CYS A 231 -14.60 65.64 -9.54
C CYS A 231 -15.12 66.64 -8.49
N THR A 232 -15.79 67.70 -8.94
CA THR A 232 -16.33 68.76 -8.05
C THR A 232 -17.84 68.56 -7.81
N ALA A 233 -18.43 69.30 -6.88
CA ALA A 233 -19.87 69.15 -6.56
C ALA A 233 -20.72 69.48 -7.81
N GLU A 234 -20.44 70.56 -8.52
CA GLU A 234 -21.18 70.81 -9.75
C GLU A 234 -20.89 69.75 -10.80
N ASP A 235 -19.81 69.00 -10.65
CA ASP A 235 -19.57 67.83 -11.48
C ASP A 235 -20.42 66.64 -11.04
N VAL A 236 -20.99 66.69 -9.85
CA VAL A 236 -21.97 65.69 -9.41
C VAL A 236 -23.39 66.20 -9.61
N ARG A 237 -23.58 67.48 -9.34
CA ARG A 237 -24.86 68.17 -9.48
C ARG A 237 -25.41 68.08 -10.89
N SER A 238 -24.53 67.96 -11.88
CA SER A 238 -24.91 67.89 -13.27
C SER A 238 -24.93 66.48 -13.83
N GLY A 239 -24.62 65.47 -13.02
CA GLY A 239 -24.56 64.12 -13.53
C GLY A 239 -23.35 63.87 -14.40
N ARG A 240 -22.19 64.38 -14.00
CA ARG A 240 -21.01 64.44 -14.85
C ARG A 240 -19.86 63.60 -14.34
N CYS A 241 -19.77 63.34 -13.02
CA CYS A 241 -18.77 62.43 -12.49
C CYS A 241 -19.15 60.97 -12.76
N ARG A 242 -20.43 60.71 -12.98
CA ARG A 242 -20.93 59.50 -13.63
C ARG A 242 -20.84 59.72 -15.14
N LYS A 243 -20.81 58.60 -15.89
CA LYS A 243 -20.75 58.44 -17.35
C LYS A 243 -19.36 58.72 -17.91
N GLU A 244 -18.44 59.18 -17.07
CA GLU A 244 -17.06 59.42 -17.45
C GLU A 244 -16.18 58.35 -16.78
N LYS A 245 -15.16 57.88 -17.51
CA LYS A 245 -14.27 56.86 -16.99
C LYS A 245 -13.36 57.44 -15.92
N ARG A 246 -13.85 57.54 -14.69
CA ARG A 246 -13.08 58.16 -13.62
C ARG A 246 -12.56 57.19 -12.60
N PHE A 247 -12.91 55.92 -12.69
CA PHE A 247 -12.50 54.94 -11.72
C PHE A 247 -11.63 53.90 -12.39
N LEU A 248 -10.98 53.08 -11.58
CA LEU A 248 -9.88 52.27 -12.05
C LEU A 248 -9.86 51.03 -11.17
N LEU A 249 -10.36 49.92 -11.70
CA LEU A 249 -10.37 48.67 -10.97
C LEU A 249 -9.00 48.05 -11.09
N ILE A 250 -8.16 48.29 -10.13
CA ILE A 250 -6.87 47.61 -10.07
C ILE A 250 -7.16 46.19 -9.66
N GLU A 251 -6.50 45.23 -10.28
CA GLU A 251 -6.68 43.84 -9.90
C GLU A 251 -5.34 43.16 -10.06
N GLY A 252 -4.93 42.40 -9.09
CA GLY A 252 -3.64 41.79 -9.11
C GLY A 252 -3.79 40.33 -8.76
N ASP A 253 -2.80 39.55 -9.15
CA ASP A 253 -2.94 38.12 -8.98
C ASP A 253 -1.56 37.49 -8.97
N PHE A 254 -1.43 36.36 -8.30
CA PHE A 254 -0.19 35.63 -8.33
C PHE A 254 -0.29 34.42 -9.23
N SER A 255 0.85 34.00 -9.72
CA SER A 255 0.96 32.80 -10.51
C SER A 255 2.07 31.93 -9.95
N GLY A 256 1.78 30.64 -9.78
CA GLY A 256 2.78 29.75 -9.26
C GLY A 256 2.89 29.79 -7.75
N ILE A 257 1.78 30.04 -7.07
CA ILE A 257 1.72 29.93 -5.62
C ILE A 257 2.04 28.51 -5.18
N GLN A 258 1.60 27.51 -5.94
CA GLN A 258 1.78 26.12 -5.56
C GLN A 258 3.22 25.69 -5.69
N ASP A 259 3.88 26.09 -6.76
CA ASP A 259 5.25 25.72 -6.99
C ASP A 259 6.21 26.53 -6.14
N PHE A 260 5.71 27.56 -5.48
CA PHE A 260 6.51 28.40 -4.61
C PHE A 260 6.49 27.86 -3.19
N ILE A 261 5.31 27.60 -2.66
CA ILE A 261 5.21 27.13 -1.29
C ILE A 261 5.66 25.69 -1.16
N TYR A 262 5.30 24.82 -2.08
CA TYR A 262 5.48 23.40 -1.81
C TYR A 262 6.69 22.78 -2.47
N ARG A 263 7.38 23.45 -3.38
CA ARG A 263 8.55 22.84 -3.99
C ARG A 263 9.69 22.99 -2.99
N VAL A 264 9.72 22.11 -1.99
CA VAL A 264 10.85 22.02 -1.09
C VAL A 264 11.30 20.57 -1.09
N SER A 265 12.57 20.37 -0.76
CA SER A 265 13.11 19.03 -0.69
C SER A 265 12.76 18.38 0.64
N GLY A 266 13.39 17.25 0.92
CA GLY A 266 13.13 16.54 2.19
C GLY A 266 13.88 17.17 3.35
N LYS A 267 14.64 18.23 3.10
CA LYS A 267 15.43 18.91 4.16
C LYS A 267 14.59 19.98 4.85
N GLY A 268 13.49 20.42 4.25
CA GLY A 268 12.66 21.47 4.86
C GLY A 268 11.60 20.91 5.79
N THR A 269 11.59 21.30 7.05
CA THR A 269 10.60 20.82 7.98
C THR A 269 9.26 21.53 7.78
N LEU A 270 8.28 21.19 8.62
CA LEU A 270 6.95 21.77 8.50
C LEU A 270 6.94 23.23 8.92
N LYS A 271 7.75 23.59 9.93
CA LYS A 271 7.87 24.99 10.34
C LYS A 271 8.42 25.85 9.21
N TYR A 272 9.14 25.24 8.28
CA TYR A 272 9.57 25.95 7.10
C TYR A 272 8.42 26.14 6.11
N LEU A 273 7.69 25.06 5.84
CA LEU A 273 6.53 25.14 4.91
C LEU A 273 5.51 26.11 5.50
N ARG A 274 5.32 26.09 6.81
CA ARG A 274 4.35 26.97 7.42
C ARG A 274 4.84 28.41 7.36
N ALA A 275 6.15 28.59 7.21
CA ALA A 275 6.69 29.92 7.01
C ALA A 275 6.81 30.31 5.55
N ARG A 276 6.69 29.37 4.62
CA ARG A 276 6.58 29.76 3.21
C ARG A 276 5.20 30.33 2.93
N SER A 277 4.17 29.78 3.54
CA SER A 277 2.81 30.26 3.38
C SER A 277 2.61 31.62 4.03
N ALA A 278 3.30 31.88 5.12
CA ALA A 278 3.14 33.14 5.83
C ALA A 278 4.06 34.20 5.27
N TYR A 279 4.86 33.85 4.29
CA TYR A 279 5.70 34.83 3.62
C TYR A 279 5.18 35.17 2.23
N LEU A 280 4.36 34.32 1.63
CA LEU A 280 3.65 34.75 0.44
C LEU A 280 2.54 35.74 0.79
N GLU A 281 2.06 35.71 2.03
CA GLU A 281 1.12 36.73 2.49
C GLU A 281 1.75 38.09 2.52
N LEU A 282 2.92 38.20 3.11
CA LEU A 282 3.55 39.50 3.28
C LEU A 282 4.03 40.07 1.98
N ILE A 283 4.34 39.22 1.00
CA ILE A 283 4.57 39.71 -0.36
C ILE A 283 3.28 40.27 -0.93
N GLY A 284 2.14 39.65 -0.59
CA GLY A 284 0.88 40.14 -1.11
C GLY A 284 0.40 41.40 -0.43
N TRP A 285 0.65 41.54 0.87
CA TRP A 285 0.31 42.77 1.57
C TRP A 285 1.36 43.84 1.44
N ASP A 286 2.52 43.58 0.89
CA ASP A 286 3.44 44.67 0.63
C ASP A 286 3.05 45.39 -0.66
N VAL A 287 2.59 44.64 -1.65
CA VAL A 287 2.20 45.24 -2.92
C VAL A 287 0.95 46.06 -2.75
N VAL A 288 -0.06 45.54 -2.07
CA VAL A 288 -1.33 46.25 -1.89
C VAL A 288 -1.13 47.51 -1.05
N LEU A 289 -0.33 47.41 -0.01
CA LEU A 289 -0.08 48.59 0.79
C LEU A 289 0.96 49.53 0.21
N GLU A 290 1.41 49.33 -1.03
CA GLU A 290 2.13 50.37 -1.73
C GLU A 290 1.25 51.01 -2.78
N ILE A 291 0.19 50.32 -3.21
CA ILE A 291 -0.79 50.93 -4.10
C ILE A 291 -1.65 51.89 -3.31
N LEU A 292 -1.97 51.55 -2.07
CA LEU A 292 -2.83 52.40 -1.27
C LEU A 292 -2.10 53.63 -0.79
N SER A 293 -0.78 53.56 -0.63
CA SER A 293 -0.11 54.69 -0.03
C SER A 293 0.33 55.69 -1.06
N ARG A 294 0.71 55.23 -2.25
CA ARG A 294 1.15 56.16 -3.27
C ARG A 294 0.01 56.66 -4.11
N LEU A 295 -1.20 56.23 -3.81
CA LEU A 295 -2.38 56.76 -4.46
C LEU A 295 -3.29 57.50 -3.51
N GLY A 296 -2.93 57.60 -2.24
CA GLY A 296 -3.70 58.38 -1.30
C GLY A 296 -4.92 57.69 -0.74
N LEU A 297 -5.11 56.42 -1.03
CA LEU A 297 -6.35 55.75 -0.71
C LEU A 297 -6.25 55.11 0.66
N THR A 298 -7.32 54.47 1.11
CA THR A 298 -7.39 53.85 2.41
C THR A 298 -7.79 52.39 2.23
N ARG A 299 -7.77 51.64 3.33
CA ARG A 299 -7.98 50.20 3.22
C ARG A 299 -9.45 49.87 3.02
N ALA A 300 -10.32 50.87 2.94
CA ALA A 300 -11.67 50.64 2.49
C ALA A 300 -11.75 50.39 1.00
N ASN A 301 -10.69 50.73 0.27
CA ASN A 301 -10.66 50.54 -1.17
C ASN A 301 -10.33 49.12 -1.55
N VAL A 302 -9.63 48.38 -0.70
CA VAL A 302 -9.26 47.00 -0.97
C VAL A 302 -10.53 46.18 -0.85
N VAL A 303 -11.13 45.84 -1.99
CA VAL A 303 -12.39 45.13 -1.99
C VAL A 303 -12.22 43.73 -1.43
N PHE A 304 -11.21 43.01 -1.89
CA PHE A 304 -10.82 41.76 -1.27
C PHE A 304 -9.33 41.60 -1.47
N ASN A 305 -8.74 40.74 -0.67
CA ASN A 305 -7.32 40.43 -0.79
C ASN A 305 -7.20 39.01 -0.27
N ALA A 306 -7.30 38.03 -1.15
CA ALA A 306 -7.66 36.70 -0.68
C ALA A 306 -6.85 35.63 -1.39
N GLY A 307 -5.72 35.25 -0.81
CA GLY A 307 -4.91 34.22 -1.41
C GLY A 307 -4.19 34.63 -2.66
N GLY A 308 -3.58 35.79 -2.68
CA GLY A 308 -2.86 36.27 -3.81
C GLY A 308 -3.68 37.12 -4.75
N HIS A 309 -4.99 36.94 -4.76
CA HIS A 309 -5.84 37.62 -5.71
C HIS A 309 -6.60 38.72 -5.00
N PHE A 310 -6.21 39.97 -5.26
CA PHE A 310 -6.79 41.16 -4.59
C PHE A 310 -7.31 42.18 -5.61
N MET A 311 -8.41 42.86 -5.31
CA MET A 311 -8.99 43.89 -6.19
C MET A 311 -9.05 45.23 -5.43
N ILE A 312 -8.63 46.33 -6.04
CA ILE A 312 -8.63 47.67 -5.37
C ILE A 312 -9.39 48.67 -6.24
N ILE A 313 -10.21 49.55 -5.65
CA ILE A 313 -10.93 50.59 -6.45
C ILE A 313 -10.13 51.89 -6.31
N ALA A 314 -9.75 52.53 -7.41
CA ALA A 314 -8.93 53.72 -7.34
C ALA A 314 -9.52 54.74 -8.29
N GLN A 315 -8.76 55.79 -8.57
CA GLN A 315 -9.19 56.81 -9.49
C GLN A 315 -8.50 56.63 -10.84
N ASN A 316 -9.06 57.25 -11.85
CA ASN A 316 -8.47 57.25 -13.19
C ASN A 316 -7.90 58.63 -13.46
N THR A 317 -6.68 58.86 -13.00
CA THR A 317 -5.92 60.03 -13.36
C THR A 317 -4.67 59.57 -14.08
N PRO A 318 -4.10 60.41 -14.95
CA PRO A 318 -2.80 60.10 -15.54
C PRO A 318 -1.62 60.19 -14.58
N ASP A 319 -1.86 60.50 -13.31
CA ASP A 319 -0.87 60.38 -12.26
C ASP A 319 -0.97 59.05 -11.51
N ALA A 320 -2.16 58.46 -11.42
CA ALA A 320 -2.32 57.17 -10.77
C ALA A 320 -1.77 56.06 -11.63
N VAL A 321 -2.03 56.11 -12.94
CA VAL A 321 -1.56 55.08 -13.85
C VAL A 321 -0.05 55.18 -14.02
N LYS A 322 0.51 56.37 -13.82
CA LYS A 322 1.96 56.53 -13.86
C LYS A 322 2.62 55.90 -12.65
N GLU A 323 1.90 55.81 -11.52
CA GLU A 323 2.49 55.23 -10.33
C GLU A 323 2.30 53.73 -10.27
N LEU A 324 1.20 53.23 -10.82
CA LEU A 324 0.99 51.80 -10.88
C LEU A 324 2.02 51.12 -11.76
N GLU A 325 2.47 51.80 -12.80
CA GLU A 325 3.42 51.17 -13.72
C GLU A 325 4.83 51.19 -13.17
N GLU A 326 5.07 51.90 -12.09
CA GLU A 326 6.32 51.70 -11.37
C GLU A 326 6.20 50.58 -10.35
N ILE A 327 5.02 50.44 -9.76
CA ILE A 327 4.79 49.39 -8.78
C ILE A 327 4.82 48.03 -9.46
N ARG A 328 4.15 47.90 -10.61
CA ARG A 328 4.20 46.68 -11.39
C ARG A 328 5.59 46.43 -11.96
N ALA A 329 6.39 47.48 -12.14
CA ALA A 329 7.77 47.29 -12.56
C ALA A 329 8.63 46.79 -11.43
N LYS A 330 8.59 47.48 -10.29
CA LYS A 330 9.51 47.15 -9.20
C LYS A 330 9.11 45.88 -8.47
N ALA A 331 7.85 45.47 -8.58
CA ALA A 331 7.46 44.23 -7.92
C ALA A 331 7.87 43.03 -8.73
N VAL A 332 7.84 43.13 -10.05
CA VAL A 332 8.21 42.00 -10.87
C VAL A 332 9.73 41.85 -10.95
N GLU A 333 10.46 42.95 -10.97
CA GLU A 333 11.91 42.85 -10.91
C GLU A 333 12.37 42.35 -9.55
N TRP A 334 11.62 42.65 -8.49
CA TRP A 334 11.91 42.04 -7.21
C TRP A 334 11.66 40.55 -7.26
N LEU A 335 10.54 40.14 -7.83
CA LEU A 335 10.16 38.73 -7.84
C LEU A 335 10.97 37.90 -8.80
N TYR A 336 12.03 38.43 -9.37
CA TYR A 336 12.88 37.75 -10.31
C TYR A 336 14.30 37.61 -9.83
N ARG A 337 14.86 38.64 -9.19
CA ARG A 337 16.12 38.47 -8.47
C ARG A 337 15.98 37.50 -7.32
N GLU A 338 14.83 37.48 -6.67
CA GLU A 338 14.63 36.65 -5.50
C GLU A 338 14.28 35.23 -5.88
N PHE A 339 13.36 35.06 -6.81
CA PHE A 339 12.86 33.75 -7.16
C PHE A 339 12.90 33.68 -8.68
N GLU A 340 13.74 32.80 -9.22
CA GLU A 340 14.02 32.79 -10.65
C GLU A 340 12.81 32.27 -11.42
N SER A 341 11.82 33.14 -11.56
CA SER A 341 10.58 32.89 -12.30
C SER A 341 9.76 31.74 -11.73
N ASP A 342 9.70 31.61 -10.42
CA ASP A 342 8.77 30.69 -9.81
C ASP A 342 7.44 31.33 -9.46
N LEU A 343 7.43 32.65 -9.27
CA LEU A 343 6.29 33.39 -8.77
C LEU A 343 6.19 34.68 -9.55
N TYR A 344 5.02 34.98 -10.10
CA TYR A 344 4.86 36.18 -10.88
C TYR A 344 3.63 36.92 -10.39
N LEU A 345 3.64 38.24 -10.52
CA LEU A 345 2.55 39.09 -10.09
C LEU A 345 1.98 39.77 -11.31
N ALA A 346 0.77 39.41 -11.69
CA ALA A 346 0.13 40.07 -12.80
C ALA A 346 -0.81 41.14 -12.29
N ILE A 347 -0.57 42.40 -12.63
CA ILE A 347 -1.44 43.49 -12.23
C ILE A 347 -1.96 44.16 -13.48
N GLU A 348 -3.26 44.33 -13.57
CA GLU A 348 -3.87 45.05 -14.68
C GLU A 348 -4.89 46.02 -14.10
N TRP A 349 -5.39 46.91 -14.92
CA TRP A 349 -6.46 47.80 -14.45
C TRP A 349 -7.34 48.20 -15.62
N GLU A 350 -8.62 48.30 -15.34
CA GLU A 350 -9.65 48.63 -16.31
C GLU A 350 -10.25 49.97 -15.95
N PRO A 351 -10.18 50.98 -16.79
CA PRO A 351 -10.86 52.24 -16.49
C PRO A 351 -12.37 52.06 -16.62
N VAL A 352 -13.05 52.02 -15.50
CA VAL A 352 -14.48 51.88 -15.49
C VAL A 352 -15.09 53.26 -15.27
N SER A 353 -16.35 53.39 -15.65
CA SER A 353 -17.03 54.66 -15.50
C SER A 353 -17.74 54.68 -14.17
N GLY A 354 -18.63 55.64 -13.96
CA GLY A 354 -19.45 55.61 -12.79
C GLY A 354 -20.68 54.75 -12.96
N ARG A 355 -21.22 54.70 -14.18
CA ARG A 355 -22.43 53.92 -14.43
C ARG A 355 -22.18 52.43 -14.50
N GLU A 356 -20.93 52.00 -14.55
CA GLU A 356 -20.58 50.59 -14.57
C GLU A 356 -20.43 50.00 -13.19
N PHE A 357 -20.70 50.78 -12.14
CA PHE A 357 -20.74 50.26 -10.78
C PHE A 357 -22.10 49.73 -10.40
N GLY A 358 -22.91 49.24 -11.33
CA GLY A 358 -24.19 48.67 -10.96
C GLY A 358 -25.01 48.34 -12.18
N ARG A 359 -26.09 47.63 -11.94
CA ARG A 359 -26.92 47.10 -13.02
C ARG A 359 -27.63 48.23 -13.73
N GLU A 360 -27.76 48.11 -15.04
CA GLU A 360 -28.38 49.14 -15.85
C GLU A 360 -29.06 48.51 -17.04
N GLY A 361 -30.33 48.83 -17.22
CA GLY A 361 -31.12 48.10 -18.18
C GLY A 361 -31.37 46.72 -17.61
N GLY A 362 -31.00 45.70 -18.38
CA GLY A 362 -31.16 44.35 -17.89
C GLY A 362 -29.83 43.66 -17.79
N LYS A 363 -28.84 44.19 -18.50
CA LYS A 363 -27.52 43.61 -18.46
C LYS A 363 -26.75 44.13 -17.25
N ASN A 364 -26.04 43.22 -16.60
CA ASN A 364 -25.14 43.53 -15.48
C ASN A 364 -23.91 44.20 -16.05
N LEU A 365 -23.74 45.48 -15.76
CA LEU A 365 -22.57 46.18 -16.28
C LEU A 365 -21.36 45.99 -15.39
N PHE A 366 -21.54 45.61 -14.13
CA PHE A 366 -20.38 45.46 -13.26
C PHE A 366 -19.62 44.18 -13.55
N ALA A 367 -20.33 43.05 -13.61
CA ALA A 367 -19.70 41.81 -14.00
C ALA A 367 -19.22 41.83 -15.42
N GLU A 368 -19.81 42.63 -16.28
CA GLU A 368 -19.33 42.75 -17.65
C GLU A 368 -18.03 43.53 -17.68
N ALA A 369 -17.85 44.44 -16.74
CA ALA A 369 -16.63 45.25 -16.70
C ALA A 369 -15.54 44.61 -15.89
N ARG A 370 -15.86 43.54 -15.19
CA ARG A 370 -14.91 42.76 -14.42
C ARG A 370 -14.46 41.51 -15.15
N LYS A 371 -15.23 41.05 -16.13
CA LYS A 371 -14.70 40.07 -17.06
C LYS A 371 -13.86 40.70 -18.16
N ARG A 372 -13.95 42.01 -18.36
CA ARG A 372 -13.01 42.67 -19.25
C ARG A 372 -11.67 42.83 -18.59
N LEU A 373 -11.62 42.69 -17.27
CA LEU A 373 -10.38 42.81 -16.54
C LEU A 373 -9.78 41.45 -16.26
N LYS A 374 -10.61 40.42 -16.21
CA LYS A 374 -10.11 39.07 -16.03
C LYS A 374 -9.41 38.59 -17.28
N HIS A 375 -9.69 39.21 -18.42
CA HIS A 375 -9.03 38.86 -19.65
C HIS A 375 -7.70 39.57 -19.80
N LYS A 376 -7.58 40.78 -19.26
CA LYS A 376 -6.27 41.46 -19.31
C LYS A 376 -5.29 40.60 -18.51
N LEU A 377 -5.73 40.12 -17.35
CA LEU A 377 -4.91 39.25 -16.46
C LEU A 377 -4.64 37.91 -17.14
N THR A 378 -5.64 37.31 -17.79
CA THR A 378 -5.44 36.03 -18.44
C THR A 378 -4.39 36.13 -19.52
N VAL A 379 -4.36 37.25 -20.24
CA VAL A 379 -3.41 37.44 -21.31
C VAL A 379 -2.04 37.83 -20.78
N ARG A 380 -1.93 38.13 -19.49
CA ARG A 380 -0.70 38.53 -18.86
C ARG A 380 0.01 37.40 -18.16
N LYS A 381 -0.73 36.44 -17.61
CA LYS A 381 -0.10 35.27 -17.03
C LYS A 381 0.48 34.37 -18.09
N LEU A 382 0.05 34.50 -19.34
CA LEU A 382 0.79 33.91 -20.44
C LEU A 382 2.15 34.57 -20.58
N LYS A 383 2.18 35.87 -20.84
CA LYS A 383 3.44 36.58 -20.99
C LYS A 383 4.11 36.83 -19.65
N ARG A 384 4.90 35.88 -19.15
CA ARG A 384 5.20 35.82 -17.72
C ARG A 384 6.24 36.79 -17.20
N PHE A 385 7.27 37.19 -17.91
CA PHE A 385 8.12 38.23 -17.33
C PHE A 385 8.50 39.23 -18.38
N GLY A 386 7.52 39.68 -19.14
CA GLY A 386 7.77 40.56 -20.25
C GLY A 386 8.12 42.00 -19.91
N GLU A 387 8.63 42.28 -18.72
CA GLU A 387 9.13 43.60 -18.39
C GLU A 387 10.48 43.57 -17.68
N ILE A 388 11.39 42.73 -18.14
CA ILE A 388 12.71 42.60 -17.54
C ILE A 388 13.80 43.12 -18.45
N LYS A 389 13.64 42.91 -19.77
CA LYS A 389 14.54 43.34 -20.85
C LYS A 389 15.90 42.68 -20.77
N GLY A 390 16.02 41.63 -19.96
CA GLY A 390 17.15 40.74 -20.00
C GLY A 390 16.67 39.36 -19.65
N LEU A 391 15.40 39.10 -19.95
CA LEU A 391 14.80 37.83 -19.58
C LEU A 391 15.39 36.72 -20.42
N PHE A 392 15.59 37.00 -21.71
CA PHE A 392 16.14 36.02 -22.63
C PHE A 392 17.58 36.31 -23.02
N GLU A 393 18.20 37.28 -22.36
CA GLU A 393 19.62 37.54 -22.52
C GLU A 393 20.40 36.56 -21.66
N HIS A 394 21.12 35.65 -22.30
CA HIS A 394 21.88 34.62 -21.61
C HIS A 394 23.25 35.16 -21.22
N GLY A 395 23.24 36.13 -20.31
CA GLY A 395 24.47 36.62 -19.72
C GLY A 395 25.06 35.61 -18.78
N HIS A 396 26.34 35.27 -18.97
CA HIS A 396 26.88 34.11 -18.30
C HIS A 396 27.56 34.44 -16.97
N THR A 397 26.76 34.45 -15.91
CA THR A 397 27.19 34.55 -14.53
C THR A 397 27.93 33.27 -14.14
N GLU A 398 29.02 33.43 -13.39
CA GLU A 398 29.88 32.31 -13.01
C GLU A 398 29.71 31.91 -11.56
N ARG A 399 30.16 30.67 -11.28
CA ARG A 399 30.24 30.06 -9.96
C ARG A 399 28.87 29.98 -9.29
N LEU A 400 27.97 29.23 -9.91
CA LEU A 400 26.60 29.12 -9.46
C LEU A 400 26.42 27.85 -8.65
N ALA A 401 26.37 27.99 -7.34
CA ALA A 401 26.00 26.89 -6.46
C ALA A 401 24.49 26.78 -6.43
N GLU A 402 23.96 25.92 -5.56
CA GLU A 402 22.54 25.62 -5.69
C GLU A 402 21.98 25.16 -4.35
N CYS A 403 20.92 25.83 -3.91
CA CYS A 403 20.36 25.56 -2.59
C CYS A 403 19.78 24.17 -2.53
N PRO A 404 19.89 23.48 -1.41
CA PRO A 404 19.30 22.15 -1.32
C PRO A 404 17.80 22.16 -1.07
N VAL A 405 17.33 23.12 -0.29
CA VAL A 405 16.00 23.02 0.30
C VAL A 405 14.94 23.44 -0.71
N CYS A 406 14.95 24.69 -1.12
CA CYS A 406 14.40 25.11 -2.38
C CYS A 406 15.50 24.94 -3.41
N GLY A 407 15.15 24.96 -4.68
CA GLY A 407 16.24 24.93 -5.63
C GLY A 407 16.50 26.26 -6.27
N ARG A 408 17.50 26.99 -5.79
CA ARG A 408 17.86 28.26 -6.39
C ARG A 408 19.32 28.26 -6.75
N GLU A 409 19.61 28.65 -7.98
CA GLU A 409 20.97 29.05 -8.32
C GLU A 409 21.38 30.26 -7.48
N LEU A 410 22.57 30.19 -6.90
CA LEU A 410 23.09 31.31 -6.15
C LEU A 410 24.47 31.67 -6.64
N PRO A 411 24.73 32.93 -6.91
CA PRO A 411 26.00 33.30 -7.53
C PRO A 411 27.14 33.34 -6.53
N GLU A 412 28.30 32.89 -7.00
CA GLU A 412 29.61 33.06 -6.36
C GLU A 412 29.67 32.53 -4.93
N GLY A 413 29.03 31.40 -4.70
CA GLY A 413 28.92 30.88 -3.32
C GLY A 413 27.98 31.78 -2.54
N LYS A 414 28.43 32.39 -1.45
CA LYS A 414 27.61 33.30 -0.60
C LYS A 414 26.37 32.58 -0.06
N LEU A 415 26.50 31.34 0.37
CA LEU A 415 25.36 30.60 0.96
C LEU A 415 25.63 30.45 2.47
N GLU A 416 24.71 30.92 3.31
CA GLU A 416 24.90 30.85 4.78
C GLU A 416 24.85 29.39 5.26
N PRO A 417 25.64 29.05 6.29
CA PRO A 417 25.61 27.69 6.84
C PRO A 417 24.24 27.49 7.51
N SER A 418 23.60 26.36 7.27
CA SER A 418 22.24 26.10 7.84
C SER A 418 22.30 26.03 9.38
N ALA A 419 21.33 26.63 10.04
CA ALA A 419 21.23 26.59 11.49
C ALA A 419 20.97 25.20 12.01
N SER A 420 20.49 24.29 11.17
CA SER A 420 20.27 22.91 11.60
C SER A 420 21.56 22.10 11.56
N ASP A 421 22.12 21.94 10.36
CA ASP A 421 23.37 21.21 10.15
C ASP A 421 24.33 22.14 9.44
N PRO A 422 25.33 22.69 10.13
CA PRO A 422 26.29 23.59 9.50
C PRO A 422 27.23 22.95 8.50
N GLU A 423 27.08 21.66 8.22
CA GLU A 423 27.80 21.02 7.13
C GLU A 423 27.07 21.15 5.80
N THR A 424 25.88 21.77 5.79
CA THR A 424 25.15 22.04 4.57
C THR A 424 24.92 23.54 4.42
N LYS A 425 24.97 24.00 3.19
CA LYS A 425 24.95 25.41 2.86
C LYS A 425 23.62 25.71 2.18
N VAL A 426 22.79 26.52 2.81
CA VAL A 426 21.51 26.90 2.23
C VAL A 426 21.62 28.32 1.71
N CYS A 427 20.61 28.75 0.97
CA CYS A 427 20.53 30.13 0.54
C CYS A 427 20.15 31.00 1.73
N PRO A 428 20.40 32.31 1.65
CA PRO A 428 20.05 33.17 2.79
C PRO A 428 18.57 33.23 3.10
N THR A 429 17.71 33.14 2.10
CA THR A 429 16.30 33.30 2.40
C THR A 429 15.64 32.04 2.90
N CYS A 430 16.39 31.03 3.33
CA CYS A 430 15.83 29.94 4.10
C CYS A 430 16.32 29.94 5.53
N ASN A 431 17.39 30.65 5.83
CA ASN A 431 17.74 30.88 7.22
C ASN A 431 16.84 31.92 7.85
N ARG A 432 16.19 32.74 7.02
CA ARG A 432 15.16 33.63 7.53
C ARG A 432 13.89 32.86 7.86
N LEU A 433 13.47 31.98 6.98
CA LEU A 433 12.23 31.26 7.12
C LEU A 433 12.33 30.07 8.05
N VAL A 434 13.52 29.78 8.57
CA VAL A 434 13.62 28.91 9.72
C VAL A 434 13.43 29.70 10.99
N SER A 435 14.11 30.83 11.08
CA SER A 435 13.97 31.73 12.21
C SER A 435 12.56 32.27 12.32
N LEU A 436 11.97 32.71 11.20
CA LEU A 436 10.56 33.08 11.18
C LEU A 436 9.67 31.90 11.50
N GLY A 437 10.00 30.73 10.96
CA GLY A 437 9.19 29.55 11.22
C GLY A 437 9.33 29.05 12.64
N GLY A 438 10.39 29.44 13.33
CA GLY A 438 10.49 29.21 14.76
C GLY A 438 9.73 30.21 15.60
N ASN A 439 9.55 31.43 15.13
CA ASN A 439 8.85 32.43 15.90
C ASN A 439 7.33 32.37 15.76
N LEU A 440 6.80 31.44 14.97
CA LEU A 440 5.36 31.41 14.75
C LEU A 440 4.47 31.15 15.97
N PRO A 441 4.90 30.47 17.04
CA PRO A 441 4.10 30.54 18.28
C PRO A 441 3.94 31.93 18.83
N LYS A 442 5.02 32.68 18.90
CA LYS A 442 5.02 33.94 19.61
C LYS A 442 4.49 35.09 18.79
N LEU A 443 4.51 34.97 17.47
CA LEU A 443 4.38 36.10 16.57
C LEU A 443 2.95 36.64 16.52
N LEU A 444 2.80 37.89 16.96
CA LEU A 444 1.52 38.58 17.00
C LEU A 444 1.29 39.48 15.79
N GLY A 445 2.01 39.27 14.72
CA GLY A 445 1.94 40.15 13.58
C GLY A 445 3.30 40.49 13.04
N PHE A 446 3.34 41.57 12.27
CA PHE A 446 4.56 42.06 11.67
C PHE A 446 4.46 43.56 11.57
N GLY A 447 5.57 44.25 11.85
CA GLY A 447 5.69 45.66 11.58
C GLY A 447 6.37 45.81 10.24
N ARG A 448 5.82 46.67 9.41
CA ARG A 448 6.26 46.81 8.03
C ARG A 448 6.94 48.14 7.87
N THR A 449 8.22 48.13 7.50
CA THR A 449 9.02 49.34 7.58
C THR A 449 10.11 49.32 6.51
N ALA A 450 11.06 50.24 6.64
CA ALA A 450 12.14 50.40 5.67
C ALA A 450 13.07 49.19 5.70
N LYS A 451 13.56 48.83 4.51
CA LYS A 451 14.24 47.56 4.30
C LYS A 451 15.57 47.46 5.05
N ASN A 452 16.22 48.59 5.32
CA ASN A 452 17.50 48.62 6.01
C ASN A 452 17.23 49.11 7.43
N ASP A 453 16.82 48.20 8.30
CA ASP A 453 16.43 48.57 9.65
C ASP A 453 16.54 47.34 10.54
N ALA A 454 16.58 47.60 11.85
CA ALA A 454 16.96 46.61 12.84
C ALA A 454 15.80 45.67 13.11
N GLY A 455 16.03 44.39 12.89
CA GLY A 455 15.06 43.37 13.23
C GLY A 455 14.33 42.79 12.05
N VAL A 456 14.50 43.37 10.86
CA VAL A 456 13.85 42.91 9.63
C VAL A 456 14.29 41.50 9.28
N LEU A 457 13.39 40.54 9.36
CA LEU A 457 13.74 39.21 8.87
C LEU A 457 13.61 39.11 7.36
N VAL A 458 12.39 39.20 6.88
CA VAL A 458 12.12 38.94 5.50
C VAL A 458 11.98 40.27 4.79
N GLU A 459 12.09 40.24 3.48
CA GLU A 459 11.89 41.44 2.68
C GLU A 459 10.79 41.17 1.67
N GLY A 460 9.93 42.15 1.49
CA GLY A 460 8.96 42.13 0.42
C GLY A 460 9.54 42.92 -0.71
N PRO A 461 8.75 43.18 -1.75
CA PRO A 461 9.31 43.93 -2.87
C PRO A 461 9.54 45.37 -2.54
N PHE A 462 8.80 45.90 -1.59
CA PHE A 462 8.84 47.31 -1.28
C PHE A 462 9.31 47.60 0.11
N SER A 463 8.96 46.79 1.09
CA SER A 463 9.23 47.15 2.45
C SER A 463 10.05 46.05 3.10
N GLY A 464 10.39 46.23 4.36
CA GLY A 464 11.07 45.20 5.13
C GLY A 464 10.28 44.99 6.41
N PHE A 465 10.12 43.72 6.78
CA PHE A 465 9.13 43.33 7.76
C PHE A 465 9.81 42.88 9.04
N VAL A 466 9.56 43.57 10.14
CA VAL A 466 10.07 43.10 11.43
C VAL A 466 9.03 42.17 12.03
N PRO A 467 9.42 41.23 12.83
CA PRO A 467 8.44 40.48 13.59
C PRO A 467 8.09 41.18 14.89
N TYR A 468 6.84 41.54 15.02
CA TYR A 468 6.27 42.05 16.27
C TYR A 468 5.92 40.85 17.14
N LEU A 469 6.82 40.50 18.06
CA LEU A 469 6.61 39.35 18.91
C LEU A 469 5.72 39.75 20.08
N GLN A 470 5.59 38.88 21.08
CA GLN A 470 4.61 39.14 22.12
C GLN A 470 5.14 40.11 23.17
N GLY A 471 6.19 39.72 23.87
CA GLY A 471 6.76 40.69 24.78
C GLY A 471 7.78 41.54 24.04
N GLY A 472 7.33 42.67 23.52
CA GLY A 472 8.18 43.51 22.69
C GLY A 472 7.42 44.67 22.09
N ARG A 473 8.06 45.83 22.05
CA ARG A 473 7.43 47.02 21.51
C ARG A 473 7.34 46.91 19.99
N PRO A 474 6.21 47.27 19.39
CA PRO A 474 6.13 47.29 17.92
C PRO A 474 6.83 48.48 17.30
N VAL A 475 7.56 48.20 16.24
CA VAL A 475 8.20 49.24 15.44
C VAL A 475 7.64 49.12 14.03
N GLY A 476 7.55 50.26 13.34
CA GLY A 476 7.05 50.30 11.99
C GLY A 476 6.06 51.43 11.81
N GLU A 477 5.91 51.82 10.55
CA GLU A 477 4.88 52.80 10.20
C GLU A 477 3.51 52.15 10.19
N GLN A 478 3.42 50.95 9.61
CA GLN A 478 2.18 50.21 9.52
C GLN A 478 2.40 48.86 10.19
N ILE A 479 1.44 48.44 10.99
CA ILE A 479 1.61 47.23 11.78
C ILE A 479 0.47 46.31 11.40
N LEU A 480 0.81 45.20 10.77
CA LEU A 480 -0.14 44.16 10.42
C LEU A 480 -0.32 43.28 11.64
N VAL A 481 -1.56 43.00 12.01
CA VAL A 481 -1.86 42.22 13.22
C VAL A 481 -2.68 41.01 12.83
N LYS A 482 -2.16 39.82 13.10
CA LYS A 482 -2.83 38.61 12.68
C LYS A 482 -4.01 38.31 13.58
N ASN A 483 -5.16 38.10 12.95
CA ASN A 483 -6.34 37.49 13.55
C ASN A 483 -6.94 38.26 14.72
N THR A 484 -6.90 39.58 14.70
CA THR A 484 -7.74 40.32 15.62
C THR A 484 -8.09 41.67 15.01
N LEU A 485 -9.25 42.16 15.38
CA LEU A 485 -9.69 43.49 15.00
C LEU A 485 -9.48 44.50 16.10
N ASN A 486 -8.54 44.25 16.99
CA ASN A 486 -8.32 45.11 18.14
C ASN A 486 -6.93 45.72 18.08
N PRO A 487 -6.80 47.01 17.84
CA PRO A 487 -5.49 47.64 17.89
C PRO A 487 -5.01 47.78 19.33
N GLY A 488 -4.51 46.70 19.90
CA GLY A 488 -4.26 46.69 21.33
C GLY A 488 -3.08 47.53 21.80
N GLU A 489 -1.88 47.11 21.46
CA GLU A 489 -0.67 47.75 22.00
C GLU A 489 0.17 48.38 20.90
N ILE A 490 -0.47 49.09 19.99
CA ILE A 490 0.17 49.74 18.86
C ILE A 490 0.33 51.20 19.24
N PRO A 491 1.41 51.86 18.82
CA PRO A 491 1.51 53.31 19.00
C PRO A 491 0.37 54.05 18.32
N GLU A 492 0.01 55.18 18.91
CA GLU A 492 -1.09 56.01 18.45
C GLU A 492 -0.78 56.75 17.16
N SER A 493 0.39 56.58 16.57
CA SER A 493 0.73 57.19 15.30
C SER A 493 0.81 56.20 14.15
N ALA A 494 0.84 54.90 14.44
CA ALA A 494 1.02 53.91 13.40
C ALA A 494 -0.28 53.70 12.65
N GLN A 495 -0.21 52.84 11.64
CA GLN A 495 -1.36 52.47 10.83
C GLN A 495 -1.72 51.02 11.13
N PHE A 496 -3.00 50.77 11.36
CA PHE A 496 -3.44 49.45 11.76
C PHE A 496 -4.00 48.70 10.57
N VAL A 497 -3.35 47.60 10.19
CA VAL A 497 -3.87 46.74 9.14
C VAL A 497 -4.26 45.42 9.80
N PRO A 498 -5.54 45.10 9.95
CA PRO A 498 -5.87 43.78 10.45
C PRO A 498 -5.94 42.82 9.28
N TYR A 499 -5.48 41.61 9.50
CA TYR A 499 -5.55 40.60 8.47
C TYR A 499 -5.72 39.26 9.13
N PHE A 500 -6.50 38.40 8.49
CA PHE A 500 -6.90 37.17 9.12
C PHE A 500 -6.14 36.03 8.48
N VAL A 501 -5.81 35.03 9.30
CA VAL A 501 -5.03 33.89 8.83
C VAL A 501 -5.55 32.64 9.54
N ALA A 502 -5.71 31.56 8.77
CA ALA A 502 -6.10 30.29 9.36
C ALA A 502 -4.85 29.57 9.84
N ASP A 503 -4.77 29.33 11.13
CA ASP A 503 -3.47 29.03 11.71
C ASP A 503 -3.43 27.91 12.72
N TYR A 504 -4.23 26.85 12.61
CA TYR A 504 -4.22 25.87 13.69
C TYR A 504 -3.02 24.95 13.53
N PHE A 505 -2.08 25.05 14.45
CA PHE A 505 -1.02 24.07 14.55
C PHE A 505 -1.14 23.37 15.89
N LYS A 506 -0.93 22.05 15.86
CA LYS A 506 -0.68 21.32 17.08
C LYS A 506 0.71 21.63 17.58
N LYS A 507 0.83 21.92 18.87
CA LYS A 507 2.14 22.25 19.37
C LYS A 507 2.93 20.97 19.66
N ASP A 508 4.23 21.15 19.90
CA ASP A 508 5.03 20.15 20.59
C ASP A 508 5.07 20.50 22.07
N PRO A 509 5.63 19.64 22.93
CA PRO A 509 5.86 20.08 24.32
C PRO A 509 6.88 21.19 24.46
N LYS A 510 7.69 21.45 23.43
CA LYS A 510 8.48 22.67 23.36
C LYS A 510 7.55 23.82 22.98
N GLY A 511 8.05 25.05 22.98
CA GLY A 511 7.23 26.09 22.41
C GLY A 511 7.48 26.10 20.92
N GLY A 512 6.62 25.44 20.15
CA GLY A 512 6.90 25.27 18.73
C GLY A 512 5.78 24.52 18.05
N VAL A 513 5.98 24.31 16.76
CA VAL A 513 5.00 23.67 15.92
C VAL A 513 5.41 22.22 15.71
N ALA A 514 4.45 21.30 15.83
CA ALA A 514 4.75 19.87 15.85
C ALA A 514 5.23 19.41 14.47
N THR A 515 6.05 18.37 14.48
CA THR A 515 6.81 17.93 13.33
C THR A 515 5.92 17.02 12.49
N PHE A 516 6.35 16.73 11.26
CA PHE A 516 5.71 15.67 10.49
C PHE A 516 5.72 14.35 11.22
N GLU A 517 6.79 14.05 11.95
CA GLU A 517 6.82 12.92 12.84
C GLU A 517 5.85 13.06 14.00
N GLU A 518 5.99 14.10 14.80
CA GLU A 518 5.37 14.20 16.12
C GLU A 518 3.86 14.31 16.06
N LEU A 519 3.30 14.75 14.93
CA LEU A 519 1.87 14.64 14.69
C LEU A 519 1.49 13.20 14.44
N SER A 520 2.16 12.57 13.48
CA SER A 520 1.78 11.27 12.97
C SER A 520 2.08 10.15 13.95
N MET A 521 2.85 10.43 14.99
CA MET A 521 3.05 9.50 16.10
C MET A 521 1.92 9.56 17.12
N ALA A 522 0.82 10.25 16.82
CA ALA A 522 -0.36 10.25 17.67
C ALA A 522 -1.62 9.91 16.90
N SER A 523 -1.48 9.30 15.73
CA SER A 523 -2.60 8.73 14.99
C SER A 523 -2.85 7.32 15.51
N THR A 524 -4.11 7.01 15.78
CA THR A 524 -4.44 5.67 16.28
C THR A 524 -4.50 4.70 15.11
N GLY A 525 -3.66 3.67 15.15
CA GLY A 525 -3.60 2.71 14.08
C GLY A 525 -2.22 2.63 13.46
N THR A 526 -2.16 2.45 12.14
CA THR A 526 -0.91 2.68 11.45
C THR A 526 -0.59 4.16 11.45
N ARG A 527 0.68 4.48 11.38
CA ARG A 527 1.16 5.84 11.54
C ARG A 527 1.43 6.43 10.16
N ARG A 528 0.61 7.40 9.78
CA ARG A 528 0.73 8.02 8.48
C ARG A 528 0.62 9.52 8.65
N LEU A 529 1.04 10.25 7.62
CA LEU A 529 0.86 11.69 7.55
C LEU A 529 -0.32 11.92 6.62
N GLY A 530 -1.41 12.43 7.15
CA GLY A 530 -2.60 12.72 6.38
C GLY A 530 -2.50 14.12 5.81
N VAL A 531 -2.85 14.26 4.54
CA VAL A 531 -2.67 15.49 3.77
C VAL A 531 -3.97 15.74 3.02
N MET A 532 -4.65 16.83 3.33
CA MET A 532 -5.86 17.15 2.60
C MET A 532 -5.73 18.49 1.91
N LYS A 533 -6.32 18.58 0.73
CA LYS A 533 -6.20 19.76 -0.11
C LYS A 533 -7.48 19.89 -0.90
N GLY A 534 -8.20 20.99 -0.71
CA GLY A 534 -9.46 21.11 -1.43
C GLY A 534 -9.92 22.54 -1.57
N ASP A 535 -10.84 22.76 -2.51
CA ASP A 535 -11.31 24.11 -2.74
C ASP A 535 -12.75 24.14 -3.20
N VAL A 536 -13.35 25.32 -3.11
CA VAL A 536 -14.78 25.49 -3.35
C VAL A 536 -15.08 25.31 -4.83
N ASP A 537 -16.02 24.44 -5.08
CA ASP A 537 -16.49 24.15 -6.42
C ASP A 537 -17.19 25.35 -7.01
N ARG A 538 -16.78 25.73 -8.22
CA ARG A 538 -17.43 26.73 -9.08
C ARG A 538 -17.62 28.05 -8.37
N LEU A 539 -16.52 28.66 -7.98
CA LEU A 539 -16.63 29.87 -7.18
C LEU A 539 -16.75 31.10 -8.05
N GLY A 540 -16.01 31.15 -9.16
CA GLY A 540 -16.01 32.31 -10.02
C GLY A 540 -17.35 32.60 -10.68
N GLU A 541 -18.20 31.59 -10.82
CA GLU A 541 -19.56 31.83 -11.29
C GLU A 541 -20.48 32.23 -10.16
N PHE A 542 -20.01 32.19 -8.92
CA PHE A 542 -20.81 32.76 -7.85
C PHE A 542 -20.66 34.27 -7.82
N PHE A 543 -19.46 34.76 -8.09
CA PHE A 543 -19.18 36.18 -7.98
C PHE A 543 -19.58 36.96 -9.22
N SER A 544 -20.25 36.34 -10.18
CA SER A 544 -20.65 37.10 -11.36
C SER A 544 -22.09 37.52 -11.33
N SER A 545 -22.86 37.07 -10.35
CA SER A 545 -24.19 37.61 -10.17
C SER A 545 -24.20 38.78 -9.21
N MET A 546 -23.12 38.94 -8.45
CA MET A 546 -22.87 40.15 -7.67
C MET A 546 -22.73 41.33 -8.61
N ASP A 547 -23.71 42.24 -8.59
CA ASP A 547 -23.78 43.28 -9.60
C ASP A 547 -23.44 44.66 -9.10
N SER A 548 -23.09 44.80 -7.83
CA SER A 548 -22.73 46.10 -7.29
C SER A 548 -21.50 45.90 -6.44
N PRO A 549 -20.69 46.94 -6.24
CA PRO A 549 -19.46 46.72 -5.49
C PRO A 549 -19.67 46.54 -4.00
N SER A 550 -20.86 46.80 -3.48
CA SER A 550 -21.19 46.47 -2.11
C SER A 550 -21.61 45.02 -1.98
N LYS A 551 -22.03 44.44 -3.09
CA LYS A 551 -22.50 43.06 -3.06
C LYS A 551 -21.39 42.08 -3.33
N LEU A 552 -20.37 42.48 -4.10
CA LEU A 552 -19.18 41.66 -4.27
C LEU A 552 -18.31 41.69 -3.02
N ALA A 553 -18.22 42.85 -2.36
CA ALA A 553 -17.45 42.93 -1.13
C ALA A 553 -18.08 42.14 0.00
N THR A 554 -19.39 41.95 -0.05
CA THR A 554 -20.05 41.08 0.91
C THR A 554 -19.70 39.63 0.65
N ALA A 555 -19.90 39.19 -0.58
CA ALA A 555 -19.72 37.79 -0.94
C ALA A 555 -18.28 37.35 -0.90
N SER A 556 -17.33 38.28 -0.88
CA SER A 556 -15.92 37.95 -0.80
C SER A 556 -15.39 37.89 0.62
N ARG A 557 -15.95 38.63 1.58
CA ARG A 557 -15.51 38.46 2.96
C ARG A 557 -16.03 37.18 3.55
N PHE A 558 -17.31 36.90 3.35
CA PHE A 558 -17.93 35.76 4.00
C PHE A 558 -17.31 34.45 3.54
N MET A 559 -16.89 34.37 2.28
CA MET A 559 -16.15 33.19 1.86
C MET A 559 -14.73 33.21 2.42
N ASP A 560 -14.16 34.39 2.60
CA ASP A 560 -12.82 34.42 3.18
C ASP A 560 -12.86 34.10 4.67
N TYR A 561 -13.84 34.61 5.39
CA TYR A 561 -13.96 34.34 6.82
C TYR A 561 -14.21 32.89 7.15
N PHE A 562 -14.89 32.17 6.27
CA PHE A 562 -15.06 30.74 6.49
C PHE A 562 -13.70 30.05 6.54
N PHE A 563 -12.87 30.32 5.55
CA PHE A 563 -11.64 29.59 5.47
C PHE A 563 -10.59 30.15 6.40
N LYS A 564 -10.65 31.43 6.72
CA LYS A 564 -9.75 31.94 7.77
C LYS A 564 -10.25 31.55 9.14
N GLY A 565 -11.42 32.03 9.51
CA GLY A 565 -11.82 31.93 10.89
C GLY A 565 -12.84 30.88 11.27
N TYR A 566 -13.60 30.34 10.33
CA TYR A 566 -14.53 29.28 10.67
C TYR A 566 -14.01 27.92 10.28
N ILE A 567 -12.69 27.76 10.21
CA ILE A 567 -12.06 26.46 10.11
C ILE A 567 -11.28 26.12 11.38
N GLY A 568 -10.64 27.10 11.99
CA GLY A 568 -10.09 26.90 13.31
C GLY A 568 -11.13 26.67 14.37
N ALA A 569 -12.37 27.11 14.12
CA ALA A 569 -13.47 26.74 15.00
C ALA A 569 -13.86 25.29 14.81
N ILE A 570 -13.68 24.76 13.61
CA ILE A 570 -14.04 23.37 13.33
C ILE A 570 -13.01 22.43 13.93
N ILE A 571 -11.73 22.79 13.87
CA ILE A 571 -10.71 21.90 14.41
C ILE A 571 -10.80 21.88 15.93
N GLU A 572 -11.34 22.94 16.54
CA GLU A 572 -11.74 22.89 17.93
C GLU A 572 -12.86 21.89 18.17
N GLY A 573 -13.66 21.59 17.14
CA GLY A 573 -14.82 20.76 17.30
C GLY A 573 -16.05 21.51 17.75
N LYS A 574 -16.05 22.82 17.65
CA LYS A 574 -17.22 23.59 18.02
C LYS A 574 -18.33 23.39 17.00
N PHE A 575 -19.55 23.38 17.52
CA PHE A 575 -20.80 23.33 16.75
C PHE A 575 -20.93 22.05 15.93
N GLY A 576 -20.86 20.92 16.63
CA GLY A 576 -21.28 19.66 16.11
C GLY A 576 -22.77 19.44 16.13
N TYR A 577 -23.53 20.43 16.58
CA TYR A 577 -24.96 20.48 16.29
C TYR A 577 -25.18 20.63 14.80
N ILE A 578 -24.46 21.56 14.20
CA ILE A 578 -24.65 21.91 12.80
C ILE A 578 -23.81 21.00 11.92
N ILE A 579 -22.98 20.16 12.55
CA ILE A 579 -22.24 19.15 11.81
C ILE A 579 -22.89 17.79 11.98
N GLY A 580 -23.05 17.36 13.21
CA GLY A 580 -23.80 16.15 13.51
C GLY A 580 -22.88 14.96 13.68
N ASP A 581 -23.17 13.88 12.97
CA ASP A 581 -22.48 12.62 13.13
C ASP A 581 -21.75 12.31 11.84
N VAL A 582 -20.44 12.17 11.92
CA VAL A 582 -19.55 12.14 10.78
C VAL A 582 -18.73 10.86 10.89
N PRO A 583 -18.05 10.41 9.85
CA PRO A 583 -17.21 9.22 10.01
C PRO A 583 -16.00 9.44 10.88
N SER A 584 -16.11 8.93 12.10
CA SER A 584 -15.17 9.18 13.17
C SER A 584 -14.55 7.87 13.62
N LEU A 585 -13.23 7.72 13.42
CA LEU A 585 -12.54 6.52 13.87
C LEU A 585 -12.43 6.50 15.39
N ARG A 586 -12.01 7.61 15.97
CA ARG A 586 -12.16 7.87 17.38
C ARG A 586 -12.95 9.15 17.56
N ASP A 587 -13.50 9.31 18.77
CA ASP A 587 -14.15 10.56 19.12
C ASP A 587 -13.14 11.68 19.07
N TRP A 588 -13.58 12.83 18.57
CA TRP A 588 -12.70 13.92 18.21
C TRP A 588 -12.03 14.46 19.47
N PRO A 589 -10.73 14.47 19.54
CA PRO A 589 -10.07 14.86 20.78
C PRO A 589 -10.19 16.31 21.14
N GLU A 590 -9.59 16.69 22.27
CA GLU A 590 -9.71 18.05 22.75
C GLU A 590 -8.72 18.99 22.07
N GLU A 591 -7.50 18.51 21.82
CA GLU A 591 -6.43 19.29 21.20
C GLU A 591 -5.91 18.49 20.01
N PRO A 592 -6.51 18.63 18.84
CA PRO A 592 -6.17 17.75 17.71
C PRO A 592 -4.78 17.98 17.17
N ASP A 593 -4.31 17.01 16.41
CA ASP A 593 -2.97 17.12 15.83
C ASP A 593 -3.06 17.27 14.32
N ILE A 594 -3.33 18.51 13.99
CA ILE A 594 -3.64 18.99 12.65
C ILE A 594 -2.85 20.27 12.47
N VAL A 595 -2.14 20.38 11.37
CA VAL A 595 -1.41 21.59 11.03
C VAL A 595 -2.03 22.19 9.79
N VAL A 596 -2.44 23.44 9.88
CA VAL A 596 -3.05 24.14 8.76
C VAL A 596 -1.92 24.86 8.05
N VAL A 597 -1.45 24.29 6.95
CA VAL A 597 -0.37 24.92 6.21
C VAL A 597 -0.88 26.19 5.55
N TYR A 598 -1.68 26.03 4.51
CA TYR A 598 -2.22 27.19 3.76
C TYR A 598 -3.75 27.13 3.76
N ALA A 599 -4.42 28.21 4.16
CA ALA A 599 -5.90 28.27 4.06
C ALA A 599 -6.26 29.50 3.22
N GLY A 600 -6.56 29.31 1.93
CA GLY A 600 -6.91 30.40 0.99
C GLY A 600 -8.37 30.78 1.08
N GLY A 601 -8.78 31.82 0.38
CA GLY A 601 -10.19 32.25 0.42
C GLY A 601 -11.13 31.18 -0.12
N ASP A 602 -10.80 30.52 -1.23
CA ASP A 602 -11.69 29.47 -1.78
C ASP A 602 -11.08 28.08 -1.67
N ASP A 603 -9.94 27.89 -1.01
CA ASP A 603 -9.34 26.53 -0.96
C ASP A 603 -8.41 26.39 0.25
N PHE A 604 -7.99 25.19 0.62
CA PHE A 604 -7.08 25.03 1.78
C PHE A 604 -6.17 23.81 1.62
N PHE A 605 -5.07 23.78 2.34
CA PHE A 605 -4.12 22.65 2.35
C PHE A 605 -3.76 22.38 3.80
N ILE A 606 -4.33 21.34 4.39
CA ILE A 606 -4.15 21.02 5.80
C ILE A 606 -3.45 19.68 5.89
N VAL A 607 -2.51 19.54 6.82
CA VAL A 607 -1.87 18.26 7.08
C VAL A 607 -2.08 17.90 8.54
N GLY A 608 -1.87 16.63 8.85
CA GLY A 608 -2.08 16.14 10.20
C GLY A 608 -2.03 14.63 10.21
N ALA A 609 -2.45 14.06 11.33
CA ALA A 609 -2.62 12.62 11.44
C ALA A 609 -3.62 12.12 10.41
N TRP A 610 -3.43 10.89 9.92
CA TRP A 610 -4.36 10.34 8.94
C TRP A 610 -5.72 10.15 9.57
N ASP A 611 -5.73 9.98 10.88
CA ASP A 611 -6.93 9.61 11.62
C ASP A 611 -7.89 10.78 11.68
N GLN A 612 -7.37 11.95 12.03
CA GLN A 612 -8.20 13.11 12.30
C GLN A 612 -8.32 14.03 11.11
N ILE A 613 -7.43 13.92 10.13
CA ILE A 613 -7.63 14.62 8.87
C ILE A 613 -8.70 13.89 8.04
N PHE A 614 -9.07 12.70 8.44
CA PHE A 614 -10.19 12.07 7.78
C PHE A 614 -11.50 12.59 8.31
N GLU A 615 -11.66 12.64 9.63
CA GLU A 615 -12.89 13.16 10.22
C GLU A 615 -13.08 14.64 9.92
N LEU A 616 -11.98 15.39 9.87
CA LEU A 616 -12.05 16.82 9.58
C LEU A 616 -12.58 17.07 8.17
N ALA A 617 -12.26 16.21 7.23
CA ALA A 617 -12.75 16.43 5.88
C ALA A 617 -14.23 16.17 5.72
N PHE A 618 -14.91 15.65 6.71
CA PHE A 618 -16.35 15.57 6.72
C PHE A 618 -16.95 16.53 7.70
N ARG A 619 -16.15 17.02 8.62
CA ARG A 619 -16.54 18.07 9.53
C ARG A 619 -16.38 19.45 8.89
N VAL A 620 -15.74 19.50 7.72
CA VAL A 620 -15.60 20.74 6.95
C VAL A 620 -16.68 20.85 5.89
N ARG A 621 -16.91 19.77 5.13
CA ARG A 621 -17.97 19.77 4.13
C ARG A 621 -19.33 19.98 4.78
N ARG A 622 -19.52 19.42 5.96
CA ARG A 622 -20.82 19.52 6.58
C ARG A 622 -21.05 20.92 7.13
N ALA A 623 -19.98 21.62 7.52
CA ALA A 623 -20.17 22.95 8.07
C ALA A 623 -20.21 24.00 6.97
N PHE A 624 -19.47 23.81 5.89
CA PHE A 624 -19.55 24.71 4.76
C PHE A 624 -20.92 24.67 4.10
N ASN A 625 -21.54 23.49 4.08
CA ASN A 625 -22.85 23.32 3.47
C ASN A 625 -23.91 24.10 4.22
N ALA A 626 -23.72 24.25 5.53
CA ALA A 626 -24.63 25.04 6.33
C ALA A 626 -24.19 26.48 6.42
N TYR A 627 -22.92 26.77 6.14
CA TYR A 627 -22.46 28.15 6.18
C TYR A 627 -23.02 28.93 5.02
N THR A 628 -23.13 28.27 3.87
CA THR A 628 -23.95 28.76 2.79
C THR A 628 -25.38 28.31 3.03
N GLY A 629 -26.23 28.46 2.04
CA GLY A 629 -27.52 27.84 2.22
C GLY A 629 -27.58 26.47 1.59
N GLY A 630 -26.43 25.93 1.23
CA GLY A 630 -26.36 24.74 0.41
C GLY A 630 -25.96 25.00 -1.01
N LYS A 631 -26.01 26.23 -1.50
CA LYS A 631 -25.85 26.48 -2.92
C LYS A 631 -24.40 26.60 -3.37
N LEU A 632 -23.43 26.19 -2.56
CA LEU A 632 -22.04 26.10 -2.96
C LEU A 632 -21.45 24.89 -2.27
N THR A 633 -20.72 24.08 -3.01
CA THR A 633 -20.23 22.80 -2.54
C THR A 633 -18.71 22.80 -2.58
N LEU A 634 -18.11 21.86 -1.88
CA LEU A 634 -16.67 21.70 -1.80
C LEU A 634 -16.20 20.58 -2.72
N SER A 635 -14.91 20.28 -2.65
CA SER A 635 -14.28 19.17 -3.32
C SER A 635 -12.94 18.93 -2.67
N VAL A 636 -12.69 17.71 -2.19
CA VAL A 636 -11.53 17.43 -1.34
C VAL A 636 -10.66 16.37 -1.98
N GLY A 637 -9.34 16.56 -1.92
CA GLY A 637 -8.39 15.48 -2.06
C GLY A 637 -7.85 15.08 -0.70
N LEU A 638 -7.59 13.79 -0.52
CA LEU A 638 -7.05 13.25 0.71
C LEU A 638 -5.89 12.34 0.43
N GLY A 639 -4.94 12.33 1.35
CA GLY A 639 -3.68 11.66 1.11
C GLY A 639 -3.22 10.90 2.32
N TYR A 640 -2.58 9.76 2.06
CA TYR A 640 -1.97 8.94 3.08
C TYR A 640 -0.54 8.67 2.65
N PHE A 641 0.40 9.05 3.51
CA PHE A 641 1.81 9.16 3.18
C PHE A 641 2.64 8.72 4.37
N ASP A 642 3.87 8.33 4.10
CA ASP A 642 4.82 8.11 5.17
C ASP A 642 5.28 9.47 5.69
N GLU A 643 5.74 9.52 6.95
CA GLU A 643 6.13 10.79 7.58
C GLU A 643 7.28 11.45 6.86
N ARG A 644 8.28 10.66 6.55
CA ARG A 644 9.48 11.12 5.88
C ARG A 644 9.36 11.05 4.37
N THR A 645 8.26 11.54 3.86
CA THR A 645 8.06 11.82 2.46
C THR A 645 8.31 13.30 2.21
N PRO A 646 9.00 13.65 1.12
CA PRO A 646 9.15 15.07 0.77
C PRO A 646 7.83 15.72 0.41
N ILE A 647 7.84 17.05 0.44
CA ILE A 647 6.64 17.82 0.18
C ILE A 647 6.25 17.87 -1.26
N TYR A 648 7.20 18.14 -2.17
CA TYR A 648 6.87 18.30 -3.58
C TYR A 648 6.28 17.04 -4.17
N ARG A 649 6.67 15.88 -3.66
CA ARG A 649 6.05 14.64 -4.13
C ARG A 649 4.66 14.51 -3.55
N MET A 650 4.53 14.74 -2.25
CA MET A 650 3.27 14.67 -1.52
C MET A 650 2.21 15.61 -2.09
N ALA A 651 2.56 16.87 -2.29
CA ALA A 651 1.55 17.85 -2.70
C ALA A 651 1.17 17.68 -4.16
N ASP A 652 2.13 17.30 -5.01
CA ASP A 652 1.81 17.07 -6.42
C ASP A 652 0.90 15.88 -6.59
N VAL A 653 1.02 14.90 -5.70
CA VAL A 653 0.08 13.79 -5.69
C VAL A 653 -1.32 14.28 -5.33
N VAL A 654 -1.46 14.94 -4.18
CA VAL A 654 -2.76 15.34 -3.67
C VAL A 654 -3.39 16.45 -4.48
N SER A 655 -2.61 17.31 -5.12
CA SER A 655 -3.20 18.28 -6.03
C SER A 655 -3.80 17.60 -7.25
N GLU A 656 -3.14 16.54 -7.72
CA GLU A 656 -3.71 15.73 -8.79
C GLU A 656 -4.88 14.92 -8.27
N ARG A 657 -4.74 14.40 -7.07
CA ARG A 657 -5.78 13.61 -6.44
C ARG A 657 -6.93 14.48 -5.96
N LEU A 658 -6.74 15.80 -5.92
CA LEU A 658 -7.86 16.72 -5.79
C LEU A 658 -8.47 17.01 -7.13
N ASP A 659 -7.63 17.18 -8.14
CA ASP A 659 -8.08 17.35 -9.52
C ASP A 659 -8.80 16.12 -10.03
N THR A 660 -8.40 14.93 -9.58
CA THR A 660 -9.12 13.70 -9.89
C THR A 660 -10.54 13.74 -9.34
N ALA A 661 -10.69 14.13 -8.08
CA ALA A 661 -11.99 14.25 -7.47
C ALA A 661 -12.73 15.52 -7.85
N LYS A 662 -12.30 16.19 -8.92
CA LYS A 662 -12.96 17.39 -9.38
C LYS A 662 -13.52 17.21 -10.78
N ASP A 663 -12.71 16.81 -11.77
CA ASP A 663 -13.22 16.83 -13.13
C ASP A 663 -14.24 15.73 -13.42
N GLU A 664 -14.41 14.79 -12.49
CA GLU A 664 -15.52 13.87 -12.55
C GLU A 664 -16.83 14.61 -12.41
N GLY A 665 -17.13 15.11 -11.22
CA GLY A 665 -18.38 15.82 -11.02
C GLY A 665 -18.32 16.96 -10.02
N ARG A 666 -17.11 17.26 -9.54
CA ARG A 666 -16.76 18.46 -8.77
C ARG A 666 -17.39 18.53 -7.39
N ASN A 667 -17.93 17.45 -6.85
CA ASN A 667 -18.50 17.54 -5.51
C ASN A 667 -18.13 16.31 -4.72
N ARG A 668 -16.89 15.88 -4.82
CA ARG A 668 -16.56 14.51 -4.50
C ARG A 668 -15.37 14.43 -3.57
N VAL A 669 -15.51 13.65 -2.52
CA VAL A 669 -14.40 13.38 -1.64
C VAL A 669 -13.53 12.29 -2.24
N PHE A 670 -12.22 12.46 -2.15
CA PHE A 670 -11.30 11.38 -2.44
C PHE A 670 -10.91 10.83 -1.08
N VAL A 671 -10.74 9.51 -0.97
CA VAL A 671 -10.47 8.95 0.35
C VAL A 671 -9.18 8.16 0.43
N VAL A 672 -9.05 7.10 -0.36
CA VAL A 672 -7.89 6.24 -0.18
C VAL A 672 -7.57 5.49 -1.46
N PRO A 677 -10.87 -0.49 -13.15
CA PRO A 677 -11.57 -0.93 -14.36
C PRO A 677 -11.38 0.07 -15.49
N LEU A 678 -10.87 -0.39 -16.63
CA LEU A 678 -10.33 0.48 -17.66
C LEU A 678 -11.36 0.93 -18.67
N ASP A 679 -12.63 0.93 -18.30
CA ASP A 679 -13.73 1.16 -19.22
C ASP A 679 -14.06 2.65 -19.40
N GLY A 680 -14.37 3.34 -18.31
CA GLY A 680 -14.89 4.69 -18.37
C GLY A 680 -16.24 4.86 -17.75
N LYS A 681 -16.85 3.80 -17.21
CA LYS A 681 -18.13 3.95 -16.53
C LYS A 681 -17.98 4.01 -15.02
N HIS A 682 -16.78 3.77 -14.50
CA HIS A 682 -16.50 3.97 -13.09
C HIS A 682 -15.78 5.30 -12.86
N LYS A 683 -15.60 5.63 -11.59
CA LYS A 683 -14.93 6.85 -11.17
C LYS A 683 -14.44 6.69 -9.73
N LEU A 684 -13.22 7.17 -9.48
CA LEU A 684 -12.49 6.83 -8.27
C LEU A 684 -13.01 7.50 -7.01
N SER A 685 -13.59 8.68 -7.13
CA SER A 685 -13.84 9.53 -5.98
C SER A 685 -15.27 9.33 -5.52
N TYR A 686 -15.43 9.04 -4.23
CA TYR A 686 -16.75 8.94 -3.62
C TYR A 686 -17.42 10.29 -3.64
N GLU A 687 -18.73 10.30 -3.79
CA GLU A 687 -19.44 11.55 -3.58
C GLU A 687 -19.66 11.70 -2.07
N TRP A 688 -20.15 12.86 -1.62
CA TRP A 688 -20.18 13.10 -0.18
C TRP A 688 -21.21 12.24 0.53
N ASN A 689 -22.47 12.32 0.12
CA ASN A 689 -23.52 11.58 0.79
C ASN A 689 -23.38 10.09 0.57
N HIS A 690 -22.80 9.70 -0.57
CA HIS A 690 -22.52 8.32 -0.89
C HIS A 690 -21.61 7.70 0.16
N TYR A 691 -20.48 8.35 0.45
CA TYR A 691 -19.56 7.82 1.45
C TYR A 691 -20.13 7.94 2.85
N GLU A 692 -20.96 8.94 3.10
CA GLU A 692 -21.54 9.05 4.43
C GLU A 692 -22.73 8.14 4.61
N GLU A 693 -23.20 7.48 3.55
CA GLU A 693 -24.23 6.47 3.75
C GLU A 693 -23.62 5.07 3.76
N LEU A 694 -22.51 4.88 3.02
CA LEU A 694 -21.72 3.65 3.18
C LEU A 694 -21.13 3.55 4.57
N TRP A 695 -20.77 4.68 5.17
CA TRP A 695 -20.19 4.62 6.51
C TRP A 695 -21.26 4.44 7.58
N ARG A 696 -22.50 4.86 7.34
CA ARG A 696 -23.55 4.64 8.33
C ARG A 696 -23.89 3.18 8.50
N THR A 697 -23.70 2.39 7.46
CA THR A 697 -24.11 1.00 7.46
C THR A 697 -22.93 0.07 7.73
N TYR A 698 -21.91 0.11 6.88
CA TYR A 698 -20.89 -0.92 6.88
C TYR A 698 -19.95 -0.81 8.06
N ALA A 699 -19.71 0.39 8.54
CA ALA A 699 -18.81 0.65 9.65
C ALA A 699 -19.35 0.38 11.07
N PRO A 700 -20.62 0.67 11.44
CA PRO A 700 -21.01 0.39 12.83
C PRO A 700 -21.22 -1.07 13.15
N ARG A 701 -21.04 -1.96 12.18
CA ARG A 701 -21.16 -3.39 12.46
C ARG A 701 -19.80 -4.03 12.67
N ILE A 702 -18.74 -3.50 12.05
CA ILE A 702 -17.41 -4.09 12.10
C ILE A 702 -16.44 -3.27 12.93
N TYR A 703 -16.94 -2.40 13.81
CA TYR A 703 -16.06 -1.56 14.62
C TYR A 703 -16.56 -1.52 16.06
N LEU A 713 -15.83 -10.08 15.64
CA LEU A 713 -14.92 -10.02 14.50
C LEU A 713 -13.52 -9.76 15.08
N GLU A 714 -13.31 -10.25 16.31
CA GLU A 714 -12.09 -9.99 17.07
C GLU A 714 -10.91 -10.70 16.42
N SER A 715 -10.00 -9.89 15.86
CA SER A 715 -8.79 -10.31 15.13
C SER A 715 -9.12 -11.27 13.98
N LYS A 716 -10.28 -11.09 13.36
CA LYS A 716 -10.69 -11.90 12.22
C LYS A 716 -10.32 -11.25 10.90
N LYS A 717 -9.16 -10.57 10.84
CA LYS A 717 -8.76 -9.76 9.70
C LYS A 717 -8.64 -10.54 8.39
N GLY A 718 -8.44 -11.86 8.46
CA GLY A 718 -8.45 -12.66 7.25
C GLY A 718 -9.79 -12.66 6.55
N LEU A 719 -10.82 -12.42 7.34
CA LEU A 719 -12.18 -12.21 6.79
C LEU A 719 -12.14 -10.89 6.02
N LEU A 720 -11.33 -9.92 6.47
CA LEU A 720 -11.36 -8.59 5.88
C LEU A 720 -10.34 -8.44 4.77
N TRP A 721 -9.13 -8.99 4.95
CA TRP A 721 -8.09 -8.74 3.95
C TRP A 721 -8.26 -9.60 2.72
N LYS A 722 -8.80 -10.82 2.87
CA LYS A 722 -9.11 -11.60 1.68
C LYS A 722 -10.29 -11.01 0.92
N LEU A 723 -11.25 -10.40 1.64
CA LEU A 723 -12.40 -9.77 1.02
C LEU A 723 -12.00 -8.59 0.13
N LEU A 724 -10.90 -7.91 0.46
CA LEU A 724 -10.36 -6.93 -0.48
C LEU A 724 -9.72 -7.59 -1.69
N GLU A 725 -9.16 -8.79 -1.52
CA GLU A 725 -8.62 -9.52 -2.66
C GLU A 725 -9.73 -10.23 -3.43
N ILE A 726 -10.83 -10.59 -2.76
CA ILE A 726 -12.02 -11.01 -3.48
C ILE A 726 -12.58 -9.87 -4.30
N ARG A 727 -12.56 -8.65 -3.74
CA ARG A 727 -12.91 -7.45 -4.49
C ARG A 727 -12.00 -7.23 -5.70
N GLU A 728 -10.71 -7.51 -5.58
CA GLU A 728 -9.83 -7.20 -6.68
C GLU A 728 -9.74 -8.31 -7.72
N LEU A 729 -10.68 -9.24 -7.73
CA LEU A 729 -10.99 -9.99 -8.94
C LEU A 729 -12.08 -9.32 -9.74
N TYR A 730 -12.99 -8.61 -9.07
CA TYR A 730 -14.09 -7.93 -9.74
C TYR A 730 -13.60 -6.82 -10.65
N VAL A 731 -12.49 -6.18 -10.31
CA VAL A 731 -11.92 -5.18 -11.19
C VAL A 731 -11.32 -5.84 -12.42
N ARG A 732 -10.68 -6.99 -12.25
CA ARG A 732 -9.99 -7.73 -13.32
C ARG A 732 -10.92 -8.15 -14.46
N VAL A 737 -18.77 -13.04 -12.19
CA VAL A 737 -19.39 -12.93 -10.88
C VAL A 737 -18.85 -14.14 -10.12
N ARG A 738 -17.56 -14.38 -10.32
CA ARG A 738 -16.85 -15.41 -9.55
C ARG A 738 -16.74 -15.03 -8.08
N TRP A 739 -16.81 -13.73 -7.79
CA TRP A 739 -16.66 -13.19 -6.45
C TRP A 739 -17.84 -13.46 -5.53
N ALA A 740 -19.03 -13.74 -6.07
CA ALA A 740 -20.23 -13.79 -5.25
C ALA A 740 -20.27 -15.03 -4.37
N TYR A 741 -20.03 -16.20 -4.94
CA TYR A 741 -20.02 -17.41 -4.14
C TYR A 741 -18.76 -17.53 -3.30
N LEU A 742 -17.66 -16.91 -3.75
CA LEU A 742 -16.43 -16.88 -2.95
C LEU A 742 -16.63 -16.10 -1.66
N THR A 743 -17.34 -14.97 -1.73
CA THR A 743 -17.72 -14.26 -0.52
C THR A 743 -18.74 -15.06 0.26
N ALA A 744 -19.57 -15.84 -0.44
CA ALA A 744 -20.65 -16.57 0.21
C ALA A 744 -20.13 -17.69 1.09
N TYR A 745 -19.07 -18.38 0.65
CA TYR A 745 -18.47 -19.40 1.50
C TYR A 745 -17.70 -18.76 2.64
N LEU A 746 -17.02 -17.65 2.37
CA LEU A 746 -16.20 -16.96 3.35
C LEU A 746 -17.03 -16.34 4.47
N LEU A 747 -18.12 -15.67 4.11
CA LEU A 747 -19.05 -15.17 5.13
C LEU A 747 -19.74 -16.30 5.85
N GLY A 748 -19.83 -17.47 5.20
CA GLY A 748 -20.45 -18.64 5.77
C GLY A 748 -19.51 -19.52 6.58
N ARG A 749 -18.24 -19.67 6.17
CA ARG A 749 -17.40 -20.59 6.93
C ARG A 749 -16.90 -20.01 8.24
N HIS A 750 -17.29 -18.78 8.55
CA HIS A 750 -17.26 -18.24 9.90
C HIS A 750 -18.65 -18.18 10.52
N GLY A 751 -19.62 -17.64 9.79
CA GLY A 751 -20.93 -17.44 10.32
C GLY A 751 -21.34 -15.99 10.32
N LEU A 752 -20.82 -15.22 9.37
CA LEU A 752 -21.14 -13.80 9.29
C LEU A 752 -22.15 -13.60 8.17
N SER A 753 -23.42 -13.79 8.51
CA SER A 753 -24.49 -13.60 7.54
C SER A 753 -25.09 -12.22 7.63
N ASP A 754 -25.18 -11.66 8.85
CA ASP A 754 -25.69 -10.30 9.03
C ASP A 754 -24.77 -9.29 8.38
N LEU A 755 -23.47 -9.53 8.47
CA LEU A 755 -22.49 -8.70 7.80
C LEU A 755 -22.58 -8.91 6.29
N PHE A 756 -22.76 -7.81 5.58
CA PHE A 756 -22.67 -7.68 4.12
C PHE A 756 -23.68 -8.55 3.40
N PRO A 757 -24.99 -8.30 3.51
CA PRO A 757 -25.94 -9.18 2.82
C PRO A 757 -25.98 -8.93 1.33
N GLU A 758 -25.84 -7.69 0.90
CA GLU A 758 -25.84 -7.39 -0.52
C GLU A 758 -24.50 -7.56 -1.18
N LEU A 759 -23.51 -8.09 -0.46
CA LEU A 759 -22.21 -8.34 -1.07
C LEU A 759 -22.12 -9.71 -1.70
N VAL A 760 -23.14 -10.54 -1.52
CA VAL A 760 -23.20 -11.86 -2.14
C VAL A 760 -24.35 -11.93 -3.14
N GLN A 773 -22.25 -0.88 -8.17
CA GLN A 773 -21.97 -2.23 -7.69
C GLN A 773 -21.43 -2.15 -6.26
N PRO A 774 -22.04 -2.87 -5.32
CA PRO A 774 -21.66 -2.70 -3.91
C PRO A 774 -20.33 -3.32 -3.51
N VAL A 775 -19.76 -4.23 -4.31
CA VAL A 775 -18.42 -4.70 -4.07
C VAL A 775 -17.38 -3.65 -4.49
N TYR A 776 -17.74 -2.73 -5.38
CA TYR A 776 -16.84 -1.66 -5.76
C TYR A 776 -16.79 -0.57 -4.71
N TRP A 777 -17.92 -0.23 -4.11
CA TRP A 777 -18.00 0.86 -3.15
C TRP A 777 -17.97 0.36 -1.71
N VAL A 778 -17.20 -0.69 -1.42
CA VAL A 778 -16.92 -1.03 -0.03
C VAL A 778 -15.43 -0.86 0.27
N ASP A 779 -14.65 -0.52 -0.75
CA ASP A 779 -13.20 -0.35 -0.61
C ASP A 779 -12.86 0.84 0.27
N GLY A 780 -13.71 1.85 0.29
CA GLY A 780 -13.54 2.99 1.18
C GLY A 780 -13.63 2.60 2.63
N VAL A 781 -14.67 1.86 3.00
CA VAL A 781 -14.90 1.65 4.42
C VAL A 781 -14.01 0.55 4.99
N LEU A 782 -13.65 -0.45 4.18
CA LEU A 782 -12.79 -1.52 4.69
C LEU A 782 -11.37 -1.02 4.90
N LYS A 783 -10.83 -0.32 3.89
CA LYS A 783 -9.42 0.01 3.90
C LYS A 783 -9.10 1.06 4.96
N ILE A 784 -10.09 1.85 5.36
CA ILE A 784 -9.91 2.78 6.49
C ILE A 784 -9.94 2.06 7.83
N VAL A 785 -10.96 1.24 8.10
CA VAL A 785 -11.14 0.63 9.41
C VAL A 785 -10.07 -0.42 9.67
N LEU A 786 -9.50 -1.00 8.61
CA LEU A 786 -8.33 -1.86 8.76
C LEU A 786 -7.13 -1.07 9.27
N MET A 787 -6.96 0.16 8.80
CA MET A 787 -5.87 0.99 9.30
C MET A 787 -6.12 1.48 10.71
N ALA A 788 -7.36 1.54 11.16
CA ALA A 788 -7.63 1.94 12.52
C ALA A 788 -7.30 0.85 13.53
N VAL A 789 -7.13 -0.38 13.08
CA VAL A 789 -6.68 -1.44 13.95
C VAL A 789 -5.37 -1.93 13.35
N ARG A 790 -4.27 -1.31 13.81
CA ARG A 790 -2.89 -1.54 13.35
C ARG A 790 -2.67 -1.51 11.85
N VAL B 24 -43.93 -16.47 -0.68
CA VAL B 24 -42.51 -16.75 -0.70
C VAL B 24 -42.19 -17.92 -1.64
N ASP B 25 -43.16 -18.83 -1.79
CA ASP B 25 -43.00 -19.97 -2.67
C ASP B 25 -43.12 -19.54 -4.12
N ALA B 26 -41.99 -19.53 -4.83
CA ALA B 26 -41.87 -19.16 -6.25
C ALA B 26 -42.37 -17.74 -6.51
N SER B 27 -42.24 -16.85 -5.53
CA SER B 27 -42.60 -15.44 -5.68
C SER B 27 -41.41 -14.52 -5.53
N ARG B 28 -40.65 -14.63 -4.44
CA ARG B 28 -39.43 -13.86 -4.30
C ARG B 28 -38.30 -14.48 -5.12
N LEU B 29 -38.26 -15.81 -5.19
CA LEU B 29 -37.26 -16.48 -6.00
C LEU B 29 -37.60 -16.34 -7.48
N PHE B 30 -36.64 -15.83 -8.25
CA PHE B 30 -36.83 -15.62 -9.68
C PHE B 30 -35.58 -16.12 -10.40
N GLY B 31 -35.43 -15.73 -11.66
CA GLY B 31 -34.42 -16.27 -12.56
C GLY B 31 -32.99 -16.01 -12.12
N GLU B 32 -32.55 -14.74 -12.12
CA GLU B 32 -31.12 -14.48 -12.00
C GLU B 32 -30.65 -14.18 -10.58
N SER B 33 -31.08 -13.07 -9.99
CA SER B 33 -30.49 -12.61 -8.74
C SER B 33 -31.51 -11.97 -7.80
N PRO B 34 -32.76 -12.43 -7.82
CA PRO B 34 -33.80 -11.76 -7.05
C PRO B 34 -33.72 -12.11 -5.57
N ASP B 35 -33.61 -13.41 -5.24
CA ASP B 35 -33.69 -13.82 -3.85
C ASP B 35 -32.47 -14.62 -3.43
N VAL B 36 -31.28 -14.12 -3.76
CA VAL B 36 -30.06 -14.76 -3.27
C VAL B 36 -29.78 -14.40 -1.83
N VAL B 37 -30.28 -13.25 -1.37
CA VAL B 37 -30.02 -12.77 -0.02
C VAL B 37 -31.17 -13.03 0.95
N GLY B 38 -32.39 -13.22 0.45
CA GLY B 38 -33.54 -13.38 1.31
C GLY B 38 -33.92 -14.82 1.58
N ILE B 39 -33.42 -15.74 0.75
CA ILE B 39 -33.75 -17.15 0.91
C ILE B 39 -32.87 -17.86 1.93
N LYS B 40 -31.91 -17.16 2.53
CA LYS B 40 -31.03 -17.79 3.53
C LYS B 40 -31.76 -18.04 4.85
N LYS B 41 -32.71 -17.17 5.20
CA LYS B 41 -33.46 -17.35 6.43
C LYS B 41 -34.56 -18.39 6.28
N MET B 42 -35.08 -18.58 5.07
CA MET B 42 -36.13 -19.56 4.85
C MET B 42 -35.60 -20.99 4.83
N LEU B 43 -34.35 -21.17 4.43
CA LEU B 43 -33.74 -22.49 4.37
C LEU B 43 -33.15 -22.93 5.71
N GLU B 44 -33.10 -22.06 6.70
CA GLU B 44 -32.56 -22.40 8.01
C GLU B 44 -33.66 -22.49 9.06
N LYS B 46 -40.42 -23.41 3.99
CA LYS B 46 -39.17 -24.08 4.34
C LYS B 46 -39.18 -25.53 3.87
N GLY B 47 -40.05 -26.34 4.47
CA GLY B 47 -40.14 -27.75 4.11
C GLY B 47 -40.98 -27.94 2.85
N LYS B 48 -42.23 -27.49 2.88
CA LYS B 48 -43.12 -27.64 1.74
C LYS B 48 -42.92 -26.56 0.69
N GLN B 49 -42.34 -25.42 1.07
CA GLN B 49 -42.12 -24.34 0.11
C GLN B 49 -40.96 -24.64 -0.82
N TRP B 50 -39.91 -25.32 -0.33
CA TRP B 50 -38.76 -25.65 -1.16
C TRP B 50 -38.89 -27.01 -1.85
N GLU B 51 -39.89 -27.81 -1.48
CA GLU B 51 -40.06 -29.11 -2.11
C GLU B 51 -40.68 -29.02 -3.50
N ALA B 52 -41.36 -27.91 -3.81
CA ALA B 52 -41.98 -27.73 -5.11
C ALA B 52 -41.35 -26.61 -5.94
N ILE B 53 -40.78 -25.59 -5.29
CA ILE B 53 -40.15 -24.50 -6.04
C ILE B 53 -38.80 -24.91 -6.61
N GLN B 54 -38.01 -25.66 -5.85
CA GLN B 54 -36.69 -26.10 -6.30
C GLN B 54 -36.75 -27.36 -7.17
N PRO B 55 -37.93 -27.98 -7.32
CA PRO B 55 -38.03 -29.19 -8.12
C PRO B 55 -38.06 -28.89 -9.61
N TYR B 56 -38.43 -27.66 -9.99
CA TYR B 56 -38.49 -27.31 -11.41
C TYR B 56 -37.10 -27.09 -12.00
N PHE B 57 -36.19 -26.50 -11.23
CA PHE B 57 -34.83 -26.29 -11.72
C PHE B 57 -34.05 -27.59 -11.81
N ASP B 58 -34.26 -28.50 -10.85
CA ASP B 58 -33.64 -29.82 -10.88
C ASP B 58 -34.13 -30.69 -12.03
N ASN B 59 -35.29 -30.37 -12.61
CA ASN B 59 -35.74 -30.99 -13.84
C ASN B 59 -35.27 -30.22 -15.08
N VAL B 60 -35.21 -28.90 -15.01
CA VAL B 60 -34.67 -28.12 -16.13
C VAL B 60 -33.18 -28.34 -16.29
N VAL B 61 -32.46 -28.54 -15.19
CA VAL B 61 -31.05 -28.92 -15.27
C VAL B 61 -30.88 -30.34 -15.80
N ARG B 62 -31.85 -31.22 -15.53
CA ARG B 62 -31.87 -32.51 -16.22
C ARG B 62 -32.14 -32.32 -17.70
N GLU B 63 -33.01 -31.36 -18.05
CA GLU B 63 -33.22 -31.02 -19.45
C GLU B 63 -32.07 -30.19 -19.99
N ALA B 64 -31.22 -29.67 -19.12
CA ALA B 64 -29.95 -29.07 -19.53
C ALA B 64 -28.92 -30.19 -19.62
N LYS B 65 -29.08 -31.05 -20.63
CA LYS B 65 -28.09 -32.10 -20.88
C LYS B 65 -26.86 -31.54 -21.57
N ASN B 66 -27.01 -30.47 -22.34
CA ASN B 66 -25.86 -29.76 -22.86
C ASN B 66 -25.34 -28.80 -21.80
N PHE B 67 -24.10 -29.01 -21.36
CA PHE B 67 -23.52 -28.24 -20.25
C PHE B 67 -23.25 -26.81 -20.67
N LEU B 68 -22.53 -26.61 -21.76
CA LEU B 68 -22.20 -25.28 -22.25
C LEU B 68 -23.30 -24.69 -23.12
N GLU B 69 -24.52 -24.72 -22.60
CA GLU B 69 -25.68 -24.08 -23.21
C GLU B 69 -26.04 -22.82 -22.45
N TRP B 70 -25.10 -22.30 -21.67
CA TRP B 70 -25.33 -21.12 -20.84
C TRP B 70 -24.01 -20.37 -20.72
N SER B 71 -23.83 -19.36 -21.58
CA SER B 71 -22.65 -18.51 -21.52
C SER B 71 -22.83 -17.31 -20.60
N PRO B 72 -24.05 -17.03 -20.19
CA PRO B 72 -24.34 -15.95 -19.25
C PRO B 72 -24.29 -16.50 -17.82
N ASN B 73 -24.83 -15.76 -16.86
CA ASN B 73 -24.85 -16.16 -15.46
C ASN B 73 -26.01 -17.09 -15.11
N LYS B 74 -26.55 -17.81 -16.10
CA LYS B 74 -27.63 -18.77 -15.86
C LYS B 74 -27.17 -19.94 -14.98
N ARG B 75 -25.91 -20.35 -15.12
CA ARG B 75 -25.39 -21.44 -14.29
C ARG B 75 -25.27 -21.01 -12.83
N LEU B 76 -24.66 -19.84 -12.60
CA LEU B 76 -24.50 -19.31 -11.24
C LEU B 76 -25.85 -18.95 -10.61
N ALA B 77 -26.86 -18.63 -11.43
CA ALA B 77 -28.21 -18.43 -10.92
C ALA B 77 -28.89 -19.76 -10.60
N ASN B 78 -28.68 -20.77 -11.44
CA ASN B 78 -29.19 -22.11 -11.15
C ASN B 78 -28.39 -22.81 -10.06
N ALA B 79 -27.16 -22.36 -9.80
CA ALA B 79 -26.35 -22.94 -8.73
C ALA B 79 -26.97 -22.66 -7.35
N VAL B 80 -27.68 -21.53 -7.21
CA VAL B 80 -28.34 -21.22 -5.96
C VAL B 80 -29.55 -22.13 -5.77
N THR B 81 -30.29 -22.42 -6.85
CA THR B 81 -31.47 -23.26 -6.75
C THR B 81 -31.11 -24.73 -6.51
N VAL B 82 -29.99 -25.19 -7.07
CA VAL B 82 -29.54 -26.56 -6.82
C VAL B 82 -28.98 -26.70 -5.42
N ALA B 83 -28.24 -25.70 -4.95
CA ALA B 83 -27.76 -25.72 -3.57
C ALA B 83 -28.89 -25.53 -2.57
N ALA B 84 -29.96 -24.85 -2.96
CA ALA B 84 -31.18 -24.86 -2.14
C ALA B 84 -31.89 -26.20 -2.24
N TYR B 85 -31.74 -26.89 -3.37
CA TYR B 85 -32.28 -28.24 -3.51
C TYR B 85 -31.40 -29.26 -2.79
N LEU B 86 -30.17 -28.88 -2.45
CA LEU B 86 -29.29 -29.69 -1.61
C LEU B 86 -29.22 -29.21 -0.17
N THR B 87 -29.90 -28.11 0.18
CA THR B 87 -29.80 -27.54 1.52
C THR B 87 -30.53 -28.38 2.57
N SER B 88 -31.81 -28.70 2.31
CA SER B 88 -32.59 -29.46 3.27
C SER B 88 -32.14 -30.91 3.38
N GLN B 89 -31.34 -31.39 2.43
CA GLN B 89 -30.79 -32.73 2.46
C GLN B 89 -29.40 -32.72 3.11
N GLY B 90 -28.78 -33.90 3.20
CA GLY B 90 -27.53 -34.04 3.93
C GLY B 90 -26.28 -33.48 3.27
N LEU B 91 -25.85 -34.12 2.17
CA LEU B 91 -24.68 -33.74 1.37
C LEU B 91 -23.40 -33.73 2.23
N LYS B 92 -23.02 -34.94 2.65
CA LYS B 92 -21.80 -35.12 3.43
C LYS B 92 -20.57 -34.82 2.59
N THR B 93 -19.56 -34.22 3.23
CA THR B 93 -18.45 -33.60 2.51
C THR B 93 -17.36 -34.61 2.14
N ASN B 94 -17.21 -35.67 2.96
CA ASN B 94 -16.21 -36.70 2.70
C ASN B 94 -16.51 -37.51 1.42
N GLN B 95 -17.78 -37.59 1.02
CA GLN B 95 -18.13 -38.17 -0.27
C GLN B 95 -18.02 -37.15 -1.39
N VAL B 96 -18.18 -35.87 -1.08
CA VAL B 96 -18.04 -34.81 -2.06
C VAL B 96 -16.60 -34.63 -2.52
N ARG B 97 -15.63 -34.62 -1.58
CA ARG B 97 -14.27 -34.16 -1.83
C ARG B 97 -13.54 -35.02 -2.87
N LYS B 98 -13.58 -36.35 -2.70
CA LYS B 98 -12.81 -37.26 -3.55
C LYS B 98 -13.25 -37.21 -5.01
N ILE B 99 -14.54 -36.94 -5.24
CA ILE B 99 -15.03 -36.74 -6.59
C ILE B 99 -14.49 -35.45 -7.17
N LEU B 100 -14.29 -34.43 -6.32
CA LEU B 100 -13.90 -33.12 -6.80
C LEU B 100 -12.41 -32.85 -6.64
N ASP B 101 -11.73 -33.60 -5.78
CA ASP B 101 -10.27 -33.55 -5.76
C ASP B 101 -9.66 -34.44 -6.83
N MET B 102 -10.50 -35.20 -7.53
CA MET B 102 -10.11 -35.83 -8.77
C MET B 102 -10.36 -34.90 -9.96
N ALA B 103 -11.33 -33.99 -9.81
CA ALA B 103 -11.62 -33.04 -10.88
C ALA B 103 -10.56 -31.96 -10.99
N ARG B 104 -9.76 -31.75 -9.95
CA ARG B 104 -8.64 -30.81 -10.04
C ARG B 104 -7.45 -31.48 -10.72
N THR B 105 -7.21 -32.75 -10.43
CA THR B 105 -6.05 -33.44 -10.99
C THR B 105 -6.19 -33.66 -12.48
N THR B 106 -7.41 -33.74 -12.98
CA THR B 106 -7.64 -33.60 -14.41
C THR B 106 -7.24 -32.21 -14.90
N GLU B 107 -7.60 -31.16 -14.14
CA GLU B 107 -7.25 -29.80 -14.53
C GLU B 107 -5.76 -29.53 -14.37
N LEU B 108 -5.10 -30.19 -13.39
CA LEU B 108 -3.67 -29.98 -13.21
C LEU B 108 -2.88 -30.61 -14.34
N LYS B 109 -3.43 -31.62 -15.00
CA LYS B 109 -2.83 -32.20 -16.19
C LYS B 109 -3.21 -31.46 -17.48
N VAL B 110 -4.12 -30.48 -17.41
CA VAL B 110 -4.38 -29.63 -18.57
C VAL B 110 -3.21 -28.69 -18.80
N LYS B 111 -2.54 -28.26 -17.73
CA LYS B 111 -1.47 -27.26 -17.81
C LYS B 111 -0.22 -27.85 -18.45
N ARG B 112 -0.27 -28.01 -19.79
CA ARG B 112 0.79 -28.54 -20.64
C ARG B 112 1.23 -29.97 -20.27
N GLY B 113 0.38 -30.71 -19.56
CA GLY B 113 0.71 -32.06 -19.16
C GLY B 113 0.16 -33.14 -20.06
N GLU B 114 -1.16 -33.10 -20.31
CA GLU B 114 -1.83 -34.11 -21.12
C GLU B 114 -2.86 -33.43 -22.02
N GLY B 115 -3.42 -34.21 -22.93
CA GLY B 115 -4.48 -33.73 -23.80
C GLY B 115 -5.64 -34.72 -23.91
N ASP B 116 -5.46 -35.91 -23.35
CA ASP B 116 -6.47 -36.96 -23.40
C ASP B 116 -6.68 -37.48 -21.98
N ILE B 117 -7.82 -37.11 -21.37
CA ILE B 117 -8.15 -37.54 -20.02
C ILE B 117 -9.35 -38.49 -20.15
N LYS B 118 -9.38 -39.21 -21.27
CA LYS B 118 -10.50 -40.12 -21.55
C LYS B 118 -10.54 -41.31 -20.60
N ASP B 119 -9.36 -41.78 -20.16
CA ASP B 119 -9.31 -42.95 -19.28
C ASP B 119 -9.73 -42.63 -17.85
N ASP B 120 -9.72 -41.35 -17.46
CA ASP B 120 -10.10 -40.96 -16.11
C ASP B 120 -11.57 -40.56 -15.97
N LEU B 121 -12.23 -40.21 -17.07
CA LEU B 121 -13.64 -39.85 -17.02
C LEU B 121 -14.53 -41.07 -16.81
N VAL B 122 -14.08 -42.26 -17.20
CA VAL B 122 -14.79 -43.48 -16.85
C VAL B 122 -14.68 -43.73 -15.35
N LYS B 123 -13.50 -43.48 -14.78
CA LYS B 123 -13.32 -43.59 -13.33
C LYS B 123 -14.01 -42.45 -12.60
N MET B 124 -14.22 -41.31 -13.27
CA MET B 124 -14.91 -40.20 -12.63
C MET B 124 -16.40 -40.49 -12.47
N ARG B 125 -17.03 -41.10 -13.49
CA ARG B 125 -18.41 -41.52 -13.36
C ARG B 125 -18.58 -42.73 -12.45
N TYR B 126 -17.52 -43.51 -12.25
CA TYR B 126 -17.60 -44.67 -11.37
C TYR B 126 -17.58 -44.27 -9.90
N LEU B 127 -16.91 -43.17 -9.55
CA LEU B 127 -16.88 -42.72 -8.17
C LEU B 127 -18.22 -42.16 -7.72
N LEU B 128 -18.99 -41.57 -8.64
CA LEU B 128 -20.34 -41.13 -8.30
C LEU B 128 -21.30 -42.31 -8.22
N ALA B 129 -21.07 -43.36 -9.01
CA ALA B 129 -21.87 -44.57 -8.89
C ALA B 129 -21.51 -45.34 -7.63
N TYR B 130 -20.25 -45.26 -7.20
CA TYR B 130 -19.84 -45.87 -5.94
C TYR B 130 -20.34 -45.07 -4.74
N THR B 131 -20.60 -43.77 -4.93
CA THR B 131 -21.04 -42.92 -3.83
C THR B 131 -22.51 -43.15 -3.51
N VAL B 132 -23.36 -43.24 -4.54
CA VAL B 132 -24.79 -43.44 -4.31
C VAL B 132 -25.10 -44.88 -3.90
N GLY B 133 -24.18 -45.82 -4.11
CA GLY B 133 -24.35 -47.18 -3.66
C GLY B 133 -23.83 -47.47 -2.27
N LYS B 134 -23.12 -46.53 -1.66
CA LYS B 134 -22.55 -46.69 -0.34
C LYS B 134 -23.37 -45.99 0.74
N ALA B 135 -23.81 -44.76 0.49
CA ALA B 135 -24.59 -43.99 1.45
C ALA B 135 -26.02 -44.54 1.48
N THR B 136 -26.30 -45.40 2.45
CA THR B 136 -27.62 -46.00 2.61
C THR B 136 -28.21 -45.56 3.94
N GLY B 137 -29.54 -45.48 3.98
CA GLY B 137 -30.24 -45.07 5.18
C GLY B 137 -31.12 -43.85 4.97
N GLN B 138 -30.89 -42.81 5.77
CA GLN B 138 -31.65 -41.58 5.65
C GLN B 138 -31.08 -40.64 4.59
N SER B 139 -30.02 -41.02 3.89
CA SER B 139 -29.38 -40.18 2.89
C SER B 139 -29.68 -40.64 1.47
N LYS B 140 -30.92 -41.09 1.21
CA LYS B 140 -31.26 -41.58 -0.12
C LYS B 140 -31.55 -40.43 -1.07
N TYR B 141 -32.57 -39.61 -0.76
CA TYR B 141 -32.93 -38.48 -1.60
C TYR B 141 -31.90 -37.37 -1.58
N SER B 142 -30.98 -37.38 -0.60
CA SER B 142 -29.84 -36.48 -0.64
C SER B 142 -28.92 -36.81 -1.81
N LEU B 143 -28.35 -38.01 -1.81
CA LEU B 143 -27.43 -38.42 -2.87
C LEU B 143 -28.12 -38.62 -4.21
N ASP B 144 -29.45 -38.79 -4.22
CA ASP B 144 -30.16 -38.87 -5.49
C ASP B 144 -30.52 -37.51 -6.02
N ALA B 145 -30.54 -36.48 -5.16
CA ALA B 145 -30.46 -35.11 -5.63
C ALA B 145 -29.10 -34.84 -6.25
N PHE B 146 -28.05 -35.46 -5.70
CA PHE B 146 -26.72 -35.34 -6.27
C PHE B 146 -26.60 -36.15 -7.56
N HIS B 147 -27.25 -37.30 -7.62
CA HIS B 147 -27.23 -38.18 -8.79
C HIS B 147 -28.09 -37.66 -9.93
N ARG B 148 -29.02 -36.76 -9.65
CA ARG B 148 -29.96 -36.29 -10.67
C ARG B 148 -29.32 -35.28 -11.61
N ILE B 149 -28.70 -34.24 -11.07
CA ILE B 149 -28.40 -33.04 -11.86
C ILE B 149 -27.07 -33.18 -12.62
N LEU B 150 -26.10 -33.91 -12.07
CA LEU B 150 -24.77 -33.90 -12.67
C LEU B 150 -24.61 -34.90 -13.81
N ASP B 151 -25.35 -36.01 -13.78
CA ASP B 151 -25.29 -36.98 -14.87
C ASP B 151 -25.75 -36.48 -16.25
N PRO B 152 -26.62 -35.47 -16.39
CA PRO B 152 -26.71 -34.81 -17.71
C PRO B 152 -25.42 -34.14 -18.16
N MET B 153 -24.62 -33.65 -17.23
CA MET B 153 -23.34 -33.04 -17.58
C MET B 153 -22.18 -34.01 -17.51
N LEU B 154 -22.31 -35.12 -16.78
CA LEU B 154 -21.21 -36.07 -16.69
C LEU B 154 -21.12 -37.00 -17.89
N GLU B 155 -22.06 -36.92 -18.83
CA GLU B 155 -21.87 -37.59 -20.10
C GLU B 155 -21.16 -36.72 -21.12
N VAL B 156 -21.07 -35.41 -20.87
CA VAL B 156 -20.67 -34.47 -21.90
C VAL B 156 -19.16 -34.49 -22.10
N LEU B 157 -18.40 -34.81 -21.06
CA LEU B 157 -16.94 -34.67 -21.11
C LEU B 157 -16.27 -35.72 -21.96
N MET B 158 -16.99 -36.80 -22.33
CA MET B 158 -16.38 -37.88 -23.11
C MET B 158 -16.08 -37.42 -24.54
N GLY B 159 -17.11 -37.02 -25.27
CA GLY B 159 -16.92 -36.54 -26.63
C GLY B 159 -16.79 -35.03 -26.73
N SER B 160 -15.82 -34.46 -26.01
CA SER B 160 -15.61 -33.02 -26.01
C SER B 160 -14.17 -32.75 -25.59
N PRO B 161 -13.58 -31.62 -26.03
CA PRO B 161 -12.23 -31.25 -25.55
C PRO B 161 -12.22 -30.74 -24.13
N LYS B 162 -11.06 -30.26 -23.67
CA LYS B 162 -10.93 -29.68 -22.34
C LYS B 162 -10.73 -28.17 -22.34
N LYS B 163 -10.04 -27.63 -23.36
CA LYS B 163 -9.79 -26.19 -23.48
C LYS B 163 -11.07 -25.38 -23.64
N GLU B 164 -12.13 -26.00 -24.15
CA GLU B 164 -13.49 -25.53 -23.96
C GLU B 164 -14.28 -26.68 -23.37
N ASN B 165 -15.50 -26.37 -22.93
CA ASN B 165 -16.59 -27.32 -22.71
C ASN B 165 -16.35 -28.29 -21.53
N PHE B 166 -15.24 -28.12 -20.83
CA PHE B 166 -15.03 -28.68 -19.51
C PHE B 166 -14.89 -27.61 -18.44
N GLU B 167 -14.17 -26.54 -18.77
CA GLU B 167 -13.87 -25.46 -17.84
C GLU B 167 -15.13 -24.76 -17.34
N LYS B 168 -16.16 -24.71 -18.19
CA LYS B 168 -17.41 -24.11 -17.80
C LYS B 168 -18.14 -24.95 -16.76
N PHE B 169 -17.89 -26.26 -16.74
CA PHE B 169 -18.35 -27.04 -15.59
C PHE B 169 -17.46 -26.81 -14.38
N TYR B 170 -16.17 -26.55 -14.59
CA TYR B 170 -15.24 -26.34 -13.48
C TYR B 170 -15.53 -25.05 -12.73
N ASP B 171 -16.24 -24.11 -13.36
CA ASP B 171 -16.78 -22.98 -12.62
C ASP B 171 -18.05 -23.38 -11.87
N PHE B 172 -18.92 -24.16 -12.51
CA PHE B 172 -20.15 -24.63 -11.89
C PHE B 172 -19.90 -25.81 -10.97
N LEU B 173 -18.67 -26.35 -11.00
CA LEU B 173 -18.21 -27.33 -10.01
C LEU B 173 -18.34 -26.79 -8.59
N GLN B 174 -17.69 -25.65 -8.31
CA GLN B 174 -17.70 -25.09 -6.96
C GLN B 174 -18.83 -24.10 -6.73
N ALA B 175 -19.61 -23.78 -7.76
CA ALA B 175 -20.69 -22.80 -7.63
C ALA B 175 -21.79 -23.31 -6.71
N VAL B 176 -22.06 -24.61 -6.78
CA VAL B 176 -23.11 -25.22 -5.98
C VAL B 176 -22.57 -25.57 -4.60
N VAL B 177 -21.25 -25.79 -4.50
CA VAL B 177 -20.61 -26.11 -3.21
C VAL B 177 -20.72 -24.93 -2.26
N ALA B 178 -20.53 -23.71 -2.76
CA ALA B 178 -20.35 -22.55 -1.91
C ALA B 178 -21.65 -22.02 -1.32
N TYR B 179 -22.70 -21.87 -2.14
CA TYR B 179 -23.98 -21.43 -1.61
C TYR B 179 -24.60 -22.47 -0.69
N HIS B 180 -24.25 -23.74 -0.84
CA HIS B 180 -24.72 -24.77 0.07
C HIS B 180 -24.21 -24.55 1.48
N LYS B 181 -23.00 -24.01 1.63
CA LYS B 181 -22.55 -23.51 2.93
C LYS B 181 -23.33 -22.26 3.34
N PHE B 182 -23.72 -21.43 2.37
CA PHE B 182 -24.36 -20.15 2.69
C PHE B 182 -25.78 -20.32 3.19
N PHE B 183 -26.49 -21.35 2.71
CA PHE B 183 -27.83 -21.63 3.22
C PHE B 183 -27.82 -22.46 4.50
N GLY B 184 -26.66 -22.87 4.99
CA GLY B 184 -26.58 -23.55 6.27
C GLY B 184 -26.24 -25.03 6.19
N GLY B 185 -25.36 -25.41 5.26
CA GLY B 185 -24.92 -26.77 5.12
C GLY B 185 -23.47 -26.98 5.55
N GLY B 186 -23.00 -28.20 5.31
CA GLY B 186 -21.64 -28.56 5.66
C GLY B 186 -21.53 -29.95 6.26
N ARG C 4 34.44 8.62 -26.66
CA ARG C 4 35.71 8.28 -25.96
C ARG C 4 36.24 6.93 -26.46
N ARG C 5 36.78 6.91 -27.67
CA ARG C 5 37.37 5.68 -28.29
C ARG C 5 36.32 4.56 -28.33
N PHE C 6 35.08 4.84 -28.69
CA PHE C 6 34.05 3.77 -28.78
C PHE C 6 34.46 2.81 -29.89
N TYR C 7 34.37 1.51 -29.68
CA TYR C 7 34.75 0.52 -30.72
C TYR C 7 33.52 -0.29 -31.12
N GLY C 8 32.90 -0.93 -30.16
CA GLY C 8 31.69 -1.74 -30.41
C GLY C 8 30.94 -2.05 -29.14
N LYS C 9 29.72 -2.58 -29.24
CA LYS C 9 28.92 -2.94 -28.05
C LYS C 9 28.66 -4.44 -28.07
N ILE C 10 28.96 -5.16 -26.99
CA ILE C 10 28.71 -6.63 -26.96
C ILE C 10 27.37 -6.85 -26.24
N VAL C 11 26.42 -7.50 -26.87
CA VAL C 11 25.08 -7.68 -26.24
C VAL C 11 24.90 -9.15 -25.84
N ILE C 12 24.56 -9.41 -24.59
CA ILE C 12 24.33 -10.80 -24.10
C ILE C 12 22.84 -10.96 -23.81
N LYS C 13 22.18 -11.91 -24.46
CA LYS C 13 20.72 -12.12 -24.21
C LYS C 13 20.52 -13.56 -23.71
N GLY C 14 19.82 -13.72 -22.60
CA GLY C 14 19.60 -15.04 -22.00
C GLY C 14 18.35 -15.04 -21.15
N LYS C 15 17.92 -16.19 -20.63
CA LYS C 15 16.70 -16.18 -19.80
C LYS C 15 17.04 -16.43 -18.33
N ILE C 16 16.66 -15.50 -17.46
CA ILE C 16 16.74 -15.71 -16.02
C ILE C 16 15.57 -16.59 -15.62
N LYS C 17 15.82 -17.63 -14.85
CA LYS C 17 14.79 -18.59 -14.50
C LYS C 17 14.74 -18.76 -13.00
N ALA C 18 13.55 -18.71 -12.43
CA ALA C 18 13.37 -18.78 -10.98
C ALA C 18 13.09 -20.22 -10.57
N VAL C 19 14.12 -20.92 -10.12
CA VAL C 19 13.97 -22.31 -9.73
C VAL C 19 13.28 -22.38 -8.38
N THR C 20 13.44 -21.37 -7.56
CA THR C 20 12.70 -21.22 -6.34
C THR C 20 12.08 -19.84 -6.37
N GLY C 21 11.08 -19.60 -5.54
CA GLY C 21 10.26 -18.42 -5.67
C GLY C 21 10.93 -17.10 -5.39
N LEU C 22 11.14 -16.32 -6.44
CA LEU C 22 11.83 -15.00 -6.38
C LEU C 22 10.97 -13.97 -5.64
N HIS C 23 11.61 -13.09 -4.87
CA HIS C 23 10.94 -12.02 -4.15
C HIS C 23 11.81 -10.79 -4.10
N ILE C 24 11.41 -9.74 -4.80
CA ILE C 24 12.12 -8.48 -4.81
C ILE C 24 11.12 -7.40 -4.40
N GLY C 25 11.22 -6.92 -3.17
CA GLY C 25 10.11 -6.21 -2.56
C GLY C 25 9.93 -4.79 -3.00
N SER C 26 8.87 -4.15 -2.47
CA SER C 26 8.51 -2.75 -2.71
C SER C 26 8.45 -1.90 -1.45
N GLN C 27 7.84 -2.43 -0.38
CA GLN C 27 7.18 -1.63 0.66
C GLN C 27 6.38 -0.46 0.09
N ALA C 37 0.75 -8.98 0.98
CA ALA C 37 0.98 -8.16 2.16
C ALA C 37 2.46 -7.80 2.35
N ASN C 38 3.29 -8.27 1.42
CA ASN C 38 4.65 -7.78 1.20
C ASN C 38 4.94 -7.90 -0.27
N PRO C 39 4.66 -6.89 -1.08
CA PRO C 39 4.57 -7.09 -2.51
C PRO C 39 5.93 -7.12 -3.18
N VAL C 40 6.09 -8.05 -4.11
CA VAL C 40 7.16 -7.97 -5.08
C VAL C 40 6.82 -6.85 -6.05
N ILE C 41 7.85 -6.21 -6.64
CA ILE C 41 7.56 -5.04 -7.49
C ILE C 41 6.90 -5.48 -8.78
N LYS C 42 6.10 -4.59 -9.34
CA LYS C 42 5.19 -4.88 -10.42
C LYS C 42 5.13 -3.68 -11.35
N ASP C 43 4.83 -3.96 -12.60
CA ASP C 43 4.61 -2.92 -13.59
C ASP C 43 3.30 -2.21 -13.27
N PRO C 44 3.25 -0.87 -13.25
CA PRO C 44 2.01 -0.19 -12.83
C PRO C 44 0.89 -0.25 -13.83
N HIS C 45 1.10 -0.92 -14.96
CA HIS C 45 -0.01 -1.04 -15.94
C HIS C 45 -0.43 -2.51 -16.06
N THR C 46 0.48 -3.39 -16.50
CA THR C 46 0.18 -4.83 -16.62
C THR C 46 -0.04 -5.44 -15.24
N GLY C 47 0.78 -5.07 -14.26
CA GLY C 47 0.70 -5.62 -12.89
C GLY C 47 1.55 -6.86 -12.73
N LEU C 48 2.17 -7.34 -13.81
CA LEU C 48 3.05 -8.53 -13.81
C LEU C 48 4.38 -8.16 -13.12
N PRO C 49 5.03 -9.11 -12.44
CA PRO C 49 6.28 -8.81 -11.75
C PRO C 49 7.42 -8.63 -12.75
N TYR C 50 8.52 -8.07 -12.27
CA TYR C 50 9.70 -7.95 -13.11
C TYR C 50 10.92 -7.90 -12.21
N ILE C 51 12.07 -8.17 -12.80
CA ILE C 51 13.35 -8.01 -12.10
C ILE C 51 14.01 -6.72 -12.58
N PRO C 52 14.37 -5.81 -11.70
CA PRO C 52 14.91 -4.53 -12.12
C PRO C 52 16.30 -4.66 -12.69
N GLY C 53 16.82 -3.54 -13.16
CA GLY C 53 18.18 -3.57 -13.60
C GLY C 53 19.10 -2.99 -12.61
N SER C 54 18.56 -2.20 -11.70
CA SER C 54 19.33 -1.78 -10.54
C SER C 54 19.58 -2.93 -9.61
N SER C 55 18.66 -3.86 -9.54
CA SER C 55 18.73 -4.95 -8.59
C SER C 55 19.47 -6.13 -9.11
N LEU C 56 19.65 -6.23 -10.39
CA LEU C 56 20.49 -7.27 -10.93
C LEU C 56 21.91 -6.81 -11.15
N LYS C 57 22.12 -5.56 -11.55
CA LYS C 57 23.47 -5.01 -11.66
C LYS C 57 24.17 -4.99 -10.31
N GLY C 58 23.50 -4.49 -9.31
CA GLY C 58 24.11 -4.34 -8.02
C GLY C 58 24.28 -5.61 -7.26
N ARG C 59 23.59 -6.67 -7.62
CA ARG C 59 23.89 -7.94 -7.00
C ARG C 59 25.08 -8.61 -7.65
N LEU C 60 25.34 -8.30 -8.91
CA LEU C 60 26.56 -8.76 -9.56
C LEU C 60 27.75 -7.97 -9.08
N ARG C 61 27.60 -6.65 -8.91
CA ARG C 61 28.71 -5.79 -8.42
C ARG C 61 29.10 -6.19 -6.99
N SER C 62 28.12 -6.42 -6.14
CA SER C 62 28.32 -6.83 -4.76
C SER C 62 29.12 -8.10 -4.64
N LEU C 63 28.68 -9.15 -5.33
CA LEU C 63 29.31 -10.45 -5.23
C LEU C 63 30.70 -10.44 -5.81
N PHE C 64 30.99 -9.50 -6.69
CA PHE C 64 32.29 -9.42 -7.32
C PHE C 64 33.25 -8.54 -6.55
N GLU C 65 32.77 -7.56 -5.79
CA GLU C 65 33.69 -6.83 -4.93
C GLU C 65 34.16 -7.70 -3.78
N ILE C 66 33.31 -8.60 -3.28
CA ILE C 66 33.72 -9.55 -2.28
C ILE C 66 34.72 -10.52 -2.87
N LEU C 67 34.61 -10.77 -4.17
CA LEU C 67 35.55 -11.63 -4.93
C LEU C 67 36.93 -10.98 -5.06
N VAL C 68 37.02 -9.68 -5.35
CA VAL C 68 38.28 -8.98 -5.55
C VAL C 68 38.96 -8.71 -4.23
N ASN C 69 38.16 -8.47 -3.19
CA ASN C 69 38.64 -8.19 -1.86
C ASN C 69 39.48 -9.33 -1.30
N SER C 70 39.11 -10.55 -1.60
CA SER C 70 39.92 -11.68 -1.21
C SER C 70 41.21 -11.78 -2.00
N ARG C 71 41.26 -11.18 -3.19
CA ARG C 71 42.40 -11.35 -4.08
C ARG C 71 43.14 -10.05 -4.33
N LEU C 72 43.36 -9.24 -3.31
CA LEU C 72 44.14 -8.02 -3.49
C LEU C 72 45.63 -8.27 -3.57
N GLY C 73 46.09 -9.52 -3.48
CA GLY C 73 47.50 -9.80 -3.62
C GLY C 73 47.87 -10.42 -4.95
N GLU C 74 47.07 -11.37 -5.41
CA GLU C 74 47.38 -12.06 -6.65
C GLU C 74 47.18 -11.20 -7.87
N TRP C 75 46.35 -10.17 -7.77
CA TRP C 75 45.92 -9.42 -8.93
C TRP C 75 46.61 -8.08 -9.06
N ARG C 76 47.75 -7.90 -8.42
CA ARG C 76 48.38 -6.60 -8.43
C ARG C 76 49.08 -6.32 -9.75
N GLU C 77 49.44 -7.36 -10.49
CA GLU C 77 50.12 -7.17 -11.76
C GLU C 77 49.15 -7.10 -12.92
N LYS C 78 48.13 -7.97 -12.94
CA LYS C 78 47.14 -7.91 -14.01
C LYS C 78 46.26 -6.68 -13.87
N TYR C 79 46.05 -6.24 -12.64
CA TYR C 79 45.25 -5.00 -12.45
C TYR C 79 46.07 -4.04 -11.58
N PRO C 80 46.46 -2.89 -12.13
CA PRO C 80 47.16 -1.82 -11.42
C PRO C 80 46.16 -1.05 -10.54
N SER C 81 46.66 -0.42 -9.47
CA SER C 81 45.93 0.38 -8.44
C SER C 81 45.22 -0.53 -7.43
N LEU C 82 45.46 -1.84 -7.48
CA LEU C 82 44.89 -2.78 -6.49
C LEU C 82 45.89 -2.95 -5.34
N ALA C 83 47.07 -2.32 -5.45
CA ALA C 83 48.11 -2.38 -4.41
C ALA C 83 47.91 -1.23 -3.42
N ASN C 84 46.92 -0.37 -3.66
CA ASN C 84 46.65 0.77 -2.74
C ASN C 84 45.60 0.37 -1.69
N TYR C 85 45.05 -0.83 -1.73
CA TYR C 85 44.03 -1.19 -0.77
C TYR C 85 44.44 -2.42 0.01
N SER C 86 44.14 -2.42 1.28
CA SER C 86 44.29 -3.58 2.13
C SER C 86 42.89 -4.12 2.46
N PRO C 87 42.70 -5.43 2.49
CA PRO C 87 41.33 -5.97 2.38
C PRO C 87 40.45 -5.71 3.60
N GLY C 88 39.42 -4.94 3.42
CA GLY C 88 38.53 -4.63 4.52
C GLY C 88 37.66 -3.43 4.23
N SER C 89 36.90 -3.03 5.24
CA SER C 89 36.01 -1.90 5.15
C SER C 89 36.56 -0.74 5.96
N CYS C 90 36.43 0.45 5.41
CA CYS C 90 36.93 1.70 6.03
C CYS C 90 35.90 2.25 7.01
N ARG C 91 35.02 1.36 7.47
CA ARG C 91 33.91 1.67 8.42
C ARG C 91 34.46 2.08 9.78
N PRO C 92 35.51 1.40 10.25
CA PRO C 92 36.11 1.66 11.57
C PRO C 92 36.63 3.11 11.64
N ASP C 93 37.22 3.61 10.57
CA ASP C 93 37.75 5.00 10.57
C ASP C 93 36.86 5.86 9.68
N ASN C 94 36.01 6.72 10.23
CA ASN C 94 35.10 7.47 9.37
C ASN C 94 35.83 8.49 8.49
N GLN C 95 36.73 7.98 7.68
CA GLN C 95 37.29 8.71 6.56
C GLN C 95 37.19 7.84 5.33
N GLU C 96 36.71 8.44 4.25
CA GLU C 96 36.77 7.83 2.94
C GLU C 96 38.23 7.86 2.46
N ASN C 97 38.47 7.15 1.35
CA ASN C 97 39.75 6.81 0.70
C ASN C 97 40.91 6.61 1.67
N CYS C 98 40.67 5.85 2.72
CA CYS C 98 41.77 5.32 3.52
C CYS C 98 42.36 4.10 2.81
N GLY C 99 43.23 3.37 3.48
CA GLY C 99 43.94 2.32 2.79
C GLY C 99 43.19 1.01 2.64
N LYS C 100 41.88 1.01 2.82
CA LYS C 100 41.12 -0.21 2.70
C LYS C 100 40.41 -0.27 1.35
N PHE C 101 39.79 -1.42 1.08
CA PHE C 101 39.17 -1.63 -0.21
C PHE C 101 37.80 -0.99 -0.27
N PHE C 102 36.97 -1.16 0.76
CA PHE C 102 35.66 -0.56 0.74
C PHE C 102 35.80 0.82 1.34
N ASN C 103 35.78 1.83 0.49
CA ASN C 103 36.31 3.13 0.85
C ASN C 103 35.40 4.31 0.52
N ARG C 104 34.20 4.11 0.03
CA ARG C 104 33.27 5.20 -0.16
C ARG C 104 32.04 4.99 0.68
N LYS C 105 31.77 5.92 1.58
CA LYS C 105 30.59 5.86 2.44
C LYS C 105 29.45 6.50 1.68
N ILE C 106 28.52 5.68 1.19
CA ILE C 106 27.46 6.24 0.36
C ILE C 106 26.51 6.98 1.27
N ASN C 107 25.77 6.28 2.10
CA ASN C 107 25.14 6.94 3.23
C ASN C 107 25.67 6.40 4.54
N ARG C 108 25.51 5.10 4.76
CA ARG C 108 25.90 4.45 6.00
C ARG C 108 26.66 3.19 5.61
N GLY C 109 26.50 2.76 4.37
CA GLY C 109 27.18 1.57 3.91
C GLY C 109 28.39 1.90 3.08
N TRP C 110 29.46 1.13 3.26
CA TRP C 110 30.75 1.39 2.64
C TRP C 110 30.95 0.49 1.42
N ILE C 111 31.10 1.09 0.25
CA ILE C 111 31.22 0.40 -1.01
C ILE C 111 32.56 0.76 -1.62
N HIS C 112 33.18 -0.20 -2.31
CA HIS C 112 34.31 0.12 -3.16
C HIS C 112 33.85 0.94 -4.34
N VAL C 113 34.18 2.23 -4.35
CA VAL C 113 34.10 3.04 -5.57
C VAL C 113 35.40 3.83 -5.65
N CYS C 114 36.17 3.60 -6.72
CA CYS C 114 37.50 4.17 -6.90
C CYS C 114 37.46 5.69 -6.94
N PRO C 115 38.54 6.36 -6.54
CA PRO C 115 38.42 7.80 -6.29
C PRO C 115 38.63 8.67 -7.50
N ASP C 116 39.06 8.13 -8.62
CA ASP C 116 39.67 8.97 -9.65
C ASP C 116 39.76 8.15 -10.92
N TYR C 117 39.52 8.81 -12.06
CA TYR C 117 39.44 8.16 -13.38
C TYR C 117 40.67 7.34 -13.70
N GLU C 118 41.84 7.78 -13.24
CA GLU C 118 43.06 7.10 -13.64
C GLU C 118 43.38 5.94 -12.73
N THR C 119 42.70 5.84 -11.59
CA THR C 119 42.74 4.59 -10.86
C THR C 119 41.63 3.65 -11.25
N ALA C 120 40.43 4.18 -11.50
CA ALA C 120 39.30 3.33 -11.89
C ALA C 120 39.47 2.72 -13.25
N LEU C 121 40.37 3.22 -14.07
CA LEU C 121 40.74 2.54 -15.29
C LEU C 121 41.53 1.29 -15.01
N ALA C 122 42.09 1.15 -13.82
CA ALA C 122 42.94 0.03 -13.47
C ALA C 122 42.35 -0.89 -12.41
N CYS C 123 41.21 -0.57 -11.83
CA CYS C 123 40.54 -1.51 -10.96
C CYS C 123 39.77 -2.52 -11.79
N PRO C 124 39.72 -3.79 -11.40
CA PRO C 124 38.82 -4.73 -12.09
C PRO C 124 37.36 -4.46 -11.85
N VAL C 125 37.02 -3.83 -10.73
CA VAL C 125 35.63 -3.60 -10.38
C VAL C 125 35.11 -2.34 -11.03
N CYS C 126 35.79 -1.23 -10.79
CA CYS C 126 35.26 0.06 -11.18
C CYS C 126 35.41 0.34 -12.66
N ARG C 127 36.09 -0.51 -13.39
CA ARG C 127 36.22 -0.41 -14.83
C ARG C 127 34.98 -0.92 -15.52
N LEU C 128 34.29 -1.83 -14.87
CA LEU C 128 33.15 -2.50 -15.47
C LEU C 128 31.86 -1.92 -14.99
N PHE C 129 31.77 -1.64 -13.69
CA PHE C 129 30.53 -1.06 -13.10
C PHE C 129 30.66 0.47 -12.97
N GLY C 130 31.83 1.05 -13.21
CA GLY C 130 32.02 2.51 -13.15
C GLY C 130 32.34 3.02 -11.77
N ALA C 131 32.64 4.31 -11.63
CA ALA C 131 32.99 4.93 -10.32
C ALA C 131 32.72 6.43 -10.35
N SER C 132 32.64 7.08 -9.19
CA SER C 132 32.42 8.55 -9.11
C SER C 132 33.42 9.19 -8.13
N GLY C 133 34.10 10.26 -8.51
CA GLY C 133 35.05 10.95 -7.60
C GLY C 133 35.31 12.39 -8.05
N LYS C 134 35.82 13.28 -7.21
CA LYS C 134 36.07 14.65 -7.74
C LYS C 134 37.04 14.56 -8.92
N GLU C 135 37.23 15.63 -9.68
CA GLU C 135 38.15 15.63 -10.85
C GLU C 135 37.79 14.49 -11.82
N SER C 136 36.51 14.43 -12.17
CA SER C 136 35.86 13.49 -13.13
C SER C 136 35.53 12.14 -12.50
N ASN C 137 34.89 11.26 -13.26
CA ASN C 137 34.47 9.92 -12.78
C ASN C 137 34.41 8.96 -13.97
N PHE C 138 34.35 7.67 -13.69
CA PHE C 138 34.31 6.64 -14.77
C PHE C 138 32.88 6.12 -14.92
N PRO C 139 32.26 6.30 -16.09
CA PRO C 139 30.90 5.82 -16.38
C PRO C 139 30.93 4.29 -16.50
N SER C 140 29.85 3.60 -16.18
CA SER C 140 29.92 2.15 -16.23
C SER C 140 30.08 1.71 -17.67
N ARG C 141 30.49 0.46 -17.83
CA ARG C 141 30.54 -0.09 -19.16
C ARG C 141 29.44 -1.06 -19.45
N ILE C 142 28.59 -1.36 -18.52
CA ILE C 142 27.48 -2.26 -18.80
C ILE C 142 26.16 -1.56 -18.58
N ILE C 143 25.14 -2.14 -19.18
CA ILE C 143 23.77 -1.68 -19.10
C ILE C 143 22.97 -2.93 -18.82
N VAL C 144 22.48 -3.09 -17.61
CA VAL C 144 21.68 -4.26 -17.26
C VAL C 144 20.23 -3.87 -17.42
N ARG C 145 19.56 -4.39 -18.42
CA ARG C 145 18.18 -4.01 -18.62
C ARG C 145 17.28 -4.66 -17.58
N ASP C 146 16.03 -4.21 -17.54
CA ASP C 146 15.06 -4.85 -16.68
C ASP C 146 14.61 -6.16 -17.30
N ALA C 147 14.38 -7.16 -16.47
CA ALA C 147 14.08 -8.50 -16.94
C ALA C 147 12.60 -8.78 -16.77
N PHE C 148 11.82 -8.57 -17.82
CA PHE C 148 10.39 -8.80 -17.73
C PHE C 148 10.11 -10.30 -17.90
N LEU C 149 8.84 -10.67 -17.80
CA LEU C 149 8.48 -12.06 -18.07
C LEU C 149 8.54 -12.35 -19.55
N THR C 150 8.84 -13.60 -19.89
CA THR C 150 8.76 -14.02 -21.28
C THR C 150 7.29 -14.14 -21.70
N LYS C 151 7.08 -14.27 -23.00
CA LYS C 151 5.72 -14.30 -23.51
C LYS C 151 5.02 -15.62 -23.24
N GLU C 152 5.77 -16.66 -22.89
CA GLU C 152 5.12 -17.89 -22.45
C GLU C 152 4.44 -17.69 -21.12
N TRP C 153 4.95 -16.76 -20.31
CA TRP C 153 4.38 -16.56 -18.99
C TRP C 153 3.47 -15.35 -18.92
N GLU C 154 3.46 -14.50 -19.93
CA GLU C 154 2.30 -13.62 -20.10
C GLU C 154 1.08 -14.45 -20.43
N GLU C 155 1.26 -15.44 -21.29
CA GLU C 155 0.17 -16.25 -21.81
C GLU C 155 -0.19 -17.39 -20.89
N LYS C 156 0.43 -17.47 -19.71
CA LYS C 156 -0.14 -18.17 -18.58
C LYS C 156 -0.86 -17.22 -17.64
N TRP C 157 -0.43 -15.95 -17.58
CA TRP C 157 -1.19 -14.92 -16.90
C TRP C 157 -2.45 -14.54 -17.68
N ARG C 158 -2.37 -14.50 -19.03
CA ARG C 158 -3.57 -14.34 -19.84
C ARG C 158 -4.49 -15.54 -19.71
N ALA C 159 -3.91 -16.73 -19.58
CA ALA C 159 -4.67 -17.97 -19.46
C ALA C 159 -5.41 -18.09 -18.15
N GLY C 160 -5.07 -17.29 -17.15
CA GLY C 160 -5.75 -17.29 -15.87
C GLY C 160 -5.03 -18.01 -14.75
N GLU C 161 -3.80 -18.45 -14.97
CA GLU C 161 -3.06 -19.12 -13.90
C GLU C 161 -2.54 -18.09 -12.90
N ALA C 162 -1.97 -18.56 -11.82
CA ALA C 162 -1.32 -17.67 -10.89
C ALA C 162 0.06 -17.33 -11.45
N ILE C 163 0.60 -16.19 -11.00
CA ILE C 163 1.96 -15.82 -11.34
C ILE C 163 2.76 -15.33 -10.15
N THR C 164 2.12 -15.03 -9.03
CA THR C 164 2.76 -14.81 -7.74
C THR C 164 2.03 -15.68 -6.73
N GLU C 165 2.67 -15.96 -5.62
CA GLU C 165 2.02 -16.63 -4.52
C GLU C 165 2.12 -15.79 -3.27
N ALA C 166 1.44 -16.24 -2.22
CA ALA C 166 1.51 -15.60 -0.91
C ALA C 166 1.98 -16.66 0.06
N LYS C 167 3.21 -16.54 0.52
CA LYS C 167 3.78 -17.54 1.41
C LYS C 167 3.72 -17.03 2.83
N ILE C 168 3.40 -17.93 3.75
CA ILE C 168 3.27 -17.60 5.15
C ILE C 168 4.41 -18.25 5.91
N GLU C 169 5.13 -17.40 6.64
CA GLU C 169 6.31 -17.73 7.48
C GLU C 169 6.01 -17.27 8.92
N VAL C 170 6.52 -18.00 9.91
CA VAL C 170 6.24 -17.74 11.31
C VAL C 170 7.59 -17.66 12.04
N GLY C 171 7.65 -16.85 13.08
CA GLY C 171 8.77 -16.91 13.98
C GLY C 171 8.30 -17.57 15.26
N ILE C 172 9.17 -18.28 15.97
CA ILE C 172 8.77 -19.10 17.10
C ILE C 172 9.72 -18.90 18.25
N ASP C 173 9.18 -18.53 19.41
CA ASP C 173 9.89 -18.56 20.68
C ASP C 173 10.32 -19.98 21.00
N ARG C 174 11.59 -20.14 21.31
CA ARG C 174 12.15 -21.47 21.42
C ARG C 174 11.89 -22.15 22.74
N VAL C 175 11.36 -21.44 23.72
CA VAL C 175 11.14 -22.00 25.05
C VAL C 175 9.65 -22.25 25.22
N THR C 176 8.84 -21.31 24.74
CA THR C 176 7.42 -21.37 25.00
C THR C 176 6.64 -21.90 23.81
N SER C 177 7.24 -21.90 22.62
CA SER C 177 6.62 -22.26 21.34
C SER C 177 5.37 -21.43 21.06
N GLN C 178 5.56 -20.12 21.14
CA GLN C 178 4.56 -19.08 20.81
C GLN C 178 4.80 -18.69 19.35
N ALA C 179 3.79 -18.65 18.50
CA ALA C 179 4.01 -18.37 17.07
C ALA C 179 3.44 -17.00 16.65
N ASN C 180 4.24 -16.20 15.94
CA ASN C 180 3.83 -14.86 15.46
C ASN C 180 4.17 -14.76 13.97
N PRO C 181 3.35 -15.36 13.10
CA PRO C 181 3.45 -15.48 11.63
C PRO C 181 3.31 -14.18 10.82
N ARG C 182 4.03 -14.09 9.71
CA ARG C 182 4.00 -12.95 8.75
C ARG C 182 3.93 -13.52 7.33
N THR C 183 3.47 -12.77 6.34
CA THR C 183 3.36 -13.35 4.97
C THR C 183 4.16 -12.57 3.94
N ASN C 184 4.99 -13.27 3.16
CA ASN C 184 5.72 -12.68 2.05
C ASN C 184 5.05 -13.09 0.76
N GLU C 185 4.85 -12.14 -0.13
CA GLU C 185 4.54 -12.48 -1.50
C GLU C 185 5.84 -12.86 -2.16
N ARG C 186 5.76 -13.80 -3.08
CA ARG C 186 6.90 -14.15 -3.90
C ARG C 186 6.37 -14.68 -5.22
N VAL C 187 7.16 -14.50 -6.27
CA VAL C 187 6.82 -14.92 -7.62
C VAL C 187 6.88 -16.44 -7.64
N VAL C 188 5.95 -17.07 -8.37
CA VAL C 188 5.85 -18.52 -8.44
C VAL C 188 7.11 -19.11 -9.03
N ALA C 189 7.63 -20.17 -8.41
CA ALA C 189 8.84 -20.83 -8.85
C ALA C 189 8.62 -21.51 -10.20
N GLY C 190 9.52 -21.28 -11.13
CA GLY C 190 9.38 -21.73 -12.49
C GLY C 190 9.32 -20.62 -13.50
N ALA C 191 9.09 -19.38 -13.07
CA ALA C 191 8.87 -18.25 -13.96
C ALA C 191 10.12 -17.86 -14.74
N GLU C 192 10.02 -17.88 -16.06
CA GLU C 192 11.12 -17.58 -16.96
C GLU C 192 11.13 -16.08 -17.22
N PHE C 193 12.31 -15.48 -17.21
CA PHE C 193 12.49 -14.05 -17.48
C PHE C 193 13.35 -13.88 -18.71
N GLU C 194 13.73 -12.66 -19.01
CA GLU C 194 14.43 -12.36 -20.26
C GLU C 194 15.34 -11.17 -20.02
N PHE C 195 16.65 -11.41 -19.92
CA PHE C 195 17.57 -10.33 -19.60
C PHE C 195 18.39 -9.94 -20.82
N GLU C 196 19.08 -8.81 -20.69
CA GLU C 196 19.89 -8.27 -21.76
C GLU C 196 20.95 -7.41 -21.11
N ILE C 197 22.21 -7.64 -21.44
CA ILE C 197 23.33 -6.94 -20.84
C ILE C 197 24.23 -6.44 -21.94
N ILE C 198 24.45 -5.13 -21.99
CA ILE C 198 25.05 -4.49 -23.15
C ILE C 198 26.37 -3.90 -22.71
N TYR C 199 27.46 -4.65 -22.87
CA TYR C 199 28.80 -4.16 -22.56
C TYR C 199 29.22 -3.11 -23.59
N ASN C 200 30.14 -2.23 -23.23
CA ASN C 200 30.55 -1.13 -24.08
C ASN C 200 32.05 -1.20 -24.28
N VAL C 201 32.48 -1.55 -25.49
CA VAL C 201 33.90 -1.82 -25.72
C VAL C 201 34.59 -0.47 -25.89
N GLU C 202 35.02 0.12 -24.79
CA GLU C 202 35.72 1.40 -24.83
C GLU C 202 37.21 1.23 -25.01
N ASN C 203 37.73 0.09 -24.63
CA ASN C 203 39.10 -0.25 -24.93
C ASN C 203 39.10 -1.65 -25.52
N THR C 204 40.08 -1.91 -26.36
CA THR C 204 40.15 -3.19 -27.04
C THR C 204 41.18 -4.12 -26.41
N THR C 205 41.98 -3.61 -25.49
CA THR C 205 42.90 -4.45 -24.74
C THR C 205 42.17 -5.24 -23.68
N HIS C 206 41.38 -4.56 -22.86
CA HIS C 206 40.54 -5.23 -21.88
C HIS C 206 39.08 -5.14 -22.32
N TRP C 207 38.70 -6.13 -23.10
CA TRP C 207 37.32 -6.51 -23.29
C TRP C 207 37.10 -7.96 -22.94
N ARG C 208 38.15 -8.79 -23.03
CA ARG C 208 38.02 -10.18 -22.63
C ARG C 208 37.96 -10.30 -21.13
N ASP C 209 38.76 -9.50 -20.44
CA ASP C 209 38.77 -9.53 -18.99
C ASP C 209 37.45 -9.08 -18.43
N ASP C 210 36.88 -8.00 -18.97
CA ASP C 210 35.62 -7.50 -18.46
C ASP C 210 34.47 -8.44 -18.76
N ILE C 211 34.60 -9.30 -19.76
CA ILE C 211 33.56 -10.29 -20.00
C ILE C 211 33.79 -11.53 -19.15
N LYS C 212 35.04 -11.91 -18.93
CA LYS C 212 35.29 -13.00 -18.01
C LYS C 212 34.98 -12.61 -16.57
N ASN C 213 35.08 -11.33 -16.23
CA ASN C 213 34.69 -10.93 -14.89
C ASN C 213 33.18 -10.81 -14.77
N LEU C 214 32.50 -10.45 -15.85
CA LEU C 214 31.04 -10.41 -15.79
C LEU C 214 30.44 -11.79 -15.75
N LEU C 215 31.14 -12.79 -16.29
CA LEU C 215 30.63 -14.15 -16.19
C LEU C 215 31.08 -14.84 -14.93
N THR C 216 32.16 -14.38 -14.31
CA THR C 216 32.52 -14.85 -12.98
C THR C 216 31.44 -14.46 -11.98
N ALA C 217 31.01 -13.21 -12.03
CA ALA C 217 30.03 -12.73 -11.08
C ALA C 217 28.65 -13.28 -11.36
N MET C 218 28.38 -13.72 -12.59
CA MET C 218 27.13 -14.41 -12.84
C MET C 218 27.16 -15.85 -12.38
N ALA C 219 28.34 -16.43 -12.23
CA ALA C 219 28.46 -17.77 -11.68
C ALA C 219 28.38 -17.76 -10.18
N LEU C 220 28.77 -16.65 -9.53
CA LEU C 220 28.55 -16.51 -8.11
C LEU C 220 27.08 -16.39 -7.80
N LEU C 221 26.34 -15.66 -8.62
CA LEU C 221 24.91 -15.50 -8.44
C LEU C 221 24.14 -16.79 -8.68
N GLU C 222 24.72 -17.76 -9.38
CA GLU C 222 23.96 -18.99 -9.51
C GLU C 222 24.13 -19.91 -8.31
N ASP C 223 25.05 -19.61 -7.40
CA ASP C 223 25.11 -20.30 -6.12
C ASP C 223 24.81 -19.41 -4.93
N SER C 224 24.74 -18.12 -5.13
CA SER C 224 24.12 -17.19 -4.20
C SER C 224 22.65 -17.08 -4.55
N TYR C 225 22.02 -16.01 -4.12
CA TYR C 225 20.61 -15.76 -4.36
C TYR C 225 20.44 -14.37 -4.91
N LEU C 226 19.42 -14.18 -5.70
CA LEU C 226 19.02 -12.86 -6.18
C LEU C 226 17.79 -12.45 -5.39
N GLY C 227 17.93 -11.45 -4.55
CA GLY C 227 16.76 -10.77 -4.05
C GLY C 227 16.03 -11.45 -2.92
N GLY C 228 15.73 -10.70 -1.88
CA GLY C 228 14.75 -11.14 -0.90
C GLY C 228 15.37 -11.90 0.26
N SER C 229 15.00 -13.16 0.40
CA SER C 229 15.33 -13.84 1.64
C SER C 229 16.54 -14.74 1.46
N GLY C 230 16.45 -15.72 0.59
CA GLY C 230 17.65 -16.31 0.03
C GLY C 230 18.42 -17.23 0.94
N SER C 231 18.75 -16.73 2.11
CA SER C 231 19.22 -17.59 3.18
C SER C 231 18.12 -18.53 3.63
N ARG C 232 16.86 -18.12 3.48
CA ARG C 232 15.74 -19.01 3.71
C ARG C 232 15.17 -19.60 2.43
N GLY C 233 15.75 -19.33 1.26
CA GLY C 233 15.43 -20.07 0.06
C GLY C 233 14.89 -19.27 -1.11
N TYR C 234 14.77 -17.95 -1.00
CA TYR C 234 14.10 -17.14 -2.04
C TYR C 234 14.93 -16.91 -3.31
N GLY C 235 16.20 -17.24 -3.36
CA GLY C 235 16.97 -16.94 -4.58
C GLY C 235 16.92 -18.09 -5.56
N LYS C 236 18.02 -18.83 -5.72
CA LYS C 236 18.10 -20.01 -6.63
C LYS C 236 17.74 -19.62 -8.07
N VAL C 237 18.17 -18.47 -8.54
CA VAL C 237 17.90 -18.04 -9.94
C VAL C 237 18.84 -18.81 -10.87
N LYS C 238 18.46 -19.09 -12.10
CA LYS C 238 19.35 -19.84 -13.04
C LYS C 238 19.49 -19.04 -14.34
N PHE C 239 20.71 -18.86 -14.84
CA PHE C 239 20.94 -18.09 -16.09
C PHE C 239 20.98 -19.03 -17.29
N ILE C 240 20.20 -18.76 -18.33
CA ILE C 240 20.18 -19.60 -19.52
C ILE C 240 20.40 -18.68 -20.70
N PHE C 241 21.54 -18.80 -21.35
CA PHE C 241 21.83 -17.87 -22.41
C PHE C 241 21.11 -18.26 -23.69
N ASP C 242 21.01 -17.29 -24.61
CA ASP C 242 20.62 -17.57 -25.99
C ASP C 242 21.71 -17.20 -26.97
N SER C 243 22.15 -15.96 -26.98
CA SER C 243 23.01 -15.50 -28.07
C SER C 243 23.78 -14.27 -27.65
N PHE C 244 25.06 -14.23 -28.00
CA PHE C 244 25.89 -13.04 -27.72
C PHE C 244 26.26 -12.43 -29.07
N GLU C 245 25.90 -11.19 -29.32
CA GLU C 245 26.23 -10.58 -30.63
C GLU C 245 27.10 -9.36 -30.38
N PHE C 246 28.22 -9.24 -31.09
CA PHE C 246 29.08 -8.04 -30.91
C PHE C 246 28.74 -7.05 -32.01
N ARG C 247 28.31 -5.84 -31.67
CA ARG C 247 27.98 -4.85 -32.72
C ARG C 247 29.21 -3.98 -32.97
N PRO C 248 29.76 -4.03 -34.17
CA PRO C 248 30.95 -3.28 -34.58
C PRO C 248 30.61 -1.79 -34.75
N LEU C 249 31.63 -0.92 -34.71
CA LEU C 249 31.41 0.54 -34.87
C LEU C 249 30.79 0.81 -36.24
N ASP C 250 31.26 0.13 -37.28
CA ASP C 250 30.72 0.29 -38.66
C ASP C 250 29.25 -0.13 -38.73
N TYR C 251 28.80 -1.11 -37.94
CA TYR C 251 27.39 -1.55 -38.04
C TYR C 251 26.45 -0.38 -37.74
N TYR C 252 26.73 0.42 -36.72
CA TYR C 252 25.86 1.59 -36.41
C TYR C 252 25.93 2.60 -37.55
N ARG C 253 27.12 2.82 -38.07
CA ARG C 253 27.39 3.78 -39.13
C ARG C 253 26.57 3.52 -40.37
N THR C 254 26.14 2.28 -40.57
CA THR C 254 25.43 1.90 -41.77
C THR C 254 24.10 1.23 -41.53
N GLY C 255 23.90 0.60 -40.38
CA GLY C 255 22.69 -0.15 -40.15
C GLY C 255 22.56 -1.40 -40.96
N LYS C 256 23.68 -2.01 -41.32
CA LYS C 256 23.65 -3.29 -42.03
C LYS C 256 23.94 -4.40 -41.05
N ASP C 257 23.13 -5.46 -41.12
CA ASP C 257 23.20 -6.55 -40.16
C ASP C 257 24.46 -7.39 -40.39
N GLU C 258 25.60 -6.85 -39.97
CA GLU C 258 26.91 -7.38 -40.30
C GLU C 258 27.74 -7.57 -39.05
N ASP C 259 27.17 -8.24 -38.05
CA ASP C 259 27.77 -8.36 -36.75
C ASP C 259 27.92 -9.81 -36.31
N ILE C 260 29.00 -10.06 -35.58
CA ILE C 260 29.34 -11.39 -35.09
C ILE C 260 28.28 -11.86 -34.13
N VAL C 261 27.86 -13.12 -34.25
CA VAL C 261 26.89 -13.71 -33.36
C VAL C 261 27.51 -14.98 -32.80
N SER C 262 27.72 -15.04 -31.49
CA SER C 262 28.10 -16.30 -30.86
C SER C 262 26.84 -16.98 -30.34
N ILE C 263 26.49 -18.11 -30.95
CA ILE C 263 25.21 -18.78 -30.71
C ILE C 263 25.44 -19.89 -29.70
N ASP C 264 24.73 -19.83 -28.58
CA ASP C 264 24.74 -20.89 -27.58
C ASP C 264 23.39 -20.91 -26.90
N ALA C 265 22.50 -21.77 -27.40
CA ALA C 265 21.14 -21.75 -26.90
C ALA C 265 21.06 -22.46 -25.55
N ARG C 266 21.85 -23.50 -25.34
CA ARG C 266 21.77 -24.28 -24.12
C ARG C 266 23.17 -24.42 -23.52
N GLU C 267 23.61 -23.39 -22.80
CA GLU C 267 24.89 -23.43 -22.11
C GLU C 267 24.77 -22.73 -20.78
N LYS C 268 25.54 -23.21 -19.82
CA LYS C 268 25.56 -22.63 -18.49
C LYS C 268 26.46 -21.41 -18.46
N SER C 269 26.72 -20.91 -17.28
CA SER C 269 27.69 -19.85 -17.13
C SER C 269 29.08 -20.38 -16.86
N VAL C 270 29.17 -21.67 -16.54
CA VAL C 270 30.49 -22.33 -16.29
C VAL C 270 30.90 -23.05 -17.58
N SER C 271 29.93 -23.32 -18.45
CA SER C 271 30.18 -23.97 -19.76
C SER C 271 30.52 -22.89 -20.80
N ASP C 272 30.34 -21.62 -20.44
CA ASP C 272 30.65 -20.49 -21.34
C ASP C 272 31.80 -19.67 -20.74
N ILE C 273 31.99 -19.68 -19.43
CA ILE C 273 33.07 -18.85 -18.83
C ILE C 273 34.46 -19.36 -19.28
N LEU C 274 34.73 -20.65 -19.24
CA LEU C 274 36.08 -21.10 -19.67
C LEU C 274 35.98 -22.18 -20.77
N SER C 275 34.89 -22.94 -20.79
CA SER C 275 34.77 -24.03 -21.80
C SER C 275 34.75 -23.47 -23.22
N GLY C 276 34.01 -22.40 -23.46
CA GLY C 276 33.92 -21.80 -24.81
C GLY C 276 34.43 -20.37 -24.86
N PHE C 277 35.16 -19.90 -23.85
CA PHE C 277 35.59 -18.48 -23.89
C PHE C 277 36.46 -18.21 -25.11
N ASP C 278 37.43 -19.07 -25.43
CA ASP C 278 38.23 -18.80 -26.61
C ASP C 278 37.71 -19.53 -27.85
N SER C 279 36.86 -20.54 -27.70
CA SER C 279 36.27 -21.25 -28.81
C SER C 279 35.04 -20.57 -29.39
N LEU C 280 34.28 -19.84 -28.57
CA LEU C 280 33.13 -19.09 -29.07
C LEU C 280 33.46 -17.65 -29.41
N PHE C 281 34.28 -16.98 -28.59
CA PHE C 281 34.64 -15.59 -28.82
C PHE C 281 35.83 -15.44 -29.75
N SER C 282 36.19 -16.47 -30.52
CA SER C 282 37.35 -16.35 -31.39
C SER C 282 37.08 -15.41 -32.56
N GLU C 283 35.82 -15.32 -32.99
CA GLU C 283 35.48 -14.40 -34.06
C GLU C 283 35.35 -12.97 -33.54
N VAL C 284 35.08 -12.81 -32.25
CA VAL C 284 35.05 -11.47 -31.67
C VAL C 284 36.48 -10.97 -31.47
N GLU C 285 37.40 -11.88 -31.15
CA GLU C 285 38.81 -11.54 -31.03
C GLU C 285 39.41 -11.09 -32.35
N GLY C 286 38.84 -11.54 -33.47
CA GLY C 286 39.38 -11.18 -34.76
C GLY C 286 39.10 -9.74 -35.13
N LYS C 287 37.83 -9.36 -35.13
CA LYS C 287 37.44 -8.07 -35.65
C LYS C 287 37.79 -6.92 -34.71
N LEU C 288 38.18 -7.23 -33.48
CA LEU C 288 38.39 -6.26 -32.39
C LEU C 288 37.15 -5.40 -32.16
N MET D 2 33.29 -4.52 8.77
CA MET D 2 34.73 -4.66 8.66
C MET D 2 35.15 -6.06 8.21
N ASP D 3 35.71 -6.14 7.00
CA ASP D 3 36.45 -7.29 6.44
C ASP D 3 35.58 -8.53 6.22
N ARG D 4 34.73 -8.47 5.20
CA ARG D 4 34.07 -9.67 4.66
C ARG D 4 34.79 -10.22 3.44
N ARG D 5 35.21 -11.47 3.52
CA ARG D 5 36.00 -12.07 2.44
C ARG D 5 35.24 -13.25 1.85
N PHE D 6 35.90 -13.98 0.97
CA PHE D 6 35.26 -15.08 0.24
C PHE D 6 36.33 -16.06 -0.16
N TYR D 7 36.07 -17.36 0.03
CA TYR D 7 36.99 -18.40 -0.37
C TYR D 7 36.35 -19.55 -1.09
N GLY D 8 35.04 -19.67 -1.09
CA GLY D 8 34.40 -20.81 -1.70
C GLY D 8 33.07 -21.07 -1.06
N LYS D 9 32.40 -22.14 -1.51
CA LYS D 9 31.04 -22.44 -1.07
C LYS D 9 30.90 -23.96 -0.91
N ILE D 10 31.00 -24.45 0.32
CA ILE D 10 30.80 -25.88 0.55
C ILE D 10 29.33 -26.23 0.35
N VAL D 11 29.06 -27.04 -0.65
CA VAL D 11 27.70 -27.33 -1.08
C VAL D 11 27.32 -28.73 -0.65
N ILE D 12 26.31 -28.84 0.18
CA ILE D 12 25.83 -30.12 0.68
C ILE D 12 24.54 -30.42 -0.06
N LYS D 13 24.55 -31.43 -0.92
CA LYS D 13 23.34 -31.91 -1.55
C LYS D 13 22.93 -33.19 -0.86
N GLY D 14 21.79 -33.74 -1.28
CA GLY D 14 21.28 -34.93 -0.65
C GLY D 14 19.77 -34.96 -0.77
N LYS D 15 19.18 -36.00 -0.17
CA LYS D 15 17.78 -36.29 -0.35
C LYS D 15 17.11 -36.58 0.99
N ILE D 16 16.06 -35.83 1.32
CA ILE D 16 15.30 -36.01 2.55
C ILE D 16 14.30 -37.14 2.39
N LYS D 17 14.29 -38.06 3.34
CA LYS D 17 13.39 -39.21 3.35
C LYS D 17 12.32 -39.00 4.42
N ALA D 18 11.09 -38.77 3.99
CA ALA D 18 9.96 -38.68 4.90
C ALA D 18 9.59 -40.10 5.30
N VAL D 19 10.17 -40.56 6.41
CA VAL D 19 9.94 -41.93 6.85
C VAL D 19 8.52 -42.09 7.36
N THR D 20 8.05 -41.15 8.15
CA THR D 20 6.64 -41.11 8.48
C THR D 20 6.01 -39.99 7.66
N GLY D 21 4.68 -39.90 7.72
CA GLY D 21 3.96 -38.90 6.94
C GLY D 21 4.30 -37.49 7.36
N LEU D 22 4.35 -36.60 6.39
CA LEU D 22 5.01 -35.32 6.57
C LEU D 22 4.03 -34.18 6.33
N HIS D 23 3.88 -33.33 7.33
CA HIS D 23 2.84 -32.31 7.29
C HIS D 23 3.43 -30.97 7.63
N ILE D 24 3.58 -30.10 6.64
CA ILE D 24 3.95 -28.70 6.87
C ILE D 24 2.83 -27.86 6.29
N GLY D 25 1.98 -27.33 7.14
CA GLY D 25 0.73 -26.77 6.70
C GLY D 25 0.84 -25.34 6.25
N SER D 26 -0.33 -24.78 5.96
CA SER D 26 -0.50 -23.40 5.50
C SER D 26 -1.97 -23.05 5.60
N GLN D 27 -2.32 -21.88 5.07
CA GLN D 27 -3.71 -21.48 4.93
C GLN D 27 -3.91 -20.94 3.52
N ALA D 37 -8.66 -30.27 4.46
CA ALA D 37 -9.09 -28.88 4.62
C ALA D 37 -8.01 -28.07 5.33
N ASN D 38 -6.98 -28.77 5.80
CA ASN D 38 -5.78 -28.15 6.35
C ASN D 38 -4.63 -28.52 5.43
N PRO D 39 -4.42 -27.79 4.35
CA PRO D 39 -3.52 -28.27 3.31
C PRO D 39 -2.06 -27.99 3.62
N VAL D 40 -1.23 -28.99 3.36
CA VAL D 40 0.20 -28.77 3.24
C VAL D 40 0.45 -27.84 2.07
N ILE D 41 1.42 -26.92 2.24
CA ILE D 41 1.91 -26.10 1.14
C ILE D 41 2.35 -26.96 -0.03
N LYS D 42 1.97 -26.52 -1.21
CA LYS D 42 2.40 -27.12 -2.45
C LYS D 42 2.95 -26.02 -3.32
N ASP D 43 3.71 -26.42 -4.33
CA ASP D 43 4.07 -25.50 -5.39
C ASP D 43 2.78 -25.03 -6.05
N PRO D 44 2.61 -23.72 -6.26
CA PRO D 44 1.44 -23.27 -7.02
C PRO D 44 1.46 -23.71 -8.47
N HIS D 45 2.64 -23.95 -9.03
CA HIS D 45 2.68 -24.33 -10.43
C HIS D 45 2.35 -25.80 -10.61
N THR D 46 3.11 -26.68 -9.98
CA THR D 46 2.94 -28.12 -10.19
C THR D 46 2.00 -28.77 -9.20
N GLY D 47 1.49 -28.04 -8.23
CA GLY D 47 0.62 -28.63 -7.23
C GLY D 47 1.22 -29.73 -6.37
N LEU D 48 2.50 -29.65 -6.06
CA LEU D 48 3.14 -30.71 -5.32
C LEU D 48 3.82 -30.18 -4.06
N PRO D 49 3.85 -30.95 -2.98
CA PRO D 49 4.37 -30.43 -1.71
C PRO D 49 5.87 -30.22 -1.74
N TYR D 50 6.38 -29.57 -0.70
CA TYR D 50 7.80 -29.29 -0.57
C TYR D 50 8.12 -28.88 0.86
N ILE D 51 9.36 -29.10 1.26
CA ILE D 51 9.83 -28.58 2.53
C ILE D 51 10.39 -27.20 2.21
N PRO D 52 9.92 -26.13 2.82
CA PRO D 52 10.57 -24.84 2.61
C PRO D 52 11.92 -24.75 3.29
N GLY D 53 12.78 -23.97 2.67
CA GLY D 53 14.01 -23.65 3.31
C GLY D 53 13.85 -22.73 4.47
N SER D 54 12.77 -21.96 4.50
CA SER D 54 12.48 -21.17 5.69
C SER D 54 12.12 -22.06 6.85
N SER D 55 11.43 -23.17 6.58
CA SER D 55 10.94 -24.07 7.61
C SER D 55 11.98 -25.08 7.99
N LEU D 56 13.00 -25.29 7.17
CA LEU D 56 14.08 -26.18 7.51
C LEU D 56 15.20 -25.46 8.20
N LYS D 57 15.49 -24.22 7.83
CA LYS D 57 16.52 -23.44 8.49
C LYS D 57 16.09 -23.08 9.89
N GLY D 58 14.79 -22.93 10.11
CA GLY D 58 14.31 -22.62 11.45
C GLY D 58 14.44 -23.78 12.41
N ARG D 59 13.96 -24.96 12.00
CA ARG D 59 14.04 -26.13 12.85
C ARG D 59 15.48 -26.62 13.01
N LEU D 60 16.36 -26.29 12.06
CA LEU D 60 17.79 -26.45 12.29
C LEU D 60 18.36 -25.39 13.22
N ARG D 61 17.70 -24.26 13.38
CA ARG D 61 18.16 -23.27 14.33
C ARG D 61 17.44 -23.38 15.66
N SER D 62 16.19 -23.82 15.65
CA SER D 62 15.46 -24.11 16.89
C SER D 62 16.18 -25.13 17.74
N LEU D 63 16.69 -26.19 17.13
CA LEU D 63 17.36 -27.24 17.88
C LEU D 63 18.78 -26.87 18.27
N PHE D 64 19.45 -26.05 17.50
CA PHE D 64 20.84 -25.74 17.82
C PHE D 64 20.97 -24.66 18.85
N GLU D 65 20.00 -23.75 18.93
CA GLU D 65 20.07 -22.74 19.97
C GLU D 65 19.82 -23.35 21.34
N ILE D 66 18.88 -24.29 21.42
CA ILE D 66 18.61 -25.03 22.65
C ILE D 66 19.82 -25.87 23.05
N LEU D 67 20.52 -26.43 22.07
CA LEU D 67 21.81 -27.07 22.34
C LEU D 67 22.82 -26.08 22.90
N VAL D 68 22.88 -24.88 22.34
CA VAL D 68 23.81 -23.89 22.86
C VAL D 68 23.28 -23.30 24.16
N ASN D 69 21.96 -23.31 24.35
CA ASN D 69 21.36 -22.75 25.56
C ASN D 69 21.77 -23.51 26.81
N SER D 70 22.07 -24.80 26.66
CA SER D 70 22.46 -25.58 27.82
C SER D 70 23.96 -25.64 28.02
N ARG D 71 24.75 -24.90 27.27
CA ARG D 71 26.19 -25.09 27.24
C ARG D 71 26.94 -23.77 27.27
N LEU D 72 26.25 -22.70 27.68
CA LEU D 72 26.81 -21.35 27.66
C LEU D 72 28.01 -21.15 28.56
N GLY D 73 28.25 -22.04 29.51
CA GLY D 73 29.35 -21.85 30.43
C GLY D 73 30.68 -22.31 29.88
N GLU D 74 30.69 -23.46 29.21
CA GLU D 74 31.93 -24.15 28.88
C GLU D 74 32.39 -23.91 27.45
N TRP D 75 31.79 -22.94 26.75
CA TRP D 75 32.23 -22.58 25.41
C TRP D 75 32.69 -21.14 25.26
N ARG D 76 32.66 -20.34 26.31
CA ARG D 76 33.06 -18.95 26.18
C ARG D 76 34.57 -18.76 26.06
N GLU D 77 35.35 -19.83 26.12
CA GLU D 77 36.77 -19.78 25.80
C GLU D 77 37.06 -20.19 24.36
N LYS D 78 36.18 -20.97 23.74
CA LYS D 78 36.28 -21.37 22.34
C LYS D 78 35.57 -20.40 21.43
N TYR D 79 34.37 -20.00 21.81
CA TYR D 79 33.66 -18.91 21.15
C TYR D 79 33.50 -17.83 22.19
N PRO D 80 34.29 -16.78 22.14
CA PRO D 80 34.01 -15.63 23.02
C PRO D 80 32.73 -14.90 22.66
N SER D 81 32.48 -13.79 23.35
CA SER D 81 31.23 -13.02 23.39
C SER D 81 30.07 -13.83 23.95
N LEU D 82 30.32 -15.01 24.51
CA LEU D 82 29.37 -15.66 25.38
C LEU D 82 29.55 -15.25 26.83
N ALA D 83 30.40 -14.26 27.09
CA ALA D 83 30.41 -13.58 28.38
C ALA D 83 29.25 -12.61 28.51
N ASN D 84 28.52 -12.34 27.43
CA ASN D 84 27.29 -11.58 27.52
C ASN D 84 26.15 -12.40 28.10
N TYR D 85 26.13 -13.70 27.87
CA TYR D 85 24.91 -14.45 28.07
C TYR D 85 24.99 -15.35 29.29
N SER D 86 23.87 -15.44 29.99
CA SER D 86 23.60 -16.40 31.05
C SER D 86 22.35 -17.12 30.61
N PRO D 87 22.25 -18.43 30.85
CA PRO D 87 21.17 -19.22 30.24
C PRO D 87 19.80 -18.87 30.79
N GLY D 88 18.90 -18.50 29.89
CA GLY D 88 17.58 -18.08 30.28
C GLY D 88 16.70 -17.65 29.12
N SER D 89 16.06 -16.49 29.26
CA SER D 89 15.09 -15.94 28.31
C SER D 89 14.77 -14.52 28.78
N CYS D 90 13.88 -13.85 28.06
CA CYS D 90 13.49 -12.51 28.48
C CYS D 90 11.98 -12.36 28.57
N ARG D 91 11.23 -13.43 28.47
CA ARG D 91 9.85 -13.44 28.97
C ARG D 91 9.68 -12.97 30.42
N PRO D 92 10.57 -13.27 31.40
CA PRO D 92 10.36 -12.69 32.74
C PRO D 92 10.44 -11.18 32.83
N ASP D 93 11.26 -10.52 32.02
CA ASP D 93 11.34 -9.06 32.09
C ASP D 93 11.60 -8.50 30.70
N ASN D 94 10.81 -7.51 30.32
CA ASN D 94 10.88 -6.97 28.96
C ASN D 94 12.10 -6.07 28.83
N GLN D 95 13.23 -6.70 28.57
CA GLN D 95 14.38 -6.03 27.97
C GLN D 95 14.79 -6.78 26.72
N GLU D 96 15.00 -6.04 25.64
CA GLU D 96 15.58 -6.59 24.42
C GLU D 96 16.95 -7.17 24.63
N ASN D 97 17.75 -6.64 25.53
CA ASN D 97 19.08 -7.17 25.72
C ASN D 97 19.49 -7.07 27.17
N CYS D 98 19.54 -8.22 27.82
CA CYS D 98 20.08 -8.37 29.16
C CYS D 98 21.02 -9.55 29.10
N GLY D 99 21.43 -10.06 30.25
CA GLY D 99 22.36 -11.18 30.27
C GLY D 99 21.78 -12.52 29.83
N LYS D 100 20.59 -12.53 29.22
CA LYS D 100 19.98 -13.78 28.84
C LYS D 100 20.15 -14.05 27.34
N PHE D 101 20.13 -15.34 27.02
CA PHE D 101 20.48 -15.84 25.71
C PHE D 101 19.42 -15.53 24.69
N PHE D 102 18.15 -15.61 25.06
CA PHE D 102 17.06 -15.32 24.13
C PHE D 102 16.70 -13.85 24.20
N ASN D 103 17.43 -13.05 23.43
CA ASN D 103 17.52 -11.60 23.57
C ASN D 103 16.99 -10.88 22.35
N ARG D 104 15.95 -11.44 21.76
CA ARG D 104 15.31 -10.82 20.56
C ARG D 104 13.80 -10.81 20.78
N LYS D 105 13.14 -9.67 20.73
CA LYS D 105 11.68 -9.68 20.99
C LYS D 105 10.97 -10.52 19.93
N ILE D 106 11.20 -10.30 18.63
CA ILE D 106 10.61 -11.15 17.56
C ILE D 106 9.10 -11.30 17.79
N ASN D 107 8.39 -10.18 17.94
CA ASN D 107 6.94 -10.19 18.27
C ASN D 107 6.71 -10.83 19.65
N ARG D 108 5.80 -11.78 19.79
CA ARG D 108 5.50 -12.35 21.13
C ARG D 108 6.44 -13.50 21.53
N GLY D 109 7.26 -14.05 20.64
CA GLY D 109 8.14 -15.16 21.02
C GLY D 109 9.62 -14.81 20.88
N TRP D 110 10.43 -14.99 21.91
CA TRP D 110 11.87 -14.63 21.89
C TRP D 110 12.73 -15.58 21.07
N ILE D 111 13.85 -15.08 20.54
CA ILE D 111 14.85 -15.81 19.72
C ILE D 111 16.25 -15.24 20.05
N HIS D 112 17.31 -15.99 19.84
CA HIS D 112 18.65 -15.47 20.07
C HIS D 112 19.20 -14.80 18.82
N VAL D 113 19.39 -13.48 18.88
CA VAL D 113 20.05 -12.72 17.82
C VAL D 113 21.02 -11.75 18.46
N CYS D 114 22.32 -11.91 18.20
CA CYS D 114 23.31 -10.96 18.69
C CYS D 114 23.12 -9.60 18.03
N PRO D 115 23.38 -8.50 18.73
CA PRO D 115 22.90 -7.19 18.27
C PRO D 115 23.82 -6.43 17.33
N ASP D 116 24.81 -7.07 16.73
CA ASP D 116 25.93 -6.33 16.16
C ASP D 116 26.71 -7.29 15.27
N TYR D 117 27.57 -6.72 14.43
CA TYR D 117 28.46 -7.55 13.63
C TYR D 117 29.43 -8.31 14.53
N GLU D 118 30.20 -7.59 15.34
CA GLU D 118 31.35 -8.22 15.99
C GLU D 118 31.02 -8.94 17.28
N THR D 119 29.82 -8.80 17.82
CA THR D 119 29.46 -9.77 18.83
C THR D 119 29.11 -11.09 18.18
N ALA D 120 28.41 -11.04 17.05
CA ALA D 120 27.96 -12.22 16.32
C ALA D 120 29.06 -12.87 15.53
N LEU D 121 30.17 -12.21 15.32
CA LEU D 121 31.33 -12.83 14.70
C LEU D 121 31.95 -13.90 15.59
N ALA D 122 31.76 -13.81 16.91
CA ALA D 122 32.21 -14.86 17.80
C ALA D 122 31.11 -15.69 18.42
N CYS D 123 29.84 -15.34 18.22
CA CYS D 123 28.77 -16.26 18.60
C CYS D 123 28.78 -17.44 17.65
N PRO D 124 28.74 -18.68 18.15
CA PRO D 124 28.71 -19.82 17.22
C PRO D 124 27.40 -20.01 16.52
N VAL D 125 26.33 -19.37 17.00
CA VAL D 125 25.04 -19.52 16.35
C VAL D 125 24.87 -18.47 15.27
N CYS D 126 25.09 -17.21 15.62
CA CYS D 126 24.75 -16.12 14.71
C CYS D 126 25.78 -15.95 13.61
N ARG D 127 26.94 -16.55 13.72
CA ARG D 127 27.82 -16.58 12.57
C ARG D 127 27.38 -17.61 11.55
N LEU D 128 26.58 -18.58 11.94
CA LEU D 128 26.27 -19.65 11.02
C LEU D 128 24.93 -19.41 10.37
N PHE D 129 23.91 -19.13 11.17
CA PHE D 129 22.58 -18.96 10.66
C PHE D 129 22.29 -17.50 10.41
N GLY D 130 23.11 -16.60 10.92
CA GLY D 130 22.96 -15.21 10.60
C GLY D 130 22.27 -14.36 11.62
N ALA D 131 22.80 -13.16 11.81
CA ALA D 131 22.28 -12.26 12.81
C ALA D 131 21.56 -11.12 12.15
N SER D 132 21.07 -10.22 13.00
CA SER D 132 20.41 -8.96 12.57
C SER D 132 20.67 -7.90 13.64
N GLY D 133 20.74 -6.62 13.32
CA GLY D 133 21.01 -5.64 14.40
C GLY D 133 20.68 -4.21 14.00
N LYS D 134 20.54 -3.34 14.98
CA LYS D 134 20.41 -1.89 14.69
C LYS D 134 21.80 -1.44 14.24
N GLU D 135 21.92 -0.45 13.36
CA GLU D 135 23.26 -0.02 12.86
C GLU D 135 23.92 -1.25 12.20
N SER D 136 25.10 -1.67 12.63
CA SER D 136 25.77 -2.84 12.01
C SER D 136 24.97 -4.13 12.20
N ASN D 137 24.96 -5.03 11.21
CA ASN D 137 24.26 -6.34 11.30
C ASN D 137 25.10 -7.42 10.59
N PHE D 138 24.92 -8.70 10.88
CA PHE D 138 25.75 -9.78 10.28
C PHE D 138 24.90 -10.68 9.37
N PRO D 139 25.33 -10.89 8.12
CA PRO D 139 24.68 -11.74 7.11
C PRO D 139 24.90 -13.24 7.37
N SER D 140 23.95 -14.07 6.96
CA SER D 140 24.02 -15.54 7.15
C SER D 140 25.09 -16.18 6.26
N ARG D 141 25.57 -17.35 6.64
CA ARG D 141 26.57 -18.07 5.90
C ARG D 141 26.05 -19.34 5.28
N ILE D 142 25.02 -19.97 5.83
CA ILE D 142 24.37 -21.06 5.12
C ILE D 142 23.21 -20.47 4.38
N ILE D 143 22.89 -21.04 3.22
CA ILE D 143 21.62 -20.75 2.57
C ILE D 143 20.97 -22.09 2.30
N VAL D 144 19.65 -22.17 2.51
CA VAL D 144 18.92 -23.42 2.47
C VAL D 144 17.84 -23.28 1.42
N ARG D 145 17.98 -23.98 0.30
CA ARG D 145 16.97 -23.84 -0.73
C ARG D 145 15.73 -24.60 -0.33
N ASP D 146 14.59 -24.21 -0.93
CA ASP D 146 13.37 -24.96 -0.73
C ASP D 146 13.48 -26.31 -1.42
N ALA D 147 13.15 -27.38 -0.72
CA ALA D 147 13.42 -28.73 -1.20
C ALA D 147 12.15 -29.33 -1.77
N PHE D 148 12.18 -29.68 -3.05
CA PHE D 148 11.04 -30.25 -3.74
C PHE D 148 11.09 -31.77 -3.75
N LEU D 149 10.05 -32.40 -4.31
CA LEU D 149 10.03 -33.82 -4.59
C LEU D 149 11.12 -34.21 -5.57
N THR D 150 11.56 -35.46 -5.47
CA THR D 150 12.61 -35.93 -6.37
C THR D 150 12.01 -36.27 -7.72
N LYS D 151 12.82 -36.77 -8.64
CA LYS D 151 12.34 -37.14 -9.96
C LYS D 151 11.45 -38.37 -9.94
N GLU D 152 11.79 -39.39 -9.15
CA GLU D 152 11.03 -40.62 -9.22
C GLU D 152 9.68 -40.54 -8.53
N TRP D 153 9.46 -39.51 -7.71
CA TRP D 153 8.16 -39.29 -7.12
C TRP D 153 7.32 -38.32 -7.94
N GLU D 154 7.92 -37.63 -8.90
CA GLU D 154 7.13 -37.02 -9.96
C GLU D 154 6.40 -38.10 -10.73
N GLU D 155 7.11 -39.18 -11.07
CA GLU D 155 6.57 -40.24 -11.92
C GLU D 155 5.45 -40.99 -11.22
N LYS D 156 5.54 -41.12 -9.90
CA LYS D 156 4.45 -41.70 -9.12
C LYS D 156 3.23 -40.78 -9.09
N TRP D 157 3.45 -39.47 -9.19
CA TRP D 157 2.33 -38.56 -9.35
C TRP D 157 1.79 -38.58 -10.78
N ARG D 158 2.65 -38.86 -11.76
CA ARG D 158 2.19 -38.95 -13.14
C ARG D 158 1.30 -40.17 -13.37
N ALA D 159 1.49 -41.22 -12.57
CA ALA D 159 0.84 -42.50 -12.84
C ALA D 159 -0.22 -42.88 -11.81
N GLY D 160 -0.59 -41.99 -10.92
CA GLY D 160 -1.72 -42.22 -10.03
C GLY D 160 -1.37 -42.79 -8.68
N GLU D 161 -0.09 -42.98 -8.36
CA GLU D 161 0.29 -43.30 -6.99
C GLU D 161 0.05 -42.09 -6.10
N ALA D 162 -0.37 -42.35 -4.88
CA ALA D 162 -0.75 -41.30 -3.94
C ALA D 162 0.49 -40.58 -3.45
N ILE D 163 0.42 -39.25 -3.47
CA ILE D 163 1.50 -38.47 -2.89
C ILE D 163 1.01 -37.78 -1.62
N THR D 164 -0.31 -37.67 -1.45
CA THR D 164 -0.95 -37.11 -0.28
C THR D 164 -1.98 -38.09 0.23
N GLU D 165 -2.45 -37.86 1.45
CA GLU D 165 -3.57 -38.60 2.01
C GLU D 165 -4.25 -37.73 3.06
N ALA D 166 -5.56 -37.89 3.19
CA ALA D 166 -6.30 -37.25 4.25
C ALA D 166 -6.35 -38.21 5.42
N LYS D 167 -6.03 -37.72 6.61
CA LYS D 167 -6.00 -38.55 7.80
C LYS D 167 -6.98 -37.97 8.79
N ILE D 168 -8.12 -38.65 8.95
CA ILE D 168 -9.13 -38.21 9.90
C ILE D 168 -8.61 -38.38 11.32
N GLU D 169 -8.55 -37.29 12.05
CA GLU D 169 -8.00 -37.33 13.39
C GLU D 169 -9.11 -37.24 14.43
N PRO D 181 -12.80 -34.97 15.43
CA PRO D 181 -13.27 -35.19 14.06
C PRO D 181 -12.78 -34.13 13.11
N ARG D 182 -11.62 -34.37 12.51
CA ARG D 182 -10.95 -33.39 11.67
C ARG D 182 -9.86 -34.11 10.88
N THR D 183 -9.39 -33.47 9.82
CA THR D 183 -8.44 -34.08 8.90
C THR D 183 -7.16 -33.28 8.84
N ASN D 184 -6.05 -33.87 9.29
CA ASN D 184 -4.71 -33.34 9.03
C ASN D 184 -4.17 -34.04 7.81
N GLU D 185 -4.06 -33.31 6.70
CA GLU D 185 -3.44 -33.88 5.52
C GLU D 185 -1.94 -34.04 5.76
N ARG D 186 -1.36 -35.06 5.14
CA ARG D 186 0.05 -35.36 5.34
C ARG D 186 0.60 -35.99 4.08
N VAL D 187 1.82 -35.62 3.75
CA VAL D 187 2.54 -36.20 2.62
C VAL D 187 2.86 -37.64 2.96
N VAL D 188 2.40 -38.56 2.11
CA VAL D 188 2.35 -39.97 2.47
C VAL D 188 3.75 -40.52 2.65
N ALA D 189 3.88 -41.41 3.63
CA ALA D 189 5.18 -41.82 4.13
C ALA D 189 5.95 -42.62 3.08
N GLY D 190 7.27 -42.54 3.19
CA GLY D 190 8.15 -43.05 2.18
C GLY D 190 8.54 -42.05 1.13
N ALA D 191 7.82 -40.93 1.02
CA ALA D 191 8.08 -39.92 0.00
C ALA D 191 9.44 -39.26 0.23
N GLU D 192 10.08 -38.83 -0.84
CA GLU D 192 11.45 -38.25 -0.74
C GLU D 192 11.51 -36.85 -1.36
N PHE D 193 12.30 -35.96 -0.78
CA PHE D 193 12.44 -34.57 -1.29
C PHE D 193 13.92 -34.25 -1.54
N GLU D 194 14.20 -33.29 -2.42
CA GLU D 194 15.59 -32.91 -2.73
C GLU D 194 15.95 -31.66 -1.92
N PHE D 195 16.99 -31.71 -1.10
CA PHE D 195 17.36 -30.54 -0.28
C PHE D 195 18.80 -30.13 -0.61
N GLU D 196 19.04 -28.84 -0.84
CA GLU D 196 20.41 -28.36 -1.15
C GLU D 196 20.82 -27.34 -0.07
N ILE D 197 21.95 -27.55 0.59
CA ILE D 197 22.40 -26.58 1.64
C ILE D 197 23.74 -26.00 1.19
N ILE D 198 23.88 -24.69 1.15
CA ILE D 198 25.15 -24.05 0.69
C ILE D 198 25.78 -23.30 1.87
N TYR D 199 27.05 -23.57 2.15
CA TYR D 199 27.76 -22.87 3.24
C TYR D 199 28.79 -21.93 2.61
N ASN D 200 28.87 -20.69 3.04
CA ASN D 200 29.81 -19.72 2.42
C ASN D 200 31.10 -19.64 3.25
N VAL D 201 32.23 -20.06 2.69
CA VAL D 201 33.50 -19.99 3.42
C VAL D 201 33.98 -18.54 3.40
N GLU D 202 33.77 -17.82 4.50
CA GLU D 202 34.18 -16.43 4.55
C GLU D 202 35.45 -16.22 5.33
N ASN D 203 35.89 -17.22 6.08
CA ASN D 203 37.11 -17.11 6.84
C ASN D 203 37.66 -18.51 6.99
N THR D 204 38.91 -18.70 6.61
CA THR D 204 39.48 -20.03 6.55
C THR D 204 39.75 -20.62 7.92
N THR D 205 39.92 -19.77 8.93
CA THR D 205 40.31 -20.25 10.25
C THR D 205 39.15 -20.97 10.92
N HIS D 206 37.94 -20.46 10.77
CA HIS D 206 36.76 -21.14 11.29
C HIS D 206 35.80 -21.48 10.17
N TRP D 207 36.09 -22.57 9.47
CA TRP D 207 35.11 -23.27 8.65
C TRP D 207 34.82 -24.65 9.19
N ARG D 208 35.78 -25.25 9.91
CA ARG D 208 35.61 -26.60 10.41
C ARG D 208 34.52 -26.66 11.46
N ASP D 209 34.50 -25.66 12.34
CA ASP D 209 33.48 -25.58 13.36
C ASP D 209 32.12 -25.35 12.73
N ASP D 210 32.06 -24.50 11.72
CA ASP D 210 30.78 -24.17 11.12
C ASP D 210 30.23 -25.28 10.25
N ILE D 211 31.07 -26.21 9.81
CA ILE D 211 30.55 -27.42 9.21
C ILE D 211 30.22 -28.45 10.28
N LYS D 212 30.99 -28.47 11.37
CA LYS D 212 30.64 -29.36 12.46
C LYS D 212 29.41 -28.89 13.21
N ASN D 213 29.28 -27.60 13.44
CA ASN D 213 28.08 -27.12 14.11
C ASN D 213 26.83 -27.24 13.25
N LEU D 214 26.99 -27.33 11.93
CA LEU D 214 25.83 -27.50 11.06
C LEU D 214 25.32 -28.93 11.09
N LEU D 215 26.23 -29.90 10.96
CA LEU D 215 25.85 -31.29 11.03
C LEU D 215 25.44 -31.70 12.44
N THR D 216 25.90 -30.97 13.46
CA THR D 216 25.36 -31.16 14.81
C THR D 216 23.89 -30.83 14.84
N ALA D 217 23.50 -29.74 14.18
CA ALA D 217 22.09 -29.36 14.08
C ALA D 217 21.28 -30.33 13.25
N MET D 218 21.90 -31.11 12.37
CA MET D 218 21.13 -32.08 11.60
C MET D 218 20.99 -33.39 12.34
N ALA D 219 21.96 -33.73 13.19
CA ALA D 219 21.81 -34.92 14.01
C ALA D 219 20.66 -34.75 14.99
N LEU D 220 20.42 -33.52 15.45
CA LEU D 220 19.31 -33.25 16.32
C LEU D 220 17.98 -33.33 15.59
N LEU D 221 17.96 -33.07 14.28
CA LEU D 221 16.70 -33.13 13.54
C LEU D 221 16.27 -34.55 13.28
N GLU D 222 17.21 -35.48 13.13
CA GLU D 222 16.85 -36.87 12.97
C GLU D 222 16.25 -37.49 14.23
N ASP D 223 16.42 -36.86 15.40
CA ASP D 223 15.77 -37.31 16.62
C ASP D 223 14.51 -36.54 16.91
N SER D 224 14.48 -35.26 16.57
CA SER D 224 13.28 -34.45 16.63
C SER D 224 12.48 -34.66 15.34
N TYR D 225 11.54 -33.79 15.05
CA TYR D 225 10.64 -33.97 13.92
C TYR D 225 10.69 -32.74 13.03
N LEU D 226 9.84 -32.70 12.03
CA LEU D 226 9.84 -31.61 11.07
C LEU D 226 8.41 -31.28 10.68
N GLY D 227 7.94 -30.12 11.09
CA GLY D 227 6.65 -29.64 10.65
C GLY D 227 5.46 -30.34 11.28
N GLY D 228 4.37 -29.62 11.42
CA GLY D 228 3.17 -30.23 11.91
C GLY D 228 3.24 -30.63 13.37
N SER D 229 2.39 -31.58 13.72
CA SER D 229 2.24 -31.96 15.12
C SER D 229 3.46 -32.70 15.62
N GLY D 230 3.88 -33.76 14.93
CA GLY D 230 5.17 -34.36 15.20
C GLY D 230 5.27 -35.17 16.48
N SER D 231 4.78 -34.63 17.60
CA SER D 231 4.59 -35.41 18.82
C SER D 231 3.54 -36.49 18.65
N ARG D 232 2.67 -36.37 17.65
CA ARG D 232 1.83 -37.47 17.22
C ARG D 232 2.43 -38.24 16.04
N GLY D 233 3.73 -38.11 15.81
CA GLY D 233 4.42 -38.92 14.84
C GLY D 233 4.45 -38.41 13.41
N TYR D 234 4.22 -37.14 13.18
CA TYR D 234 4.32 -36.69 11.81
C TYR D 234 5.73 -36.35 11.41
N GLY D 235 6.80 -36.77 12.07
CA GLY D 235 8.11 -36.34 11.66
C GLY D 235 8.91 -37.47 11.12
N LYS D 236 9.94 -37.88 11.86
CA LYS D 236 10.96 -38.84 11.47
C LYS D 236 11.45 -38.57 10.04
N VAL D 237 12.08 -37.46 9.94
CA VAL D 237 12.80 -37.04 8.76
C VAL D 237 14.18 -37.65 8.83
N LYS D 238 14.73 -38.08 7.69
CA LYS D 238 16.02 -38.73 7.67
C LYS D 238 16.78 -38.39 6.41
N PHE D 239 17.98 -37.87 6.58
CA PHE D 239 18.81 -37.40 5.48
C PHE D 239 19.49 -38.57 4.77
N ILE D 240 19.67 -38.45 3.46
CA ILE D 240 20.40 -39.42 2.67
C ILE D 240 21.35 -38.64 1.78
N PHE D 241 22.64 -38.65 2.11
CA PHE D 241 23.60 -37.77 1.49
C PHE D 241 24.00 -38.25 0.10
N ASP D 242 24.27 -37.29 -0.79
CA ASP D 242 24.73 -37.66 -2.12
C ASP D 242 26.11 -37.12 -2.42
N SER D 243 26.37 -35.85 -2.11
CA SER D 243 27.65 -35.26 -2.44
C SER D 243 27.91 -34.05 -1.57
N PHE D 244 29.09 -34.03 -0.98
CA PHE D 244 29.73 -32.79 -0.56
C PHE D 244 30.53 -32.25 -1.73
N GLU D 245 30.47 -30.94 -1.93
CA GLU D 245 31.38 -30.31 -2.86
C GLU D 245 31.94 -29.05 -2.25
N PHE D 246 33.23 -28.82 -2.45
CA PHE D 246 33.84 -27.62 -1.90
C PHE D 246 33.69 -26.39 -2.76
N ARG D 247 33.91 -26.43 -4.09
CA ARG D 247 33.89 -25.27 -4.99
C ARG D 247 34.77 -24.12 -4.55
N PRO D 248 36.08 -24.16 -4.74
CA PRO D 248 36.93 -23.02 -4.39
C PRO D 248 36.65 -21.79 -5.25
N LEU D 249 37.35 -20.72 -4.91
CA LEU D 249 37.24 -19.43 -5.66
C LEU D 249 37.74 -19.66 -7.08
N ASP D 250 38.70 -20.54 -7.26
CA ASP D 250 39.25 -20.84 -8.61
C ASP D 250 38.13 -21.40 -9.48
N TYR D 251 37.21 -22.19 -8.93
CA TYR D 251 36.10 -22.73 -9.75
C TYR D 251 35.31 -21.57 -10.35
N TYR D 252 34.96 -20.55 -9.60
CA TYR D 252 34.13 -19.48 -10.21
C TYR D 252 34.86 -18.78 -11.37
N ARG D 253 36.16 -18.51 -11.25
CA ARG D 253 36.92 -17.85 -12.33
C ARG D 253 37.01 -18.76 -13.57
N THR D 254 37.21 -20.06 -13.39
CA THR D 254 37.31 -21.01 -14.53
C THR D 254 36.14 -22.00 -14.47
N GLY D 255 35.44 -22.22 -15.58
CA GLY D 255 34.27 -23.11 -15.62
C GLY D 255 34.60 -24.59 -15.47
N LYS D 256 35.86 -24.99 -15.57
CA LYS D 256 36.24 -26.42 -15.51
C LYS D 256 35.80 -27.02 -14.16
N ASP D 257 35.34 -28.27 -14.16
CA ASP D 257 34.87 -28.95 -12.93
C ASP D 257 36.09 -29.45 -12.17
N GLU D 258 36.80 -28.53 -11.53
CA GLU D 258 38.01 -28.82 -10.78
C GLU D 258 37.81 -28.65 -9.28
N ASP D 259 36.63 -28.98 -8.78
CA ASP D 259 36.33 -28.81 -7.36
C ASP D 259 36.26 -30.15 -6.65
N ILE D 260 36.40 -30.09 -5.32
CA ILE D 260 36.56 -31.25 -4.47
C ILE D 260 35.21 -31.92 -4.30
N VAL D 261 35.16 -33.24 -4.44
CA VAL D 261 33.92 -33.99 -4.38
C VAL D 261 34.09 -35.03 -3.27
N SER D 262 33.72 -34.69 -2.05
CA SER D 262 33.81 -35.62 -0.95
C SER D 262 32.56 -36.48 -0.92
N ILE D 263 32.60 -37.63 -1.59
CA ILE D 263 31.45 -38.54 -1.66
C ILE D 263 31.26 -39.19 -0.31
N ASP D 264 30.02 -39.20 0.16
CA ASP D 264 29.60 -39.90 1.35
C ASP D 264 28.29 -40.60 1.11
N ALA D 265 28.16 -41.24 -0.06
CA ALA D 265 26.86 -41.59 -0.61
C ALA D 265 26.09 -42.59 0.23
N ARG D 266 26.77 -43.53 0.87
CA ARG D 266 26.13 -44.47 1.79
C ARG D 266 26.54 -44.19 3.23
N GLU D 267 26.69 -42.92 3.58
CA GLU D 267 27.01 -42.52 4.93
C GLU D 267 25.77 -41.88 5.54
N LYS D 268 25.75 -41.80 6.86
CA LYS D 268 24.66 -41.16 7.58
C LYS D 268 25.24 -39.94 8.28
N SER D 269 24.38 -38.96 8.56
CA SER D 269 24.79 -37.75 9.27
C SER D 269 25.39 -38.05 10.62
N VAL D 270 24.99 -39.16 11.25
CA VAL D 270 25.60 -39.62 12.48
C VAL D 270 26.92 -40.34 12.27
N SER D 271 27.39 -40.43 11.02
CA SER D 271 28.69 -41.00 10.72
C SER D 271 29.65 -40.01 10.09
N ASP D 272 29.13 -39.01 9.37
CA ASP D 272 30.00 -37.98 8.82
C ASP D 272 30.55 -37.10 9.93
N ILE D 273 29.69 -36.63 10.83
CA ILE D 273 30.19 -35.80 11.91
C ILE D 273 30.93 -36.64 12.93
N LEU D 274 30.65 -37.94 12.97
CA LEU D 274 31.41 -38.86 13.79
C LEU D 274 32.82 -39.02 13.21
N SER D 275 33.69 -39.61 14.03
CA SER D 275 35.08 -39.89 13.69
C SER D 275 35.15 -40.65 12.37
N GLY D 276 35.67 -39.96 11.38
CA GLY D 276 35.31 -40.19 10.00
C GLY D 276 35.05 -38.82 9.39
N PHE D 277 35.16 -37.77 10.20
CA PHE D 277 34.97 -36.42 9.68
C PHE D 277 36.21 -35.90 8.98
N ASP D 278 37.32 -35.76 9.70
CA ASP D 278 38.52 -35.21 9.09
C ASP D 278 39.20 -36.16 8.12
N SER D 279 38.80 -37.42 8.08
CA SER D 279 39.15 -38.25 6.95
C SER D 279 38.38 -37.85 5.71
N LEU D 280 37.13 -37.40 5.86
CA LEU D 280 36.40 -36.92 4.71
C LEU D 280 36.86 -35.52 4.30
N PHE D 281 37.30 -34.71 5.24
CA PHE D 281 37.63 -33.31 4.99
C PHE D 281 39.11 -33.05 5.03
N SER D 282 39.89 -33.96 4.45
CA SER D 282 41.30 -33.73 4.23
C SER D 282 41.59 -32.98 2.94
N GLU D 283 40.70 -33.03 1.96
CA GLU D 283 40.94 -32.40 0.67
C GLU D 283 40.46 -30.97 0.61
N VAL D 284 39.66 -30.54 1.58
CA VAL D 284 39.37 -29.12 1.72
C VAL D 284 40.59 -28.40 2.27
N GLU D 285 41.41 -29.11 3.05
CA GLU D 285 42.70 -28.58 3.50
C GLU D 285 43.61 -28.30 2.31
N GLY D 286 43.59 -29.17 1.30
CA GLY D 286 44.48 -29.09 0.16
C GLY D 286 44.28 -27.89 -0.71
N LYS D 287 43.18 -27.17 -0.54
CA LYS D 287 43.00 -25.85 -1.11
C LYS D 287 43.18 -24.75 -0.08
N LEU D 288 42.96 -25.05 1.20
CA LEU D 288 42.78 -24.09 2.30
C LEU D 288 41.64 -23.14 1.93
N PRO E 2 3.20 20.89 -43.32
CA PRO E 2 4.37 20.31 -44.01
C PRO E 2 4.49 18.82 -43.76
N LYS E 3 5.53 18.21 -44.27
CA LYS E 3 5.74 16.77 -44.17
C LYS E 3 7.05 16.56 -43.43
N PHE E 4 6.98 16.03 -42.23
CA PHE E 4 8.12 15.89 -41.35
C PHE E 4 8.54 14.43 -41.31
N ILE E 5 9.54 14.13 -40.48
CA ILE E 5 10.03 12.76 -40.29
C ILE E 5 9.86 12.40 -38.83
N ALA E 6 8.90 11.53 -38.55
CA ALA E 6 8.48 11.20 -37.18
C ALA E 6 9.25 9.98 -36.71
N VAL E 7 10.35 10.23 -36.01
CA VAL E 7 11.23 9.19 -35.48
C VAL E 7 10.59 8.60 -34.22
N LYS E 8 10.06 7.39 -34.28
CA LYS E 8 9.52 6.77 -33.07
C LYS E 8 10.59 6.11 -32.23
N LEU E 9 10.38 6.13 -30.93
CA LEU E 9 11.29 5.57 -29.94
C LEU E 9 10.48 4.62 -29.08
N ILE E 10 10.52 3.33 -29.41
CA ILE E 10 9.72 2.33 -28.72
C ILE E 10 10.50 1.87 -27.49
N PRO E 11 10.07 2.20 -26.28
CA PRO E 11 10.95 2.06 -25.12
C PRO E 11 11.08 0.62 -24.67
N LYS E 12 12.20 0.32 -24.03
CA LYS E 12 12.48 -0.98 -23.46
C LYS E 12 12.63 -0.94 -21.97
N GLY E 13 11.90 -0.06 -21.29
CA GLY E 13 12.03 0.07 -19.86
C GLY E 13 11.36 1.33 -19.38
N PRO E 14 11.89 1.90 -18.31
CA PRO E 14 11.53 3.26 -17.92
C PRO E 14 12.26 4.26 -18.79
N PHE E 15 11.83 5.51 -18.77
CA PHE E 15 12.73 6.63 -19.05
C PHE E 15 12.90 7.42 -17.77
N ARG E 16 13.74 8.42 -17.78
CA ARG E 16 13.88 9.32 -16.65
C ARG E 16 12.96 10.51 -16.74
N ASP E 17 12.91 11.16 -17.89
CA ASP E 17 11.84 12.09 -18.22
C ASP E 17 11.69 12.02 -19.72
N ILE E 18 10.61 12.61 -20.23
CA ILE E 18 10.41 12.85 -21.66
C ILE E 18 11.55 13.71 -22.15
N PRO E 19 12.21 13.39 -23.27
CA PRO E 19 13.36 14.18 -23.67
C PRO E 19 12.94 15.50 -24.25
N ARG E 20 13.53 16.57 -23.75
CA ARG E 20 13.33 17.87 -24.36
C ARG E 20 14.35 18.07 -25.45
N ALA E 21 14.17 19.10 -26.25
CA ALA E 21 14.94 19.15 -27.48
C ALA E 21 16.37 19.57 -27.26
N ASP E 22 16.75 19.98 -26.05
CA ASP E 22 18.16 20.20 -25.79
C ASP E 22 18.86 18.95 -25.28
N THR E 23 18.12 17.97 -24.78
CA THR E 23 18.74 16.71 -24.43
C THR E 23 18.67 15.70 -25.56
N LEU E 24 17.94 15.98 -26.63
CA LEU E 24 18.06 15.16 -27.83
C LEU E 24 19.24 15.59 -28.67
N PHE E 25 19.47 16.88 -28.78
CA PHE E 25 20.65 17.33 -29.50
C PHE E 25 21.90 17.12 -28.69
N GLY E 26 21.81 17.11 -27.37
CA GLY E 26 22.97 16.76 -26.59
C GLY E 26 23.33 15.30 -26.70
N ALA E 27 22.34 14.46 -26.94
CA ALA E 27 22.61 13.05 -27.08
C ALA E 27 23.16 12.73 -28.45
N ILE E 28 22.63 13.38 -29.48
CA ILE E 28 23.14 13.19 -30.84
C ILE E 28 24.57 13.72 -30.94
N GLY E 29 24.86 14.85 -30.33
CA GLY E 29 26.22 15.31 -30.30
C GLY E 29 27.20 14.44 -29.55
N ASN E 30 26.74 13.64 -28.60
CA ASN E 30 27.57 12.62 -27.97
C ASN E 30 27.58 11.30 -28.71
N ALA E 31 26.63 11.05 -29.60
CA ALA E 31 26.71 9.85 -30.42
C ALA E 31 27.60 10.08 -31.61
N ILE E 32 27.45 11.22 -32.27
CA ILE E 32 28.23 11.54 -33.44
C ILE E 32 29.66 11.90 -33.05
N SER E 33 29.92 12.24 -31.79
CA SER E 33 31.32 12.34 -31.40
C SER E 33 31.93 10.97 -31.15
N ALA E 34 31.11 9.97 -30.91
CA ALA E 34 31.61 8.62 -30.66
C ALA E 34 31.89 7.88 -31.95
N ILE E 35 30.91 7.81 -32.85
CA ILE E 35 31.06 7.02 -34.05
C ILE E 35 31.74 7.77 -35.18
N HIS E 36 31.86 9.10 -35.11
CA HIS E 36 32.67 9.80 -36.11
C HIS E 36 33.83 10.57 -35.52
N GLY E 37 33.61 11.51 -34.61
CA GLY E 37 34.71 12.27 -34.03
C GLY E 37 34.39 13.74 -33.94
N GLN E 38 35.36 14.49 -33.37
CA GLN E 38 35.18 15.93 -33.14
C GLN E 38 35.02 16.69 -34.44
N SER E 39 35.68 16.24 -35.50
CA SER E 39 35.57 16.93 -36.78
C SER E 39 34.27 16.65 -37.50
N ALA E 40 33.35 15.87 -36.91
CA ALA E 40 32.01 15.73 -37.47
C ALA E 40 30.93 16.27 -36.55
N VAL E 41 31.26 16.60 -35.30
CA VAL E 41 30.29 17.29 -34.47
C VAL E 41 30.08 18.71 -34.97
N GLU E 42 31.13 19.33 -35.49
CA GLU E 42 30.99 20.70 -35.92
C GLU E 42 30.28 20.81 -37.25
N GLU E 43 30.36 19.78 -38.08
CA GLU E 43 29.57 19.80 -39.28
C GLU E 43 28.13 19.41 -38.99
N LEU E 44 27.87 18.83 -37.81
CA LEU E 44 26.51 18.56 -37.36
C LEU E 44 25.80 19.82 -36.90
N VAL E 45 26.49 20.65 -36.11
CA VAL E 45 25.92 21.89 -35.60
C VAL E 45 25.63 22.85 -36.74
N ASP E 46 26.53 22.91 -37.72
CA ASP E 46 26.38 23.82 -38.85
C ASP E 46 25.24 23.43 -39.76
N ALA E 47 24.77 22.19 -39.71
CA ALA E 47 23.58 21.85 -40.45
C ALA E 47 22.32 22.17 -39.71
N PHE E 48 22.39 22.36 -38.40
CA PHE E 48 21.25 22.87 -37.64
C PHE E 48 21.24 24.38 -37.58
N VAL E 49 22.43 24.99 -37.53
CA VAL E 49 22.53 26.44 -37.58
C VAL E 49 21.98 26.95 -38.91
N GLY E 50 22.42 26.35 -40.00
CA GLY E 50 21.94 26.77 -41.29
C GLY E 50 20.56 26.23 -41.61
N GLY E 51 20.38 24.94 -41.43
CA GLY E 51 19.24 24.24 -41.97
C GLY E 51 18.25 23.67 -40.97
N ALA E 52 18.51 22.41 -40.64
CA ALA E 52 17.51 21.48 -40.14
C ALA E 52 17.08 21.80 -38.73
N ARG E 53 15.92 21.26 -38.35
CA ARG E 53 15.32 21.46 -37.04
C ARG E 53 14.80 20.13 -36.52
N ILE E 54 15.13 19.82 -35.28
CA ILE E 54 14.48 18.74 -34.55
C ILE E 54 13.67 19.40 -33.46
N SER E 55 12.68 18.67 -32.99
CA SER E 55 11.73 19.12 -31.98
C SER E 55 12.03 18.46 -30.65
N SER E 56 11.18 18.71 -29.67
CA SER E 56 11.14 17.93 -28.46
C SER E 56 10.52 16.59 -28.76
N ALA E 57 10.35 15.77 -27.73
CA ALA E 57 9.70 14.49 -27.90
C ALA E 57 8.33 14.49 -27.24
N PHE E 58 7.38 13.79 -27.85
CA PHE E 58 6.03 13.79 -27.32
C PHE E 58 5.52 12.38 -27.29
N PRO E 59 4.56 12.04 -26.43
CA PRO E 59 4.11 10.65 -26.37
C PRO E 59 3.22 10.28 -27.53
N TYR E 60 3.28 9.01 -27.90
CA TYR E 60 2.28 8.42 -28.75
C TYR E 60 1.62 7.31 -27.97
N SER E 61 0.48 6.84 -28.45
CA SER E 61 -0.12 5.63 -27.91
C SER E 61 -0.89 4.98 -29.04
N GLY E 62 -0.25 4.07 -29.77
CA GLY E 62 -0.89 3.25 -30.77
C GLY E 62 -1.60 4.03 -31.87
N ASP E 63 -0.82 4.70 -32.71
CA ASP E 63 -1.21 5.43 -33.93
C ASP E 63 -1.89 6.77 -33.65
N THR E 64 -2.20 7.08 -32.40
CA THR E 64 -2.57 8.43 -32.02
C THR E 64 -1.31 9.15 -31.59
N TYR E 65 -0.97 10.21 -32.31
CA TYR E 65 0.22 10.99 -32.00
C TYR E 65 -0.19 12.25 -31.26
N TYR E 66 0.55 12.58 -30.22
CA TYR E 66 0.21 13.73 -29.41
C TYR E 66 1.20 14.86 -29.65
N LEU E 67 0.71 16.08 -29.50
CA LEU E 67 1.44 17.29 -29.82
C LEU E 67 1.05 18.27 -28.75
N PRO E 68 1.88 19.25 -28.42
CA PRO E 68 1.55 20.12 -27.29
C PRO E 68 0.48 21.12 -27.66
N LYS E 69 -0.35 21.46 -26.70
CA LYS E 69 -1.41 22.41 -26.98
C LYS E 69 -0.80 23.78 -27.20
N PRO E 70 -1.17 24.50 -28.25
CA PRO E 70 -0.69 25.86 -28.40
C PRO E 70 -1.32 26.74 -27.35
N LEU E 71 -0.54 27.69 -26.87
CA LEU E 71 -1.03 28.71 -25.95
C LEU E 71 -1.88 29.74 -26.66
N SER E 72 -2.01 29.65 -27.98
CA SER E 72 -2.86 30.49 -28.79
C SER E 72 -4.33 30.33 -28.47
N VAL E 73 -4.75 29.15 -28.02
CA VAL E 73 -6.16 28.94 -27.72
C VAL E 73 -6.50 29.31 -26.28
N GLU E 74 -5.50 29.66 -25.48
CA GLU E 74 -5.76 30.06 -24.08
C GLU E 74 -6.62 31.32 -23.95
N PRO E 75 -6.39 32.44 -24.72
CA PRO E 75 -7.32 33.56 -24.55
C PRO E 75 -8.69 33.36 -25.20
N ALA E 76 -8.69 32.87 -26.44
CA ALA E 76 -9.89 32.85 -27.28
C ALA E 76 -10.90 31.82 -26.86
N LEU E 77 -10.56 31.01 -25.86
CA LEU E 77 -11.34 29.80 -25.52
C LEU E 77 -12.82 30.18 -25.33
N GLU E 78 -13.10 31.32 -24.74
CA GLU E 78 -14.50 31.66 -24.54
C GLU E 78 -15.20 31.87 -25.87
N GLY E 79 -14.56 32.62 -26.78
CA GLY E 79 -15.06 32.81 -28.12
C GLY E 79 -14.96 31.59 -29.01
N ILE E 80 -14.21 30.58 -28.61
CA ILE E 80 -14.21 29.29 -29.28
C ILE E 80 -15.52 28.56 -29.04
N LEU E 81 -16.00 28.58 -27.80
CA LEU E 81 -17.01 27.65 -27.32
C LEU E 81 -18.41 28.25 -27.28
N THR E 82 -18.80 29.01 -28.31
CA THR E 82 -20.09 29.68 -28.33
C THR E 82 -21.21 28.83 -28.90
N GLY E 83 -21.10 27.51 -28.81
CA GLY E 83 -22.21 26.64 -29.11
C GLY E 83 -22.57 25.83 -27.88
N LEU E 84 -22.30 26.38 -26.70
CA LEU E 84 -22.55 25.67 -25.45
C LEU E 84 -23.39 26.53 -24.52
N ASP E 85 -23.94 25.86 -23.51
CA ASP E 85 -24.69 26.49 -22.44
C ASP E 85 -23.76 26.83 -21.28
N GLU E 86 -24.24 27.69 -20.39
CA GLU E 86 -23.40 28.25 -19.35
C GLU E 86 -23.19 27.32 -18.16
N GLU E 87 -23.56 26.05 -18.28
CA GLU E 87 -23.26 25.06 -17.25
C GLU E 87 -22.07 24.21 -17.63
N GLU E 88 -21.83 24.05 -18.93
CA GLU E 88 -20.65 23.32 -19.35
C GLU E 88 -19.64 24.20 -20.06
N ARG E 89 -19.96 25.49 -20.25
CA ARG E 89 -18.94 26.43 -20.69
C ARG E 89 -18.09 26.90 -19.52
N TYR E 90 -18.33 26.36 -18.32
CA TYR E 90 -17.31 26.43 -17.30
C TYR E 90 -16.51 25.14 -17.22
N THR E 91 -17.12 23.99 -17.51
CA THR E 91 -16.41 22.74 -17.27
C THR E 91 -15.75 22.18 -18.50
N THR E 92 -16.14 22.65 -19.68
CA THR E 92 -15.29 22.41 -20.84
C THR E 92 -14.12 23.37 -20.81
N ALA E 93 -14.33 24.56 -20.25
CA ALA E 93 -13.36 25.62 -20.39
C ALA E 93 -12.14 25.41 -19.51
N LYS E 94 -12.28 24.68 -18.41
CA LYS E 94 -11.10 24.47 -17.58
C LYS E 94 -10.33 23.22 -17.97
N ARG E 95 -11.01 22.15 -18.38
CA ARG E 95 -10.29 20.98 -18.90
C ARG E 95 -9.54 21.28 -20.18
N LEU E 96 -10.05 22.19 -21.02
CA LEU E 96 -9.37 22.65 -22.23
C LEU E 96 -8.34 23.71 -21.94
N ARG E 97 -7.98 23.90 -20.68
CA ARG E 97 -6.95 24.82 -20.30
C ARG E 97 -5.89 24.18 -19.43
N LYS E 98 -6.22 23.14 -18.69
CA LYS E 98 -5.21 22.38 -17.99
C LYS E 98 -4.64 21.29 -18.88
N ALA E 99 -5.22 21.11 -20.06
CA ALA E 99 -4.76 20.10 -21.00
C ALA E 99 -3.39 20.43 -21.52
N LYS E 100 -2.56 19.40 -21.59
CA LYS E 100 -1.17 19.52 -21.97
C LYS E 100 -0.92 19.05 -23.38
N TYR E 101 -1.61 18.01 -23.83
CA TYR E 101 -1.40 17.44 -25.15
C TYR E 101 -2.70 17.38 -25.91
N LEU E 102 -2.59 17.07 -27.20
CA LEU E 102 -3.72 17.05 -28.12
C LEU E 102 -3.43 16.00 -29.17
N ASP E 103 -4.47 15.45 -29.77
CA ASP E 103 -4.28 14.51 -30.87
C ASP E 103 -3.71 15.21 -32.09
N LEU E 104 -3.35 14.42 -33.09
CA LEU E 104 -2.94 15.03 -34.35
C LEU E 104 -4.13 15.66 -35.05
N LYS E 105 -5.33 15.14 -34.80
CA LYS E 105 -6.52 15.70 -35.42
C LYS E 105 -6.96 16.98 -34.72
N ASN E 106 -6.93 17.00 -33.39
CA ASN E 106 -7.34 18.17 -32.64
C ASN E 106 -6.32 19.30 -32.73
N PHE E 107 -5.04 18.97 -32.84
CA PHE E 107 -4.01 20.00 -32.94
C PHE E 107 -4.13 20.78 -34.22
N GLU E 108 -4.57 20.13 -35.29
CA GLU E 108 -4.82 20.83 -36.53
C GLU E 108 -6.03 21.73 -36.46
N LEU E 109 -6.95 21.48 -35.54
CA LEU E 109 -8.09 22.35 -35.28
C LEU E 109 -7.73 23.54 -34.40
N ALA E 110 -6.86 23.34 -33.41
CA ALA E 110 -6.50 24.40 -32.48
C ALA E 110 -5.69 25.50 -33.17
N LEU E 111 -5.01 25.17 -34.25
CA LEU E 111 -4.30 26.19 -35.00
C LEU E 111 -5.26 27.02 -35.83
N ARG E 112 -6.42 26.48 -36.13
CA ARG E 112 -7.45 27.17 -36.90
C ARG E 112 -8.39 27.97 -36.03
N LEU E 113 -8.20 27.90 -34.71
CA LEU E 113 -9.12 28.43 -33.70
C LEU E 113 -10.52 27.85 -33.87
N ARG E 114 -10.60 26.53 -33.89
CA ARG E 114 -11.83 25.75 -33.98
C ARG E 114 -11.94 24.83 -32.77
N PRO E 115 -13.14 24.40 -32.40
CA PRO E 115 -13.28 23.61 -31.16
C PRO E 115 -12.67 22.23 -31.24
N PHE E 116 -12.27 21.73 -30.08
CA PHE E 116 -11.52 20.50 -29.98
C PHE E 116 -11.91 19.78 -28.69
N THR E 117 -11.43 18.54 -28.56
CA THR E 117 -11.52 17.80 -27.31
C THR E 117 -10.10 17.39 -26.94
N ILE E 118 -9.92 16.97 -25.70
CA ILE E 118 -8.59 16.69 -25.18
C ILE E 118 -8.46 15.19 -24.95
N PRO E 119 -7.26 14.61 -24.81
CA PRO E 119 -7.15 13.18 -24.58
C PRO E 119 -7.65 12.75 -23.22
N GLU E 120 -8.43 11.66 -23.24
CA GLU E 120 -9.03 11.11 -22.03
C GLU E 120 -7.97 10.49 -21.12
N GLU E 121 -6.88 10.01 -21.70
CA GLU E 121 -5.92 9.17 -20.99
C GLU E 121 -4.50 9.50 -21.42
N ILE E 122 -3.64 9.73 -20.44
CA ILE E 122 -2.24 10.10 -20.67
C ILE E 122 -1.42 8.82 -20.80
N PRO E 123 -0.56 8.70 -21.81
CA PRO E 123 0.00 7.39 -22.15
C PRO E 123 1.16 6.93 -21.28
N TYR E 124 1.41 7.57 -20.15
CA TYR E 124 2.54 7.21 -19.32
C TYR E 124 2.23 7.62 -17.90
N ALA E 125 2.97 7.04 -16.98
CA ALA E 125 2.83 7.36 -15.58
C ALA E 125 4.19 7.71 -15.03
N ARG E 126 4.21 8.55 -14.01
CA ARG E 126 5.48 8.91 -13.32
C ARG E 126 5.42 8.20 -11.97
N VAL E 127 6.39 7.37 -11.64
CA VAL E 127 6.32 6.62 -10.36
C VAL E 127 7.66 6.73 -9.62
N ASP E 128 7.66 6.55 -8.31
CA ASP E 128 8.92 6.58 -7.52
C ASP E 128 9.23 5.15 -7.10
N VAL E 129 10.39 4.63 -7.47
CA VAL E 129 10.76 3.23 -7.13
C VAL E 129 11.85 3.27 -6.06
N PRO E 130 11.68 2.52 -4.97
CA PRO E 130 12.65 2.50 -3.89
C PRO E 130 13.94 1.80 -4.32
N ARG E 131 15.08 2.39 -4.01
CA ARG E 131 16.41 1.81 -4.32
C ARG E 131 17.20 1.76 -3.02
N VAL E 132 17.89 0.67 -2.71
CA VAL E 132 18.63 0.60 -1.43
C VAL E 132 20.12 0.35 -1.69
N VAL E 133 21.00 1.12 -1.05
CA VAL E 133 22.47 0.89 -1.15
C VAL E 133 22.83 -0.09 -0.02
N LEU E 134 23.53 -1.18 -0.29
CA LEU E 134 23.83 -2.14 0.80
C LEU E 134 25.34 -2.21 1.04
N ASP E 135 25.78 -2.09 2.28
CA ASP E 135 27.23 -2.18 2.60
C ASP E 135 27.69 -3.59 2.22
N ARG E 136 28.85 -3.75 1.60
CA ARG E 136 29.27 -5.12 1.20
C ARG E 136 29.48 -6.00 2.44
N VAL E 137 30.14 -5.49 3.48
CA VAL E 137 30.44 -6.30 4.70
C VAL E 137 29.20 -6.66 5.54
N THR E 138 28.29 -5.73 5.82
CA THR E 138 27.17 -6.10 6.74
C THR E 138 25.78 -5.90 6.14
N GLN E 139 25.65 -5.59 4.85
CA GLN E 139 24.31 -5.41 4.22
C GLN E 139 23.52 -4.29 4.91
N ASP E 140 24.14 -3.20 5.34
CA ASP E 140 23.35 -2.09 5.95
C ASP E 140 22.56 -1.42 4.83
N SER E 141 21.31 -1.07 5.04
CA SER E 141 20.49 -0.49 3.94
C SER E 141 20.39 1.04 4.07
N SER E 142 20.61 1.74 2.97
CA SER E 142 20.52 3.23 2.91
C SER E 142 19.57 3.56 1.76
N ILE E 143 18.28 3.34 1.98
CA ILE E 143 17.21 3.51 0.96
C ILE E 143 17.10 4.95 0.47
N TYR E 144 16.87 5.13 -0.82
CA TYR E 144 16.65 6.44 -1.49
C TYR E 144 15.52 6.26 -2.53
N PHE E 145 14.88 7.33 -2.97
CA PHE E 145 13.75 7.16 -3.93
C PHE E 145 14.12 7.74 -5.30
N TRP E 146 13.87 6.96 -6.35
CA TRP E 146 14.16 7.37 -7.75
C TRP E 146 12.84 7.46 -8.51
N GLU E 147 12.59 8.53 -9.25
CA GLU E 147 11.32 8.67 -10.01
C GLU E 147 11.58 8.46 -11.50
N GLU E 148 10.86 7.55 -12.14
CA GLU E 148 11.05 7.28 -13.58
C GLU E 148 9.70 7.17 -14.29
N ILE E 149 9.70 7.39 -15.59
CA ILE E 149 8.53 7.34 -16.46
C ILE E 149 8.30 5.92 -16.92
N ARG E 150 7.17 5.37 -16.59
CA ARG E 150 6.85 4.02 -17.00
C ARG E 150 5.71 4.09 -17.99
N PHE E 151 5.93 3.55 -19.18
CA PHE E 151 4.99 3.67 -20.26
C PHE E 151 3.96 2.56 -20.22
N ARG E 152 2.92 2.72 -21.03
CA ARG E 152 1.89 1.70 -21.14
C ARG E 152 2.38 0.61 -22.07
N GLU E 153 1.45 -0.22 -22.55
CA GLU E 153 1.81 -1.34 -23.42
C GLU E 153 2.37 -0.86 -24.76
N LYS E 154 1.55 -0.16 -25.54
CA LYS E 154 1.89 0.21 -26.91
C LYS E 154 2.19 1.69 -27.05
N SER E 155 2.61 2.35 -25.99
CA SER E 155 2.93 3.77 -26.05
C SER E 155 4.44 3.92 -26.15
N GLY E 156 4.88 5.14 -26.42
CA GLY E 156 6.29 5.43 -26.46
C GLY E 156 6.48 6.91 -26.66
N VAL E 157 7.52 7.33 -27.35
CA VAL E 157 7.78 8.75 -27.50
C VAL E 157 8.39 8.92 -28.87
N TYR E 158 8.28 10.13 -29.41
CA TYR E 158 8.82 10.36 -30.74
C TYR E 158 9.22 11.80 -30.86
N PHE E 159 10.22 12.10 -31.69
CA PHE E 159 10.46 13.48 -32.01
C PHE E 159 10.36 13.66 -33.51
N LEU E 160 10.34 14.90 -33.94
CA LEU E 160 10.17 15.24 -35.34
C LEU E 160 11.44 15.87 -35.88
N TYR E 161 11.56 15.87 -37.20
CA TYR E 161 12.73 16.40 -37.86
C TYR E 161 12.33 16.97 -39.20
N SER E 162 12.60 18.26 -39.41
CA SER E 162 12.47 18.83 -40.75
C SER E 162 13.84 19.34 -41.15
N GLY E 163 14.24 19.01 -42.35
CA GLY E 163 15.50 19.45 -42.88
C GLY E 163 15.82 18.67 -44.13
N PRO E 164 17.00 18.88 -44.67
CA PRO E 164 17.44 18.06 -45.80
C PRO E 164 17.67 16.60 -45.42
N ARG E 165 17.51 15.72 -46.40
CA ARG E 165 17.60 14.28 -46.17
C ARG E 165 19.04 13.82 -46.04
N GLU E 166 19.99 14.56 -46.58
CA GLU E 166 21.39 14.15 -46.43
C GLU E 166 21.95 14.40 -45.05
N VAL E 167 21.27 15.21 -44.23
CA VAL E 167 21.60 15.33 -42.82
C VAL E 167 21.01 14.18 -42.02
N PHE E 168 19.79 13.77 -42.39
CA PHE E 168 19.07 12.74 -41.65
C PHE E 168 19.76 11.40 -41.72
N ASP E 169 20.11 10.95 -42.92
CA ASP E 169 20.83 9.70 -43.03
C ASP E 169 22.29 9.83 -42.63
N GLY E 170 22.80 11.04 -42.58
CA GLY E 170 24.21 11.20 -42.33
C GLY E 170 24.53 11.36 -40.86
N TYR E 171 23.62 11.97 -40.10
CA TYR E 171 23.93 12.31 -38.72
C TYR E 171 22.86 11.91 -37.74
N ILE E 172 21.62 11.68 -38.18
CA ILE E 172 20.56 11.45 -37.20
C ILE E 172 20.18 9.97 -37.15
N ALA E 173 19.95 9.35 -38.30
CA ALA E 173 19.65 7.92 -38.28
C ALA E 173 20.81 7.03 -37.84
N PRO E 174 22.09 7.35 -38.06
CA PRO E 174 23.13 6.67 -37.29
C PRO E 174 23.11 6.95 -35.80
N ALA E 175 22.93 8.20 -35.39
CA ALA E 175 22.94 8.53 -33.98
C ALA E 175 21.77 7.95 -33.24
N MET E 176 20.64 7.75 -33.89
CA MET E 176 19.50 7.18 -33.19
C MET E 176 19.51 5.66 -33.26
N ARG E 177 20.60 5.05 -33.68
CA ARG E 177 20.81 3.63 -33.47
C ARG E 177 21.89 3.37 -32.43
N PHE E 178 22.82 4.30 -32.29
CA PHE E 178 23.69 4.29 -31.13
C PHE E 178 22.92 4.59 -29.87
N LEU E 179 21.99 5.53 -29.94
CA LEU E 179 21.21 5.90 -28.77
C LEU E 179 20.17 4.88 -28.40
N GLY E 180 19.80 4.02 -29.34
CA GLY E 180 18.87 2.93 -29.01
C GLY E 180 19.54 1.94 -28.07
N ASP E 181 20.80 1.63 -28.32
CA ASP E 181 21.56 0.69 -27.46
C ASP E 181 22.29 1.42 -26.33
N THR E 182 22.35 2.75 -26.30
CA THR E 182 23.06 3.45 -25.19
C THR E 182 22.07 4.19 -24.29
N GLY E 183 20.88 4.50 -24.77
CA GLY E 183 19.84 5.15 -23.95
C GLY E 183 19.92 6.67 -23.94
N ILE E 184 18.83 7.33 -23.53
CA ILE E 184 18.75 8.82 -23.44
C ILE E 184 18.37 9.19 -22.01
N GLY E 185 19.04 10.15 -21.39
CA GLY E 185 18.71 10.54 -20.01
C GLY E 185 19.57 9.80 -18.99
N GLY E 186 19.33 10.02 -17.72
CA GLY E 186 20.10 9.44 -16.61
C GLY E 186 19.75 7.99 -16.29
N LYS E 187 20.59 7.35 -15.49
CA LYS E 187 20.42 5.93 -15.05
C LYS E 187 20.31 5.00 -16.25
N SER E 188 21.15 5.17 -17.25
CA SER E 188 21.11 4.29 -18.41
C SER E 188 21.83 2.99 -18.16
N THR E 189 22.36 2.79 -16.97
CA THR E 189 23.01 1.55 -16.60
C THR E 189 22.12 0.66 -15.78
N TRP E 190 20.90 1.10 -15.51
CA TRP E 190 19.81 0.27 -15.04
C TRP E 190 18.81 0.02 -16.14
N GLY E 191 19.21 0.25 -17.38
CA GLY E 191 18.32 0.03 -18.50
C GLY E 191 17.30 1.10 -18.73
N ALA E 192 17.61 2.37 -18.43
CA ALA E 192 16.54 3.35 -18.51
C ALA E 192 16.32 3.83 -19.94
N GLY E 193 17.14 4.72 -20.44
CA GLY E 193 16.65 5.46 -21.59
C GLY E 193 16.72 4.75 -22.93
N LEU E 194 16.67 3.42 -22.88
CA LEU E 194 16.83 2.53 -24.05
C LEU E 194 15.56 2.47 -24.91
N PHE E 195 15.68 2.03 -26.15
CA PHE E 195 14.55 1.96 -27.05
C PHE E 195 14.96 1.24 -28.32
N GLU E 196 13.95 0.80 -29.07
CA GLU E 196 14.12 0.49 -30.49
C GLU E 196 13.80 1.76 -31.25
N VAL E 197 13.92 1.74 -32.54
CA VAL E 197 13.69 2.95 -33.31
C VAL E 197 13.00 2.64 -34.63
N GLU E 198 12.04 3.46 -35.00
CA GLU E 198 11.33 3.39 -36.27
C GLU E 198 11.30 4.77 -36.88
N PHE E 199 10.99 4.85 -38.16
CA PHE E 199 10.95 6.13 -38.86
C PHE E 199 9.65 6.18 -39.65
N HIS E 200 9.02 7.34 -39.68
CA HIS E 200 7.80 7.47 -40.46
C HIS E 200 7.74 8.80 -41.17
N GLU E 201 6.63 9.00 -41.86
CA GLU E 201 6.34 10.19 -42.62
C GLU E 201 5.10 10.79 -41.97
N MET E 202 5.28 11.92 -41.31
CA MET E 202 4.17 12.61 -40.67
C MET E 202 3.83 13.84 -41.49
N LYS E 203 2.54 14.08 -41.70
CA LYS E 203 2.07 15.33 -42.26
C LYS E 203 1.24 16.05 -41.23
N ILE E 204 1.55 17.31 -40.96
CA ILE E 204 0.73 18.17 -40.11
C ILE E 204 0.23 19.32 -40.96
N ASP E 205 -1.09 19.47 -41.08
CA ASP E 205 -1.63 20.65 -41.72
C ASP E 205 -1.47 21.86 -40.80
N ALA E 206 -1.37 23.04 -41.39
CA ALA E 206 -1.24 24.25 -40.62
C ALA E 206 -1.90 25.35 -41.42
N PRO E 207 -2.33 26.43 -40.79
CA PRO E 207 -2.69 27.61 -41.58
C PRO E 207 -1.44 28.32 -42.05
N GLY E 208 -1.64 29.34 -42.85
CA GLY E 208 -0.55 30.23 -43.17
C GLY E 208 -0.81 31.53 -42.47
N SER E 209 0.15 32.01 -41.67
CA SER E 209 -0.01 33.29 -41.01
C SER E 209 1.37 33.86 -40.74
N GLU E 210 1.40 34.95 -39.98
CA GLU E 210 2.65 35.54 -39.57
C GLU E 210 3.26 34.86 -38.36
N TYR E 211 2.42 34.41 -37.45
CA TYR E 211 2.86 33.86 -36.18
C TYR E 211 2.97 32.35 -36.30
N SER E 212 3.77 31.76 -35.41
CA SER E 212 4.01 30.33 -35.49
C SER E 212 4.26 29.78 -34.10
N VAL E 213 3.59 28.66 -33.77
CA VAL E 213 3.93 27.91 -32.56
C VAL E 213 5.32 27.34 -32.68
N THR E 214 5.86 26.91 -31.57
CA THR E 214 7.11 26.16 -31.62
C THR E 214 6.88 24.82 -30.97
N LEU E 215 7.66 23.85 -31.37
CA LEU E 215 7.58 22.52 -30.80
C LEU E 215 8.92 22.12 -30.24
N SER E 216 9.67 23.10 -29.75
CA SER E 216 11.02 22.92 -29.14
C SER E 216 11.32 24.10 -28.21
N ASN E 217 12.30 23.92 -27.34
CA ASN E 217 12.63 24.97 -26.34
C ASN E 217 13.55 25.97 -27.02
N ALA E 218 12.98 27.06 -27.48
CA ALA E 218 13.77 28.10 -28.17
C ALA E 218 14.51 28.95 -27.14
N LEU E 219 15.54 29.64 -27.59
CA LEU E 219 16.31 30.60 -26.78
C LEU E 219 16.27 31.85 -27.65
N PRO E 220 15.08 32.46 -27.74
CA PRO E 220 14.71 33.55 -28.63
C PRO E 220 15.48 34.86 -28.46
N THR E 221 15.83 35.46 -29.59
CA THR E 221 16.52 36.78 -29.59
C THR E 221 15.56 37.92 -29.19
N LYS E 222 14.37 37.99 -29.77
CA LYS E 222 13.36 38.97 -29.39
C LYS E 222 12.31 38.32 -28.49
N THR E 223 11.45 39.12 -27.90
CA THR E 223 10.41 38.56 -27.05
C THR E 223 9.31 37.95 -27.90
N PRO E 224 8.81 36.80 -27.56
CA PRO E 224 7.75 36.20 -28.36
C PRO E 224 6.38 36.75 -28.07
N VAL E 225 5.35 36.13 -28.62
CA VAL E 225 4.00 36.69 -28.51
C VAL E 225 3.36 36.26 -27.21
N LEU E 226 3.37 34.97 -26.93
CA LEU E 226 2.75 34.37 -25.77
C LEU E 226 3.60 33.19 -25.38
N TRP E 227 4.15 33.21 -24.18
CA TRP E 227 5.16 32.23 -23.90
C TRP E 227 4.86 31.52 -22.61
N ARG E 228 5.78 30.64 -22.22
CA ARG E 228 5.69 29.94 -20.96
C ARG E 228 7.10 29.51 -20.62
N LEU E 229 7.63 30.02 -19.52
CA LEU E 229 9.02 29.87 -19.21
C LEU E 229 9.36 28.44 -18.83
N LEU E 230 10.60 28.12 -19.17
CA LEU E 230 11.25 26.83 -18.86
C LEU E 230 12.59 27.23 -18.24
N ARG E 231 12.92 26.77 -17.05
CA ARG E 231 14.17 27.27 -16.51
C ARG E 231 14.99 26.02 -16.21
N LYS E 232 15.68 25.52 -17.22
CA LYS E 232 16.45 24.30 -17.05
C LYS E 232 17.88 24.57 -17.47
N GLY E 233 18.79 23.83 -16.88
CA GLY E 233 20.13 23.75 -17.41
C GLY E 233 20.71 22.43 -16.98
N GLY E 234 21.15 21.63 -17.93
CA GLY E 234 21.51 20.27 -17.64
C GLY E 234 22.93 20.04 -17.20
N TRP E 235 23.57 19.02 -17.77
CA TRP E 235 24.88 18.54 -17.35
C TRP E 235 25.68 18.15 -18.57
N SER E 236 26.99 18.24 -18.47
CA SER E 236 27.80 18.05 -19.66
C SER E 236 29.19 17.60 -19.27
N PHE E 237 29.46 16.30 -19.43
CA PHE E 237 30.71 15.65 -19.06
C PHE E 237 31.09 15.94 -17.61
N GLY E 238 30.11 15.80 -16.74
CA GLY E 238 30.38 15.96 -15.33
C GLY E 238 30.54 17.37 -14.84
N ARG E 239 30.37 18.38 -15.68
CA ARG E 239 30.25 19.77 -15.27
C ARG E 239 28.80 20.20 -15.30
N ARG E 240 28.44 21.07 -14.37
CA ARG E 240 27.08 21.58 -14.28
C ARG E 240 26.92 22.72 -15.27
N LYS E 241 25.96 22.61 -16.18
CA LYS E 241 25.64 23.73 -17.03
C LYS E 241 25.01 24.85 -16.21
N PRO E 242 25.10 26.09 -16.66
CA PRO E 242 24.26 27.13 -16.08
C PRO E 242 22.81 26.98 -16.53
N ARG E 243 21.90 27.53 -15.75
CA ARG E 243 20.50 27.46 -16.13
C ARG E 243 20.19 28.51 -17.18
N MET E 244 19.26 28.20 -18.06
CA MET E 244 18.94 29.05 -19.17
C MET E 244 17.44 29.12 -19.29
N THR E 245 16.94 30.32 -19.47
CA THR E 245 15.52 30.50 -19.73
C THR E 245 15.22 29.99 -21.11
N PHE E 246 14.61 28.82 -21.17
CA PHE E 246 14.07 28.27 -22.45
C PHE E 246 12.58 28.58 -22.52
N ILE E 247 11.93 28.50 -23.68
CA ILE E 247 10.46 28.72 -23.72
C ILE E 247 9.81 27.37 -24.02
N ALA E 248 8.75 26.99 -23.31
CA ALA E 248 8.11 25.67 -23.49
C ALA E 248 7.38 25.56 -24.82
N GLU E 249 7.16 24.33 -25.28
CA GLU E 249 6.50 24.05 -26.58
C GLU E 249 5.08 24.63 -26.57
N GLY E 250 4.66 25.22 -27.68
CA GLY E 250 3.38 25.84 -27.79
C GLY E 250 3.44 27.34 -27.69
N SER E 251 4.61 27.87 -27.40
CA SER E 251 4.79 29.29 -27.26
C SER E 251 4.74 29.87 -28.66
N ILE E 252 4.08 31.00 -28.81
CA ILE E 252 3.96 31.62 -30.11
C ILE E 252 5.08 32.63 -30.28
N VAL E 253 5.87 32.47 -31.32
CA VAL E 253 6.91 33.43 -31.62
C VAL E 253 6.48 34.16 -32.86
N LYS E 254 7.20 35.19 -33.26
CA LYS E 254 6.92 35.83 -34.54
C LYS E 254 8.21 35.96 -35.32
N ASN E 255 8.42 35.05 -36.27
CA ASN E 255 9.50 35.09 -37.24
C ASN E 255 10.86 35.15 -36.54
N ASP E 256 11.05 34.22 -35.62
CA ASP E 256 12.18 34.15 -34.72
C ASP E 256 12.90 32.85 -35.01
N PRO E 257 14.19 32.86 -35.28
CA PRO E 257 14.84 31.62 -35.67
C PRO E 257 15.42 30.86 -34.49
N GLY E 258 15.12 31.29 -33.29
CA GLY E 258 15.72 30.56 -32.20
C GLY E 258 17.13 31.03 -31.96
N GLY E 259 18.02 30.07 -31.79
CA GLY E 259 19.43 30.37 -31.71
C GLY E 259 20.17 29.33 -30.90
N MET E 260 21.39 28.97 -31.26
CA MET E 260 22.16 28.09 -30.40
C MET E 260 23.11 28.89 -29.53
N GLU E 261 23.06 28.64 -28.23
CA GLU E 261 24.03 29.23 -27.34
C GLU E 261 25.20 28.29 -27.13
N ARG E 262 26.41 28.82 -27.23
CA ARG E 262 27.59 28.04 -26.93
C ARG E 262 28.17 28.41 -25.58
N LEU E 263 28.76 27.43 -24.91
CA LEU E 263 29.34 27.58 -23.58
C LEU E 263 30.72 26.95 -23.58
N GLU E 264 31.47 27.18 -22.51
CA GLU E 264 32.85 26.72 -22.54
C GLU E 264 33.11 25.61 -21.53
N LEU E 265 32.72 25.76 -20.26
CA LEU E 265 32.70 24.73 -19.23
C LEU E 265 34.04 24.10 -18.92
N GLY E 266 35.14 24.55 -19.52
CA GLY E 266 36.44 24.00 -19.22
C GLY E 266 36.65 22.60 -19.73
N LEU E 267 36.13 22.30 -20.91
CA LEU E 267 36.35 21.03 -21.57
C LEU E 267 37.30 21.28 -22.72
N SER E 268 37.83 20.18 -23.27
CA SER E 268 38.81 20.29 -24.36
C SER E 268 38.18 20.85 -25.62
N HIS E 269 36.88 20.68 -25.75
CA HIS E 269 36.05 21.22 -26.80
C HIS E 269 35.07 22.20 -26.16
N GLU E 270 34.09 22.63 -26.93
CA GLU E 270 33.08 23.56 -26.44
C GLU E 270 31.70 22.93 -26.57
N VAL E 271 30.73 23.55 -25.93
CA VAL E 271 29.41 22.95 -25.69
C VAL E 271 28.37 23.84 -26.33
N TYR E 272 27.57 23.29 -27.23
CA TYR E 272 26.50 24.02 -27.87
C TYR E 272 25.16 23.57 -27.32
N VAL E 273 24.48 24.48 -26.65
CA VAL E 273 23.16 24.22 -26.10
C VAL E 273 22.17 24.49 -27.21
N TYR E 274 21.36 23.49 -27.53
CA TYR E 274 20.39 23.61 -28.61
C TYR E 274 19.26 24.53 -28.16
N GLY E 275 18.98 25.55 -28.95
CA GLY E 275 17.87 26.39 -28.63
C GLY E 275 17.11 26.82 -29.85
N LEU E 276 17.04 26.00 -30.87
CA LEU E 276 16.40 26.43 -32.10
C LEU E 276 14.91 26.09 -32.08
N THR E 277 14.14 26.93 -32.73
CA THR E 277 12.69 26.83 -32.74
C THR E 277 12.23 25.84 -33.81
N PHE E 278 10.97 25.44 -33.77
CA PHE E 278 10.40 24.46 -34.69
C PHE E 278 9.07 25.03 -35.15
N PRO E 279 9.04 25.84 -36.20
CA PRO E 279 7.84 26.62 -36.48
C PRO E 279 6.76 25.85 -37.22
N LEU E 280 5.54 26.11 -36.77
CA LEU E 280 4.24 25.66 -37.34
C LEU E 280 3.37 26.91 -37.39
N GLY E 281 2.71 27.25 -38.50
CA GLY E 281 1.94 28.48 -38.51
C GLY E 281 0.65 28.36 -37.71
N VAL E 282 0.21 29.46 -37.12
CA VAL E 282 -0.88 29.48 -36.17
C VAL E 282 -1.68 30.76 -36.37
N GLU E 283 -3.00 30.65 -36.23
CA GLU E 283 -3.91 31.78 -36.34
C GLU E 283 -4.25 32.29 -34.95
N LEU E 284 -3.92 33.54 -34.67
CA LEU E 284 -4.14 34.17 -33.39
C LEU E 284 -5.39 35.03 -33.38
N PRO E 285 -5.90 35.34 -32.20
CA PRO E 285 -6.86 36.44 -32.06
C PRO E 285 -6.18 37.80 -32.08
N GLU E 286 -6.90 38.84 -31.70
CA GLU E 286 -6.37 40.21 -31.70
C GLU E 286 -5.42 40.54 -30.55
N GLY E 287 -4.35 39.75 -30.40
CA GLY E 287 -3.36 40.00 -29.37
C GLY E 287 -2.83 38.75 -28.70
N MET H 1 15.15 -45.53 26.55
CA MET H 1 14.90 -46.57 25.55
C MET H 1 14.43 -45.96 24.24
N THR H 2 14.72 -46.66 23.15
CA THR H 2 14.14 -46.34 21.85
C THR H 2 13.73 -47.64 21.19
N GLU H 3 12.70 -47.54 20.34
CA GLU H 3 12.11 -48.66 19.58
C GLU H 3 11.59 -49.74 20.55
N ARG H 4 10.63 -49.33 21.36
CA ARG H 4 10.00 -50.22 22.34
C ARG H 4 8.88 -50.98 21.65
N THR H 5 9.16 -52.21 21.22
CA THR H 5 8.21 -52.98 20.43
C THR H 5 7.00 -53.40 21.25
N LEU H 6 5.91 -53.71 20.55
CA LEU H 6 4.64 -54.08 21.16
C LEU H 6 4.18 -55.42 20.61
N LYS H 7 3.10 -55.92 21.18
CA LYS H 7 2.39 -57.06 20.61
C LYS H 7 0.90 -56.83 20.79
N VAL H 8 0.11 -57.71 20.18
CA VAL H 8 -1.33 -57.53 20.05
C VAL H 8 -2.01 -58.77 20.60
N LEU H 9 -2.90 -58.59 21.58
CA LEU H 9 -3.48 -59.69 22.34
C LEU H 9 -4.94 -59.94 22.07
N SER H 10 -5.62 -59.02 21.40
CA SER H 10 -7.03 -59.09 21.07
C SER H 10 -7.17 -58.39 19.72
N PRO H 11 -8.31 -58.53 19.03
CA PRO H 11 -8.50 -57.76 17.79
C PRO H 11 -8.43 -56.26 18.02
N LEU H 12 -7.87 -55.55 17.05
CA LEU H 12 -7.49 -54.15 17.21
C LEU H 12 -7.88 -53.41 15.94
N HIS H 13 -8.89 -52.54 16.04
CA HIS H 13 -9.39 -51.78 14.90
C HIS H 13 -9.15 -50.30 15.14
N ILE H 14 -8.26 -49.71 14.34
CA ILE H 14 -8.09 -48.27 14.29
C ILE H 14 -8.87 -47.79 13.08
N GLY H 15 -9.95 -47.06 13.30
CA GLY H 15 -10.81 -46.67 12.21
C GLY H 15 -10.24 -45.57 11.36
N THR H 16 -10.71 -45.46 10.12
CA THR H 16 -10.39 -44.32 9.27
C THR H 16 -11.64 -43.58 8.82
N GLY H 17 -12.81 -43.95 9.33
CA GLY H 17 -14.04 -43.31 8.94
C GLY H 17 -14.40 -43.63 7.49
N ASN H 18 -14.45 -44.91 7.18
CA ASN H 18 -14.67 -45.37 5.82
C ASN H 18 -15.17 -46.81 5.91
N GLU H 19 -16.12 -47.15 5.06
CA GLU H 19 -16.64 -48.50 4.98
C GLU H 19 -16.54 -48.98 3.54
N LEU H 20 -16.44 -50.30 3.39
CA LEU H 20 -16.41 -50.93 2.08
C LEU H 20 -17.81 -51.34 1.68
N THR H 21 -18.35 -50.69 0.65
CA THR H 21 -19.62 -51.03 0.08
C THR H 21 -19.52 -52.38 -0.63
N PRO H 22 -20.65 -53.10 -0.81
CA PRO H 22 -20.57 -54.42 -1.45
C PRO H 22 -20.19 -54.41 -2.93
N VAL H 23 -20.15 -53.24 -3.58
CA VAL H 23 -19.62 -53.17 -4.94
C VAL H 23 -18.10 -53.23 -4.96
N ASP H 24 -17.46 -53.07 -3.80
CA ASP H 24 -16.01 -53.18 -3.69
C ASP H 24 -15.54 -54.59 -3.41
N ILE H 25 -16.46 -55.49 -3.04
CA ILE H 25 -16.16 -56.78 -2.47
C ILE H 25 -16.81 -57.85 -3.32
N TYR H 26 -16.11 -58.96 -3.55
CA TYR H 26 -16.75 -60.20 -3.97
C TYR H 26 -16.01 -61.37 -3.34
N PRO H 27 -16.60 -62.02 -2.34
CA PRO H 27 -15.98 -63.20 -1.71
C PRO H 27 -16.23 -64.46 -2.51
N ARG H 28 -15.21 -64.92 -3.24
CA ARG H 28 -15.34 -66.15 -4.01
C ARG H 28 -15.32 -67.37 -3.10
N GLU H 29 -14.61 -67.28 -1.98
CA GLU H 29 -14.42 -68.39 -1.07
C GLU H 29 -14.77 -67.91 0.34
N ASN H 30 -14.36 -68.69 1.35
CA ASN H 30 -14.32 -68.16 2.71
C ASN H 30 -13.35 -66.99 2.85
N ILE H 31 -12.29 -66.96 2.03
CA ILE H 31 -11.49 -65.75 1.86
C ILE H 31 -12.34 -64.69 1.19
N ILE H 32 -12.05 -63.41 1.44
CA ILE H 32 -12.77 -62.33 0.78
C ILE H 32 -11.78 -61.59 -0.13
N HIS H 33 -12.33 -60.69 -0.94
CA HIS H 33 -11.46 -59.91 -1.87
C HIS H 33 -11.97 -58.47 -1.98
N VAL H 34 -11.03 -57.53 -2.06
CA VAL H 34 -11.31 -56.12 -2.28
C VAL H 34 -10.99 -55.84 -3.74
N LEU H 35 -12.03 -55.71 -4.55
CA LEU H 35 -11.85 -55.48 -6.01
C LEU H 35 -11.34 -54.05 -6.25
N ASP H 36 -10.60 -53.82 -7.33
CA ASP H 36 -10.14 -52.43 -7.63
C ASP H 36 -11.10 -51.83 -8.65
N THR H 37 -12.01 -50.97 -8.20
CA THR H 37 -13.02 -50.34 -9.10
C THR H 37 -12.34 -49.44 -10.13
N GLU H 38 -11.36 -48.63 -9.74
CA GLU H 38 -10.68 -47.71 -10.68
C GLU H 38 -9.98 -48.50 -11.78
N ARG H 39 -9.31 -49.60 -11.43
CA ARG H 39 -8.60 -50.43 -12.44
C ARG H 39 -9.57 -51.42 -13.08
N LEU H 40 -10.41 -52.08 -12.29
CA LEU H 40 -11.37 -53.09 -12.83
C LEU H 40 -12.37 -52.41 -13.77
N VAL H 41 -12.90 -51.26 -13.38
CA VAL H 41 -13.87 -50.52 -14.22
C VAL H 41 -13.20 -50.09 -15.53
N ASN H 42 -11.96 -49.63 -15.45
CA ASN H 42 -11.21 -49.16 -16.64
C ASN H 42 -10.65 -50.37 -17.41
N ASP H 43 -10.69 -51.56 -16.80
CA ASP H 43 -10.20 -52.80 -17.46
C ASP H 43 -11.39 -53.54 -18.09
N LEU H 44 -12.62 -53.22 -17.67
CA LEU H 44 -13.83 -53.88 -18.23
C LEU H 44 -14.42 -53.04 -19.36
N MET H 45 -13.69 -52.03 -19.83
CA MET H 45 -14.15 -51.18 -20.95
C MET H 45 -13.78 -51.86 -22.27
N ASN H 46 -12.54 -52.35 -22.38
CA ASN H 46 -12.09 -52.99 -23.61
C ASN H 46 -13.18 -53.89 -24.21
N LEU H 47 -13.98 -54.53 -23.37
CA LEU H 47 -15.12 -55.33 -23.80
C LEU H 47 -16.44 -54.59 -23.69
N GLY H 48 -16.41 -53.31 -23.32
CA GLY H 48 -17.57 -52.43 -23.10
C GLY H 48 -18.59 -53.00 -22.12
N GLU H 50 -18.70 -48.02 -20.39
CA GLU H 50 -19.94 -47.53 -20.98
C GLU H 50 -20.68 -46.65 -19.97
N LEU H 51 -21.97 -46.45 -20.23
CA LEU H 51 -22.84 -45.78 -19.26
C LEU H 51 -23.63 -46.76 -18.41
N ASN H 52 -23.45 -48.06 -18.66
CA ASN H 52 -24.13 -49.07 -17.85
C ASN H 52 -23.49 -49.22 -16.48
N GLU H 53 -22.17 -49.03 -16.39
CA GLU H 53 -21.50 -49.10 -15.10
C GLU H 53 -21.87 -47.91 -14.23
N ILE H 54 -22.01 -46.73 -14.83
CA ILE H 54 -22.44 -45.55 -14.09
C ILE H 54 -23.91 -45.60 -13.72
N LEU H 55 -24.69 -46.44 -14.38
CA LEU H 55 -26.10 -46.60 -14.04
C LEU H 55 -26.31 -47.69 -12.99
N ALA H 56 -25.59 -48.80 -13.10
CA ALA H 56 -25.82 -49.93 -12.20
C ALA H 56 -25.22 -49.70 -10.82
N LEU H 57 -24.05 -49.06 -10.73
CA LEU H 57 -23.44 -48.81 -9.44
C LEU H 57 -24.22 -47.75 -8.65
N LEU H 58 -24.81 -46.78 -9.35
CA LEU H 58 -25.67 -45.82 -8.70
C LEU H 58 -27.01 -46.43 -8.31
N LYS H 59 -27.43 -47.48 -9.00
CA LYS H 59 -28.73 -48.09 -8.73
C LYS H 59 -28.70 -48.94 -7.46
N ASN H 60 -27.65 -49.76 -7.31
CA ASN H 60 -27.45 -50.69 -6.20
C ASN H 60 -28.63 -51.65 -6.04
N PRO H 61 -28.78 -52.52 -7.04
CA PRO H 61 -29.84 -53.51 -7.04
C PRO H 61 -29.39 -54.74 -6.23
N PRO H 62 -30.13 -55.83 -6.35
CA PRO H 62 -29.77 -57.06 -5.65
C PRO H 62 -28.58 -57.75 -6.33
N ALA H 65 -23.78 -55.40 -4.96
CA ALA H 65 -23.89 -56.49 -4.02
C ALA H 65 -23.40 -57.80 -4.64
N TYR H 66 -24.27 -58.81 -4.65
CA TYR H 66 -23.89 -60.13 -5.14
C TYR H 66 -23.75 -60.13 -6.66
N ILE H 67 -24.86 -59.87 -7.36
CA ILE H 67 -24.81 -59.87 -8.82
C ILE H 67 -24.06 -58.67 -9.38
N TRP H 68 -24.03 -57.55 -8.64
CA TRP H 68 -23.28 -56.38 -9.07
C TRP H 68 -21.78 -56.54 -8.91
N LYS H 69 -21.32 -57.63 -8.29
CA LYS H 69 -19.92 -57.98 -8.28
C LYS H 69 -19.62 -59.30 -8.99
N GLY H 70 -20.60 -60.18 -9.11
CA GLY H 70 -20.42 -61.44 -9.83
C GLY H 70 -20.69 -61.32 -11.32
N TYR H 71 -21.14 -60.16 -11.81
CA TYR H 71 -21.30 -59.95 -13.23
C TYR H 71 -19.97 -59.74 -13.94
N ILE H 72 -18.88 -59.55 -13.20
CA ILE H 72 -17.55 -59.55 -13.78
C ILE H 72 -17.06 -60.95 -14.10
N GLU H 73 -17.68 -61.98 -13.54
CA GLU H 73 -17.25 -63.35 -13.79
C GLU H 73 -17.52 -63.78 -15.22
N GLU H 74 -18.51 -63.16 -15.87
CA GLU H 74 -18.77 -63.41 -17.28
C GLU H 74 -17.63 -62.84 -18.12
N PHE H 75 -16.84 -63.74 -18.72
CA PHE H 75 -15.74 -63.45 -19.64
C PHE H 75 -14.60 -62.64 -19.00
N HIS H 76 -14.50 -62.63 -17.67
CA HIS H 76 -13.40 -61.98 -16.97
C HIS H 76 -13.29 -62.59 -15.57
N LEU H 77 -12.16 -62.34 -14.92
CA LEU H 77 -11.90 -62.77 -13.55
C LEU H 77 -10.68 -62.04 -13.01
N ASP H 78 -10.42 -62.24 -11.71
CA ASP H 78 -9.15 -61.97 -11.03
C ASP H 78 -8.76 -60.49 -11.08
N PRO H 79 -9.54 -59.68 -10.36
CA PRO H 79 -9.22 -58.27 -10.14
C PRO H 79 -9.44 -57.92 -8.68
N SER H 80 -8.42 -58.11 -7.84
CA SER H 80 -8.51 -57.85 -6.41
C SER H 80 -7.31 -57.05 -5.94
N ASP H 81 -7.47 -56.37 -4.80
CA ASP H 81 -6.42 -55.52 -4.24
C ASP H 81 -5.71 -56.15 -3.05
N TYR H 82 -6.43 -56.45 -1.98
CA TYR H 82 -5.81 -56.83 -0.71
C TYR H 82 -6.10 -58.25 -0.27
N SER H 83 -7.35 -58.72 -0.45
CA SER H 83 -7.79 -60.10 -0.23
C SER H 83 -7.60 -60.53 1.23
N ILE H 84 -8.38 -59.91 2.10
CA ILE H 84 -8.39 -60.25 3.52
C ILE H 84 -9.10 -61.57 3.77
N TYR H 85 -9.12 -62.00 5.03
CA TYR H 85 -9.77 -63.24 5.44
C TYR H 85 -10.94 -62.93 6.34
N THR H 86 -11.95 -63.81 6.33
CA THR H 86 -13.20 -63.51 7.01
C THR H 86 -13.15 -63.88 8.48
N LEU H 87 -12.50 -65.00 8.82
CA LEU H 87 -12.15 -65.42 10.19
C LEU H 87 -13.36 -65.55 11.12
N LYS H 88 -14.56 -65.72 10.57
CA LYS H 88 -15.79 -65.77 11.35
C LYS H 88 -16.89 -66.37 10.50
N ILE H 89 -17.97 -66.78 11.18
CA ILE H 89 -19.07 -67.49 10.52
C ILE H 89 -20.13 -66.50 10.04
N HIS H 90 -19.76 -65.74 9.01
CA HIS H 90 -20.65 -64.76 8.41
C HIS H 90 -20.21 -64.51 6.98
N GLY H 91 -21.05 -63.75 6.26
CA GLY H 91 -20.87 -63.35 4.85
C GLY H 91 -20.61 -64.54 3.92
N ARG H 95 -27.00 -62.18 0.27
CA ARG H 95 -26.66 -62.22 1.68
C ARG H 95 -25.36 -61.47 1.95
N LYS H 96 -24.97 -60.60 1.02
CA LYS H 96 -23.77 -59.78 1.21
C LYS H 96 -24.01 -58.82 2.36
N SER H 97 -24.92 -57.86 2.17
CA SER H 97 -25.58 -57.01 3.17
C SER H 97 -24.70 -56.51 4.31
N MET H 98 -23.48 -56.09 4.00
CA MET H 98 -22.51 -55.76 5.03
C MET H 98 -21.74 -54.51 4.63
N GLN H 99 -21.18 -53.84 5.64
CA GLN H 99 -20.30 -52.70 5.44
C GLN H 99 -19.05 -52.93 6.29
N ILE H 100 -18.00 -53.46 5.67
CA ILE H 100 -16.76 -53.70 6.38
C ILE H 100 -16.08 -52.36 6.65
N LYS H 101 -15.94 -52.02 7.92
CA LYS H 101 -15.16 -50.84 8.29
C LYS H 101 -13.69 -51.14 8.09
N GLU H 102 -12.98 -50.26 7.42
CA GLU H 102 -11.59 -50.54 7.08
C GLU H 102 -10.60 -49.91 8.06
N PHE H 103 -9.40 -50.47 8.08
CA PHE H 103 -8.31 -50.09 8.96
C PHE H 103 -7.48 -48.99 8.30
N ILE H 104 -6.80 -48.20 9.12
CA ILE H 104 -5.99 -47.11 8.58
C ILE H 104 -4.74 -47.67 7.91
N LYS H 105 -4.53 -47.30 6.65
CA LYS H 105 -3.44 -47.87 5.88
C LYS H 105 -2.73 -46.76 5.14
N LEU H 106 -1.41 -46.85 5.03
CA LEU H 106 -0.68 -45.76 4.41
C LEU H 106 -0.44 -46.01 2.93
N ASN H 107 -0.21 -47.25 2.54
CA ASN H 107 -0.13 -47.62 1.13
C ASN H 107 -0.88 -48.93 0.90
N GLY H 108 -2.07 -49.04 1.48
CA GLY H 108 -2.70 -50.33 1.58
C GLY H 108 -2.07 -51.25 2.60
N ARG H 109 -1.23 -50.71 3.48
CA ARG H 109 -0.48 -51.45 4.49
C ARG H 109 -0.86 -50.93 5.87
N PRO H 110 -1.32 -51.80 6.77
CA PRO H 110 -1.80 -51.32 8.08
C PRO H 110 -0.66 -50.92 9.00
N TYR H 111 -0.78 -49.74 9.60
CA TYR H 111 0.13 -49.27 10.63
C TYR H 111 -0.71 -48.78 11.80
N ILE H 112 -0.05 -48.47 12.91
CA ILE H 112 -0.72 -47.89 14.06
C ILE H 112 -0.39 -46.40 14.10
N PRO H 113 -1.38 -45.52 14.06
CA PRO H 113 -1.09 -44.08 14.13
C PRO H 113 -0.65 -43.67 15.53
N GLY H 114 0.31 -42.75 15.59
CA GLY H 114 0.83 -42.31 16.86
C GLY H 114 -0.06 -41.35 17.60
N SER H 115 -1.02 -40.75 16.91
CA SER H 115 -2.01 -39.92 17.61
C SER H 115 -2.98 -40.77 18.40
N SER H 116 -3.09 -42.06 18.07
CA SER H 116 -4.01 -42.96 18.74
C SER H 116 -3.38 -43.65 19.93
N LEU H 117 -2.07 -43.82 19.94
CA LEU H 117 -1.41 -44.40 21.10
C LEU H 117 -1.05 -43.35 22.12
N LYS H 118 -0.99 -42.08 21.72
CA LYS H 118 -0.80 -41.00 22.67
C LYS H 118 -2.08 -40.64 23.40
N GLY H 119 -3.22 -40.71 22.72
CA GLY H 119 -4.50 -40.45 23.36
C GLY H 119 -4.95 -41.51 24.32
N ALA H 120 -4.32 -42.67 24.30
CA ALA H 120 -4.53 -43.70 25.31
C ALA H 120 -3.64 -43.52 26.51
N ILE H 121 -2.41 -43.05 26.29
CA ILE H 121 -1.54 -42.71 27.40
C ILE H 121 -2.06 -41.48 28.13
N ARG H 122 -2.66 -40.54 27.40
CA ARG H 122 -3.21 -39.33 28.01
C ARG H 122 -4.40 -39.64 28.92
N THR H 123 -5.19 -40.66 28.60
CA THR H 123 -6.26 -41.07 29.50
C THR H 123 -5.71 -41.74 30.75
N ALA H 124 -4.64 -42.52 30.60
CA ALA H 124 -4.00 -43.15 31.76
C ALA H 124 -3.32 -42.13 32.65
N VAL H 125 -2.72 -41.10 32.06
CA VAL H 125 -2.04 -40.08 32.84
C VAL H 125 -3.04 -39.15 33.52
N LEU H 126 -4.17 -38.87 32.86
CA LEU H 126 -5.22 -38.06 33.48
C LEU H 126 -5.86 -38.78 34.67
N TYR H 127 -5.90 -40.11 34.64
CA TYR H 127 -6.49 -40.86 35.74
C TYR H 127 -5.60 -40.82 36.97
N LYS H 128 -4.29 -40.85 36.77
CA LYS H 128 -3.36 -40.81 37.89
C LYS H 128 -3.33 -39.43 38.54
N ALA H 129 -3.59 -38.38 37.77
CA ALA H 129 -3.54 -37.04 38.32
C ALA H 129 -4.76 -36.73 39.18
N LEU H 130 -5.92 -37.29 38.84
CA LEU H 130 -7.11 -37.06 39.64
C LEU H 130 -7.19 -37.97 40.86
N LYS H 131 -6.40 -39.05 40.91
CA LYS H 131 -6.34 -39.85 42.12
C LYS H 131 -5.61 -39.11 43.23
N GLU H 132 -4.34 -38.79 42.99
CA GLU H 132 -3.51 -38.21 44.03
C GLU H 132 -3.80 -36.73 44.23
N CYS H 133 -4.10 -36.02 43.16
CA CYS H 133 -4.46 -34.61 43.28
C CYS H 133 -5.90 -34.39 42.84
N ASP H 135 -7.88 -33.16 47.46
CA ASP H 135 -8.50 -31.85 47.31
C ASP H 135 -7.74 -30.82 48.14
N ALA H 136 -6.81 -31.30 48.96
CA ALA H 136 -6.03 -30.41 49.81
C ALA H 136 -4.89 -29.75 49.06
N ARG H 137 -4.39 -30.40 47.99
CA ARG H 137 -3.35 -29.83 47.16
C ARG H 137 -3.90 -29.22 45.87
N ALA H 138 -5.12 -29.56 45.48
CA ALA H 138 -5.70 -29.05 44.25
C ALA H 138 -6.10 -27.59 44.35
N VAL H 139 -6.16 -27.02 45.56
CA VAL H 139 -6.46 -25.60 45.70
C VAL H 139 -5.23 -24.73 45.50
N MET H 140 -4.04 -25.22 45.88
CA MET H 140 -2.82 -24.44 45.72
C MET H 140 -2.40 -24.34 44.25
N ARG H 141 -2.88 -25.24 43.39
CA ARG H 141 -2.62 -25.09 41.96
C ARG H 141 -3.41 -23.93 41.38
N VAL H 142 -4.72 -23.89 41.65
CA VAL H 142 -5.56 -22.79 41.21
C VAL H 142 -5.55 -21.62 42.18
N VAL H 143 -4.65 -21.62 43.16
CA VAL H 143 -4.46 -20.42 43.97
C VAL H 143 -3.72 -19.33 43.20
N SER H 144 -2.98 -19.72 42.17
CA SER H 144 -2.22 -18.79 41.36
C SER H 144 -3.03 -18.43 40.12
N LYS H 145 -3.56 -17.20 40.10
CA LYS H 145 -4.18 -16.57 38.93
C LYS H 145 -5.39 -17.35 38.42
N VAL H 146 -6.17 -17.90 39.34
CA VAL H 146 -7.43 -18.50 38.93
C VAL H 146 -8.61 -18.03 39.76
N ASN H 147 -8.43 -17.87 41.07
CA ASN H 147 -9.39 -17.34 42.05
C ASN H 147 -10.68 -18.15 42.18
N GLY H 148 -10.75 -19.35 41.58
CA GLY H 148 -11.93 -20.19 41.66
C GLY H 148 -11.68 -21.45 42.49
N ASP H 149 -10.52 -21.55 43.12
CA ASP H 149 -10.22 -22.70 43.98
C ASP H 149 -11.01 -22.68 45.27
N VAL H 150 -11.55 -21.53 45.66
CA VAL H 150 -12.43 -21.47 46.82
C VAL H 150 -13.73 -22.21 46.57
N ALA H 151 -14.22 -22.20 45.32
CA ALA H 151 -15.35 -23.07 44.97
C ALA H 151 -14.93 -24.53 44.94
N ARG H 152 -13.67 -24.80 44.56
CA ARG H 152 -13.14 -26.15 44.62
C ARG H 152 -12.72 -26.56 46.03
N ASP H 153 -12.64 -25.61 46.96
CA ASP H 153 -12.36 -25.93 48.36
C ASP H 153 -13.63 -26.11 49.17
N ILE H 154 -14.66 -25.30 48.89
CA ILE H 154 -15.92 -25.38 49.63
C ILE H 154 -16.74 -26.59 49.22
N GLY H 155 -16.41 -27.24 48.11
CA GLY H 155 -17.12 -28.44 47.68
C GLY H 155 -16.39 -29.72 48.04
N ARG H 156 -15.05 -29.66 48.04
CA ARG H 156 -14.14 -30.80 48.31
C ARG H 156 -14.41 -32.01 47.43
N ASP H 159 -8.61 -34.08 44.58
CA ASP H 159 -10.01 -34.47 44.51
C ASP H 159 -10.90 -33.28 44.17
N VAL H 160 -10.75 -32.78 42.95
CA VAL H 160 -11.67 -31.80 42.39
C VAL H 160 -12.89 -32.46 41.75
N LEU H 161 -13.04 -33.77 41.90
CA LEU H 161 -14.12 -34.49 41.22
C LEU H 161 -15.47 -34.24 41.89
N ASP H 162 -15.50 -34.07 43.22
CA ASP H 162 -16.77 -33.91 43.92
C ASP H 162 -17.44 -32.59 43.61
N TYR H 163 -16.69 -31.60 43.11
CA TYR H 163 -17.26 -30.36 42.61
C TYR H 163 -17.74 -30.50 41.18
N TYR H 164 -17.00 -31.24 40.34
CA TYR H 164 -17.28 -31.29 38.92
C TYR H 164 -18.53 -32.10 38.59
N MET H 165 -18.97 -32.98 39.49
CA MET H 165 -20.25 -33.64 39.30
C MET H 165 -21.40 -32.66 39.42
N SER H 166 -21.28 -31.67 40.30
CA SER H 166 -22.29 -30.64 40.45
C SER H 166 -21.97 -29.37 39.66
N PHE H 167 -20.75 -29.24 39.14
CA PHE H 167 -20.41 -28.07 38.34
C PHE H 167 -21.10 -28.10 36.99
N LEU H 168 -21.14 -29.27 36.37
CA LEU H 168 -21.91 -29.42 35.13
C LEU H 168 -23.40 -29.37 35.40
N SER H 169 -23.84 -29.85 36.57
CA SER H 169 -25.25 -29.87 36.92
C SER H 169 -25.74 -28.48 37.26
N ARG H 175 -17.57 -30.85 20.20
CA ARG H 175 -19.02 -30.81 20.38
C ARG H 175 -19.36 -30.62 21.85
N LYS H 176 -19.34 -31.72 22.60
CA LYS H 176 -19.50 -31.66 24.04
C LYS H 176 -18.18 -31.24 24.67
N ARG H 177 -18.21 -30.13 25.39
CA ARG H 177 -17.04 -29.58 26.08
C ARG H 177 -17.05 -29.89 27.56
N ALA H 178 -17.42 -31.12 27.93
CA ALA H 178 -17.59 -31.47 29.33
C ALA H 178 -16.27 -31.55 30.06
N ASP H 179 -15.21 -32.01 29.39
CA ASP H 179 -13.90 -32.15 30.01
C ASP H 179 -13.06 -30.89 29.90
N ASP H 180 -13.68 -29.74 29.64
CA ASP H 180 -12.93 -28.52 29.39
C ASP H 180 -12.28 -27.99 30.67
N LEU H 181 -13.01 -28.01 31.77
CA LEU H 181 -12.43 -27.55 33.03
C LEU H 181 -11.48 -28.58 33.61
N LEU H 182 -11.81 -29.87 33.45
CA LEU H 182 -11.00 -30.92 34.07
C LEU H 182 -9.67 -31.12 33.35
N GLU H 183 -9.62 -30.82 32.05
CA GLU H 183 -8.33 -30.81 31.35
C GLU H 183 -7.56 -29.54 31.64
N ALA H 184 -8.26 -28.46 31.95
CA ALA H 184 -7.62 -27.21 32.33
C ALA H 184 -7.12 -27.20 33.77
N ILE H 185 -7.51 -28.17 34.58
CA ILE H 185 -6.96 -28.27 35.93
C ILE H 185 -5.80 -29.22 36.01
N VAL H 186 -5.81 -30.31 35.24
CA VAL H 186 -4.78 -31.33 35.33
C VAL H 186 -3.63 -31.07 34.37
N PHE H 187 -3.81 -30.23 33.35
CA PHE H 187 -2.76 -30.01 32.38
C PHE H 187 -2.37 -28.55 32.21
N GLY H 188 -3.33 -27.63 32.22
CA GLY H 188 -3.02 -26.27 31.78
C GLY H 188 -3.93 -25.25 32.43
N MET H 189 -3.44 -24.56 33.43
CA MET H 189 -4.17 -23.43 34.00
C MET H 189 -3.89 -22.18 33.17
N GLU H 190 -4.95 -21.60 32.63
CA GLU H 190 -4.83 -20.35 31.91
C GLU H 190 -4.92 -19.16 32.86
N PRO H 191 -4.79 -17.97 32.29
CA PRO H 191 -4.95 -16.77 33.09
C PRO H 191 -6.41 -16.51 33.40
N ASP H 192 -7.22 -16.27 32.37
CA ASP H 192 -8.60 -15.90 32.57
C ASP H 192 -9.39 -16.19 31.30
N ARG H 193 -10.71 -16.19 31.44
CA ARG H 193 -11.62 -16.43 30.33
C ARG H 193 -12.98 -15.84 30.68
N ARG H 194 -13.95 -16.02 29.78
CA ARG H 194 -15.33 -15.74 30.12
C ARG H 194 -15.83 -16.72 31.18
N SER H 195 -15.37 -17.97 31.11
CA SER H 195 -15.51 -18.92 32.19
C SER H 195 -14.43 -18.67 33.24
N LYS H 196 -14.29 -19.63 34.16
CA LYS H 196 -13.27 -19.49 35.20
C LYS H 196 -11.87 -19.63 34.63
N ILE H 197 -11.54 -20.83 34.13
CA ILE H 197 -10.24 -21.10 33.53
C ILE H 197 -10.46 -21.86 32.24
N ARG H 198 -9.40 -21.96 31.44
CA ARG H 198 -9.44 -22.69 30.19
C ARG H 198 -8.09 -23.35 29.94
N TYR H 199 -8.01 -24.10 28.84
CA TYR H 199 -6.80 -24.84 28.52
C TYR H 199 -5.83 -23.95 27.76
N GLU H 200 -4.54 -24.10 28.05
CA GLU H 200 -3.49 -23.48 27.25
C GLU H 200 -2.54 -24.56 26.76
N PRO H 201 -2.51 -24.82 25.45
CA PRO H 201 -1.58 -25.82 24.89
C PRO H 201 -0.11 -25.54 25.13
N LYS H 202 0.26 -24.30 25.43
CA LYS H 202 1.66 -23.99 25.67
C LYS H 202 2.11 -24.42 27.06
N ARG H 203 1.17 -24.73 27.93
CA ARG H 203 1.46 -25.18 29.29
C ARG H 203 1.04 -26.63 29.41
N ASP H 204 1.92 -27.54 29.07
CA ASP H 204 1.54 -28.96 29.11
C ASP H 204 2.79 -29.81 29.24
N PRO H 205 2.88 -30.71 30.22
CA PRO H 205 3.97 -31.68 30.20
C PRO H 205 3.87 -32.67 29.05
N MET H 206 2.66 -32.92 28.54
CA MET H 206 2.44 -33.87 27.46
C MET H 206 2.89 -33.37 26.10
N LYS H 207 3.33 -32.11 25.98
CA LYS H 207 4.00 -31.66 24.78
C LYS H 207 5.44 -32.13 24.71
N ALA H 208 5.96 -32.70 25.79
CA ALA H 208 7.27 -33.32 25.79
C ALA H 208 7.20 -34.81 25.50
N LEU H 209 6.01 -35.39 25.52
CA LEU H 209 5.84 -36.82 25.23
C LEU H 209 5.76 -37.00 23.72
N ILE H 210 6.77 -37.64 23.16
CA ILE H 210 6.86 -37.88 21.72
C ILE H 210 6.63 -39.36 21.47
N VAL H 211 5.52 -39.67 20.81
CA VAL H 211 5.28 -41.00 20.26
C VAL H 211 5.22 -40.85 18.75
N ARG H 212 5.66 -41.90 18.06
CA ARG H 212 5.72 -41.87 16.61
C ARG H 212 4.92 -43.01 16.04
N ASP H 213 4.54 -42.87 14.77
CA ASP H 213 3.81 -43.91 14.08
C ASP H 213 4.67 -45.16 13.98
N SER H 214 4.05 -46.32 14.18
CA SER H 214 4.81 -47.55 14.21
C SER H 214 5.18 -47.98 12.79
N LYS H 215 6.01 -49.00 12.71
CA LYS H 215 6.28 -49.64 11.44
C LYS H 215 5.00 -50.35 10.96
N PRO H 216 4.82 -50.50 9.65
CA PRO H 216 3.60 -51.15 9.15
C PRO H 216 3.54 -52.62 9.52
N VAL H 217 2.32 -53.09 9.80
CA VAL H 217 2.14 -54.40 10.42
C VAL H 217 2.36 -55.52 9.41
N GLY H 218 1.54 -55.56 8.38
CA GLY H 218 1.63 -56.60 7.36
C GLY H 218 0.26 -57.08 6.94
N ARG H 219 0.21 -57.63 5.73
CA ARG H 219 -1.06 -58.12 5.20
C ARG H 219 -1.49 -59.41 5.87
N LYS H 220 -0.54 -60.24 6.31
CA LYS H 220 -0.86 -61.55 6.86
C LYS H 220 -1.57 -61.47 8.20
N HIS H 221 -1.49 -60.34 8.89
CA HIS H 221 -2.08 -60.19 10.21
C HIS H 221 -3.37 -59.42 10.20
N LEU H 222 -3.92 -59.12 9.02
CA LEU H 222 -5.13 -58.34 8.88
C LEU H 222 -6.24 -59.27 8.40
N ALA H 223 -7.40 -59.18 9.05
CA ALA H 223 -8.53 -60.01 8.67
C ALA H 223 -9.83 -59.33 9.06
N VAL H 224 -10.90 -59.69 8.36
CA VAL H 224 -12.22 -59.19 8.68
C VAL H 224 -12.72 -59.87 9.96
N TYR H 225 -13.57 -59.19 10.72
CA TYR H 225 -14.16 -59.76 11.91
C TYR H 225 -15.66 -59.50 11.93
N HIS H 226 -16.31 -60.07 12.95
CA HIS H 226 -17.77 -60.11 13.06
C HIS H 226 -18.10 -59.75 14.50
N VAL H 227 -18.21 -58.46 14.79
CA VAL H 227 -18.33 -57.97 16.15
C VAL H 227 -19.79 -58.01 16.56
N GLU H 228 -20.08 -58.78 17.59
CA GLU H 228 -21.44 -58.92 18.09
C GLU H 228 -21.61 -58.03 19.32
N VAL H 229 -22.71 -57.30 19.38
CA VAL H 229 -23.00 -56.39 20.48
C VAL H 229 -23.93 -57.09 21.46
N ILE H 230 -23.52 -57.13 22.73
CA ILE H 230 -24.20 -57.88 23.77
C ILE H 230 -24.58 -56.92 24.88
N GLY H 231 -25.80 -57.07 25.39
CA GLY H 231 -26.34 -56.20 26.42
C GLY H 231 -27.83 -56.01 26.25
N ASN H 232 -28.34 -56.46 25.12
CA ASN H 232 -29.75 -56.48 24.76
C ASN H 232 -30.15 -57.92 24.43
N PRO H 233 -31.45 -58.26 24.45
CA PRO H 233 -31.84 -59.62 24.06
C PRO H 233 -31.63 -59.91 22.58
N GLN H 234 -31.67 -58.89 21.72
CA GLN H 234 -31.41 -59.11 20.31
C GLN H 234 -30.03 -58.56 19.96
N PRO H 235 -29.00 -59.39 19.84
CA PRO H 235 -27.67 -58.87 19.54
C PRO H 235 -27.54 -58.43 18.10
N ILE H 236 -26.70 -57.43 17.88
CA ILE H 236 -26.51 -56.93 16.52
C ILE H 236 -25.10 -57.27 16.08
N PRO H 237 -24.89 -57.66 14.83
CA PRO H 237 -23.54 -57.82 14.32
C PRO H 237 -23.05 -56.59 13.59
N ILE H 238 -21.75 -56.32 13.75
CA ILE H 238 -21.05 -55.33 12.95
C ILE H 238 -19.83 -56.01 12.34
N TRP H 239 -19.66 -55.89 11.03
CA TRP H 239 -18.47 -56.37 10.36
C TRP H 239 -17.42 -55.28 10.38
N VAL H 240 -16.17 -55.69 10.54
CA VAL H 240 -15.05 -54.77 10.69
C VAL H 240 -13.80 -55.57 10.39
N GLU H 241 -12.73 -54.88 10.00
CA GLU H 241 -11.44 -55.53 9.86
C GLU H 241 -10.53 -55.05 10.99
N ALA H 242 -9.67 -55.96 11.46
CA ALA H 242 -8.84 -55.66 12.61
C ALA H 242 -7.59 -56.52 12.54
N ILE H 243 -6.55 -56.07 13.22
CA ILE H 243 -5.32 -56.85 13.31
C ILE H 243 -5.56 -58.05 14.21
N GLU H 244 -5.20 -59.24 13.72
CA GLU H 244 -5.37 -60.45 14.49
C GLU H 244 -4.44 -60.45 15.70
N PRO H 245 -4.85 -61.10 16.80
CA PRO H 245 -3.96 -61.17 17.95
C PRO H 245 -2.75 -62.05 17.67
N GLY H 246 -1.59 -61.57 18.09
CA GLY H 246 -0.33 -62.24 17.83
C GLY H 246 0.60 -61.49 16.90
N ALA H 247 0.19 -60.34 16.38
CA ALA H 247 1.06 -59.53 15.54
C ALA H 247 1.89 -58.62 16.42
N ALA H 248 3.17 -58.48 16.10
CA ALA H 248 4.10 -57.69 16.89
C ALA H 248 4.83 -56.73 15.97
N THR H 249 4.69 -55.44 16.24
CA THR H 249 5.45 -54.40 15.57
C THR H 249 6.26 -53.62 16.58
N ASP H 250 6.95 -52.60 16.10
CA ASP H 250 7.84 -51.80 16.93
C ASP H 250 7.52 -50.32 16.82
N VAL H 251 7.49 -49.66 17.96
CA VAL H 251 7.15 -48.26 18.07
C VAL H 251 8.18 -47.63 19.00
N GLU H 252 8.51 -46.36 18.77
CA GLU H 252 9.48 -45.69 19.62
C GLU H 252 8.83 -44.53 20.35
N ILE H 253 8.94 -44.55 21.67
CA ILE H 253 8.38 -43.55 22.55
C ILE H 253 9.51 -42.99 23.38
N HIS H 254 9.69 -41.67 23.38
CA HIS H 254 10.62 -41.10 24.32
C HIS H 254 10.13 -39.73 24.77
N VAL H 255 10.56 -39.36 25.96
CA VAL H 255 10.28 -38.06 26.55
C VAL H 255 11.50 -37.18 26.35
N ASP H 256 11.29 -35.97 25.83
CA ASP H 256 12.39 -35.03 25.63
C ASP H 256 12.55 -34.24 26.91
N THR H 257 13.51 -34.66 27.75
CA THR H 257 13.75 -34.05 29.05
C THR H 257 14.24 -32.61 28.94
N GLU H 258 14.84 -32.24 27.81
CA GLU H 258 15.31 -30.88 27.62
C GLU H 258 14.15 -29.91 27.47
N ALA H 259 13.01 -30.37 26.95
CA ALA H 259 11.84 -29.52 26.86
C ALA H 259 11.15 -29.33 28.20
N LEU H 260 11.48 -30.12 29.22
CA LEU H 260 10.93 -29.88 30.54
C LEU H 260 11.77 -28.94 31.37
N ARG H 261 13.09 -28.92 31.15
CA ARG H 261 13.97 -28.05 31.90
C ARG H 261 13.75 -26.60 31.57
N LEU H 262 13.39 -26.30 30.32
CA LEU H 262 13.09 -24.94 29.91
C LEU H 262 11.78 -24.44 30.47
N ASN H 263 10.87 -25.35 30.81
CA ASN H 263 9.52 -25.00 31.21
C ASN H 263 9.25 -25.26 32.69
N ALA H 264 10.27 -25.20 33.53
CA ALA H 264 10.09 -25.52 34.95
C ALA H 264 9.28 -24.46 35.68
N ASP H 265 9.20 -23.25 35.15
CA ASP H 265 8.44 -22.17 35.77
C ASP H 265 7.14 -21.89 35.04
N TYR H 266 6.96 -22.44 33.84
CA TYR H 266 5.86 -22.07 32.97
C TYR H 266 4.71 -23.09 33.01
N PHE H 267 4.95 -24.30 33.47
CA PHE H 267 3.90 -25.29 33.62
C PHE H 267 3.08 -25.01 34.86
N ASN H 268 1.75 -25.02 34.71
CA ASN H 268 0.85 -24.71 35.82
C ASN H 268 -0.31 -25.70 35.77
N GLY H 269 -0.15 -26.84 36.45
CA GLY H 269 -1.18 -27.86 36.42
C GLY H 269 -0.96 -28.87 37.52
N LEU H 270 -1.99 -29.70 37.73
CA LEU H 270 -1.93 -30.74 38.75
C LEU H 270 -0.99 -31.87 38.38
N LEU H 271 -0.72 -32.06 37.08
CA LEU H 271 0.23 -33.08 36.68
C LEU H 271 1.64 -32.67 37.06
N TRP H 272 1.93 -31.36 36.98
CA TRP H 272 3.22 -30.84 37.38
C TRP H 272 3.38 -30.89 38.90
N GLU H 273 2.27 -30.90 39.62
CA GLU H 273 2.26 -31.07 41.07
C GLU H 273 2.10 -32.52 41.46
N CYS H 274 2.29 -33.45 40.53
CA CYS H 274 2.51 -34.85 40.83
C CYS H 274 3.94 -35.26 40.56
N LEU H 275 4.71 -34.43 39.86
CA LEU H 275 6.07 -34.74 39.49
C LEU H 275 7.10 -34.15 40.43
N LYS H 276 6.75 -33.07 41.13
CA LYS H 276 7.66 -32.43 42.07
C LYS H 276 7.69 -33.16 43.41
N GLU H 277 6.96 -34.26 43.55
CA GLU H 277 6.90 -35.03 44.77
C GLU H 277 7.58 -36.38 44.64
N ARG H 278 7.84 -36.82 43.43
CA ARG H 278 8.66 -38.01 43.19
C ARG H 278 10.13 -37.67 43.00
N GLY H 279 10.48 -36.38 43.04
CA GLY H 279 11.86 -35.96 42.88
C GLY H 279 11.97 -34.77 41.96
N GLU H 280 12.98 -34.78 41.10
CA GLU H 280 13.15 -33.73 40.10
C GLU H 280 12.06 -33.84 39.05
N PRO H 281 11.21 -32.82 38.86
CA PRO H 281 10.05 -32.96 37.98
C PRO H 281 10.37 -33.09 36.50
N GLY H 282 11.60 -32.81 36.09
CA GLY H 282 11.98 -33.04 34.72
C GLY H 282 12.78 -34.32 34.58
N GLU H 283 12.64 -35.22 35.55
CA GLU H 283 13.48 -36.41 35.59
C GLU H 283 12.67 -37.67 35.86
N VAL H 284 11.54 -37.53 36.56
CA VAL H 284 10.71 -38.66 36.94
C VAL H 284 9.43 -38.72 36.10
N PHE H 285 9.26 -37.80 35.16
CA PHE H 285 8.05 -37.77 34.32
C PHE H 285 7.93 -39.00 33.45
N GLU H 286 9.05 -39.57 33.00
CA GLU H 286 8.99 -40.79 32.21
C GLU H 286 8.71 -42.01 33.11
N ASP H 287 9.04 -41.93 34.39
CA ASP H 287 8.74 -43.01 35.31
C ASP H 287 7.33 -42.91 35.86
N PHE H 288 6.84 -41.68 36.04
CA PHE H 288 5.43 -41.44 36.35
C PHE H 288 4.52 -41.91 35.22
N LEU H 289 5.05 -41.93 34.00
CA LEU H 289 4.24 -42.14 32.80
C LEU H 289 3.72 -43.57 32.73
N TRP H 290 4.55 -44.54 33.05
CA TRP H 290 4.13 -45.93 32.96
C TRP H 290 3.45 -46.42 34.21
N GLU H 291 3.71 -45.81 35.35
CA GLU H 291 2.94 -46.10 36.56
C GLU H 291 1.52 -45.58 36.46
N ALA H 292 1.27 -44.61 35.58
CA ALA H 292 -0.09 -44.19 35.28
C ALA H 292 -0.75 -45.15 34.31
N VAL H 293 0.02 -45.84 33.48
CA VAL H 293 -0.54 -46.76 32.51
C VAL H 293 -1.05 -48.01 33.19
N ASP H 294 -0.22 -48.64 34.02
CA ASP H 294 -0.59 -49.88 34.68
C ASP H 294 -1.49 -49.66 35.90
N GLU H 295 -2.02 -48.46 36.10
CA GLU H 295 -3.01 -48.20 37.14
C GLU H 295 -4.34 -47.72 36.61
N PHE H 296 -4.40 -47.21 35.39
CA PHE H 296 -5.70 -47.00 34.77
C PHE H 296 -6.19 -48.28 34.10
N TYR H 297 -5.32 -48.95 33.36
CA TYR H 297 -5.77 -50.04 32.53
C TYR H 297 -5.86 -51.37 33.27
N THR H 298 -5.10 -51.56 34.34
CA THR H 298 -5.37 -52.70 35.20
C THR H 298 -6.64 -52.50 36.01
N ALA H 299 -6.98 -51.25 36.32
CA ALA H 299 -8.21 -50.99 37.06
C ALA H 299 -9.45 -51.15 36.20
N VAL H 300 -9.35 -50.88 34.89
CA VAL H 300 -10.48 -51.17 34.02
C VAL H 300 -10.49 -52.63 33.61
N MET H 301 -9.35 -53.32 33.74
CA MET H 301 -9.31 -54.75 33.51
C MET H 301 -10.02 -55.50 34.61
N LYS H 302 -9.85 -55.07 35.86
CA LYS H 302 -10.51 -55.71 36.98
C LYS H 302 -11.99 -55.34 37.05
N TYR H 303 -12.35 -54.15 36.57
CA TYR H 303 -13.75 -53.71 36.65
C TYR H 303 -14.66 -54.53 35.74
N GLU H 304 -14.12 -55.05 34.65
CA GLU H 304 -14.90 -55.84 33.71
C GLU H 304 -15.02 -57.30 34.12
N THR H 305 -14.35 -57.72 35.20
CA THR H 305 -14.60 -59.03 35.77
C THR H 305 -15.83 -59.05 36.66
N ILE H 306 -16.38 -57.89 36.99
CA ILE H 306 -17.63 -57.83 37.75
C ILE H 306 -18.81 -58.18 36.86
N GLU H 307 -18.93 -57.53 35.70
CA GLU H 307 -20.00 -57.84 34.78
C GLU H 307 -19.74 -59.16 34.07
N VAL H 308 -20.74 -60.06 34.11
CA VAL H 308 -20.67 -61.35 33.44
C VAL H 308 -21.71 -61.47 32.33
N GLN H 309 -22.22 -60.34 31.83
CA GLN H 309 -23.25 -60.36 30.81
C GLN H 309 -22.72 -60.77 29.45
N LYS H 310 -21.41 -60.69 29.23
CA LYS H 310 -20.82 -61.07 27.96
C LYS H 310 -20.86 -62.59 27.77
N PHE H 311 -21.03 -63.00 26.50
CA PHE H 311 -21.10 -64.38 26.04
C PHE H 311 -22.15 -65.22 26.77
N SER H 316 -17.48 -66.36 31.01
CA SER H 316 -17.37 -67.71 30.47
C SER H 316 -15.99 -67.95 29.90
N GLN H 317 -15.79 -67.46 28.67
CA GLN H 317 -14.47 -67.42 28.04
C GLN H 317 -13.85 -66.03 28.14
N VAL H 318 -14.68 -65.00 28.31
CA VAL H 318 -14.20 -63.63 28.46
C VAL H 318 -13.40 -63.48 29.74
N ARG H 319 -13.85 -64.12 30.82
CA ARG H 319 -13.11 -64.09 32.08
C ARG H 319 -11.80 -64.88 31.97
N SER H 320 -11.78 -65.94 31.16
CA SER H 320 -10.55 -66.69 30.94
C SER H 320 -9.55 -65.91 30.09
N PHE H 321 -9.98 -64.83 29.44
CA PHE H 321 -9.04 -63.90 28.82
C PHE H 321 -8.49 -62.93 29.85
N TYR H 322 -9.32 -62.50 30.80
CA TYR H 322 -8.93 -61.48 31.77
C TYR H 322 -8.05 -62.06 32.87
N ALA H 323 -8.29 -63.30 33.26
CA ALA H 323 -7.40 -63.96 34.20
C ALA H 323 -6.07 -64.33 33.56
N SER H 324 -6.02 -64.42 32.23
CA SER H 324 -4.79 -64.67 31.51
C SER H 324 -4.06 -63.39 31.14
N LEU H 325 -4.70 -62.22 31.26
CA LEU H 325 -3.99 -60.96 31.05
C LEU H 325 -2.98 -60.69 32.16
N GLU H 326 -3.20 -61.26 33.34
CA GLU H 326 -2.17 -61.22 34.36
C GLU H 326 -1.09 -62.24 34.03
N ASP H 327 0.02 -62.15 34.79
CA ASP H 327 1.27 -62.86 34.51
C ASP H 327 1.73 -62.60 33.07
N HIS H 328 1.63 -61.34 32.64
CA HIS H 328 2.06 -60.93 31.31
C HIS H 328 2.93 -59.71 31.46
N SER H 329 4.21 -59.84 31.12
CA SER H 329 5.18 -58.78 31.31
C SER H 329 4.92 -57.63 30.35
N GLY H 330 5.25 -56.43 30.78
CA GLY H 330 5.07 -55.25 29.98
C GLY H 330 3.93 -54.40 30.50
N HIS H 331 3.61 -53.37 29.71
CA HIS H 331 2.58 -52.40 30.07
C HIS H 331 1.36 -52.62 29.19
N VAL H 332 0.22 -52.87 29.81
CA VAL H 332 -1.00 -53.26 29.12
C VAL H 332 -1.89 -52.03 29.00
N LEU H 333 -2.43 -51.79 27.82
CA LEU H 333 -3.30 -50.64 27.61
C LEU H 333 -4.26 -50.90 26.45
N ARG H 334 -5.37 -50.16 26.44
CA ARG H 334 -6.37 -50.26 25.39
C ARG H 334 -6.04 -49.34 24.24
N LEU H 335 -6.52 -49.71 23.06
CA LEU H 335 -6.50 -48.82 21.91
C LEU H 335 -7.80 -49.02 21.16
N GLY H 336 -7.92 -48.31 20.05
CA GLY H 336 -8.82 -48.76 19.01
C GLY H 336 -10.27 -48.44 19.25
N TRP H 337 -11.12 -49.35 18.77
CA TRP H 337 -12.52 -49.11 18.56
C TRP H 337 -13.41 -49.89 19.51
N GLY H 338 -12.95 -51.03 20.01
CA GLY H 338 -13.79 -51.83 20.88
C GLY H 338 -13.64 -51.49 22.34
N SER H 339 -12.69 -50.62 22.67
CA SER H 339 -12.58 -50.12 24.02
C SER H 339 -13.80 -49.26 24.33
N GLY H 340 -14.58 -49.68 25.31
CA GLY H 340 -15.88 -49.09 25.57
C GLY H 340 -15.81 -47.73 26.23
N TRP H 341 -16.94 -47.34 26.81
CA TRP H 341 -16.98 -46.10 27.57
C TRP H 341 -16.13 -46.18 28.84
N LEU H 342 -15.90 -47.39 29.34
CA LEU H 342 -15.08 -47.57 30.53
C LEU H 342 -13.60 -47.33 30.28
N ALA H 343 -13.14 -47.41 29.04
CA ALA H 343 -11.71 -47.38 28.74
C ALA H 343 -11.26 -46.14 27.97
N MET H 344 -12.14 -45.18 27.73
CA MET H 344 -11.79 -44.00 26.95
C MET H 344 -12.01 -42.75 27.79
N THR H 345 -12.28 -42.93 29.08
CA THR H 345 -13.02 -41.93 29.84
C THR H 345 -12.63 -42.02 31.31
N ILE H 346 -12.63 -40.87 31.99
CA ILE H 346 -12.40 -40.77 33.43
C ILE H 346 -13.42 -41.54 34.25
N GLY H 347 -14.62 -41.76 33.70
CA GLY H 347 -15.82 -42.28 34.35
C GLY H 347 -15.68 -43.64 35.02
N LEU H 348 -14.54 -44.34 34.84
CA LEU H 348 -14.19 -45.41 35.77
C LEU H 348 -14.04 -44.87 37.18
N LEU H 349 -13.44 -43.69 37.31
CA LEU H 349 -13.34 -43.03 38.60
C LEU H 349 -14.67 -42.44 39.05
N LEU H 350 -15.60 -42.21 38.12
CA LEU H 350 -16.92 -41.67 38.41
C LEU H 350 -17.98 -42.76 38.62
N VAL H 351 -17.55 -43.97 38.97
CA VAL H 351 -18.50 -45.00 39.36
C VAL H 351 -18.82 -44.90 40.85
N GLU H 352 -17.81 -44.57 41.66
CA GLU H 352 -17.97 -44.51 43.11
C GLU H 352 -18.79 -43.32 43.59
N LYS H 353 -19.18 -42.40 42.70
CA LYS H 353 -20.09 -41.35 43.12
C LYS H 353 -21.53 -41.84 43.17
N GLY H 354 -21.97 -42.56 42.14
CA GLY H 354 -23.35 -43.03 42.11
C GLY H 354 -24.34 -41.94 41.76
N TYR H 355 -25.10 -41.48 42.76
CA TYR H 355 -26.12 -40.46 42.54
C TYR H 355 -25.54 -39.11 42.16
N LYS H 356 -24.29 -38.83 42.53
CA LYS H 356 -23.64 -37.60 42.09
C LYS H 356 -23.34 -37.63 40.59
N TRP H 357 -23.21 -38.83 40.01
CA TRP H 357 -23.06 -38.98 38.56
C TRP H 357 -24.33 -39.45 37.89
N GLU H 358 -25.35 -39.87 38.66
CA GLU H 358 -26.57 -40.39 38.05
C GLU H 358 -27.44 -39.27 37.51
N ASN H 359 -27.48 -38.12 38.19
CA ASN H 359 -28.21 -36.98 37.66
C ASN H 359 -27.48 -36.35 36.49
N VAL H 360 -26.15 -36.45 36.46
CA VAL H 360 -25.39 -35.81 35.41
C VAL H 360 -25.32 -36.66 34.14
N ARG H 361 -25.41 -37.98 34.26
CA ARG H 361 -25.40 -38.84 33.08
C ARG H 361 -26.68 -38.70 32.28
N LYS H 362 -27.81 -38.43 32.95
CA LYS H 362 -29.05 -38.07 32.27
C LYS H 362 -29.05 -36.63 31.81
N LYS H 363 -28.21 -35.80 32.45
CA LYS H 363 -28.03 -34.39 32.00
C LYS H 363 -27.30 -34.43 30.65
N LEU H 364 -26.24 -35.21 30.57
CA LEU H 364 -25.46 -35.41 29.32
C LEU H 364 -26.31 -36.18 28.33
N GLY H 365 -27.13 -37.12 28.81
CA GLY H 365 -28.02 -37.95 27.94
C GLY H 365 -27.32 -39.25 27.54
N LEU H 366 -28.07 -40.26 27.09
CA LEU H 366 -27.46 -41.55 26.69
C LEU H 366 -28.37 -42.37 25.74
N GLY H 367 -29.35 -43.08 26.26
CA GLY H 367 -30.24 -43.95 25.46
C GLY H 367 -31.10 -43.13 24.48
N LYS H 368 -31.37 -43.66 23.29
CA LYS H 368 -32.19 -42.95 22.29
C LYS H 368 -32.99 -43.92 21.40
N LYS H 369 -34.05 -43.41 20.79
CA LYS H 369 -34.97 -44.08 19.87
C LYS H 369 -36.01 -44.94 20.58
N GLY H 372 -35.79 -41.96 25.33
CA GLY H 372 -35.69 -41.16 26.54
C GLY H 372 -34.32 -41.30 27.18
N SER H 373 -34.19 -42.23 28.13
CA SER H 373 -32.95 -42.44 28.86
C SER H 373 -32.90 -43.86 29.40
N GLY H 374 -31.72 -44.46 29.34
CA GLY H 374 -31.52 -45.79 29.90
C GLY H 374 -31.39 -45.70 31.42
N PHE H 375 -32.26 -46.43 32.13
CA PHE H 375 -32.33 -46.29 33.58
C PHE H 375 -31.19 -47.00 34.29
N SER H 376 -31.16 -48.32 34.22
CA SER H 376 -30.22 -49.11 35.01
C SER H 376 -28.97 -49.49 34.23
N ARG H 377 -28.98 -49.33 32.91
CA ARG H 377 -27.81 -49.69 32.11
C ARG H 377 -27.28 -48.48 31.35
N GLU H 378 -27.33 -47.29 31.97
CA GLU H 378 -27.07 -45.97 31.37
C GLU H 378 -25.72 -45.93 30.65
N PHE H 379 -24.60 -46.06 31.34
CA PHE H 379 -23.33 -46.15 30.65
C PHE H 379 -22.91 -47.54 30.14
N PRO H 380 -22.86 -48.61 30.95
CA PRO H 380 -22.03 -49.76 30.54
C PRO H 380 -22.73 -50.83 29.71
N LYS H 381 -23.84 -50.53 29.04
CA LYS H 381 -24.70 -51.58 28.49
C LYS H 381 -24.06 -52.33 27.32
N THR H 382 -23.36 -51.60 26.44
CA THR H 382 -22.83 -52.17 25.21
C THR H 382 -21.48 -52.81 25.48
N ARG H 383 -21.29 -54.02 24.96
CA ARG H 383 -19.98 -54.64 24.87
C ARG H 383 -19.74 -55.07 23.43
N ARG H 384 -18.67 -54.59 22.83
CA ARG H 384 -18.33 -54.92 21.44
C ARG H 384 -17.12 -55.84 21.50
N LEU H 385 -17.35 -57.13 21.29
CA LEU H 385 -16.29 -58.12 21.32
C LEU H 385 -16.33 -58.95 20.04
N ALA H 386 -15.17 -59.24 19.49
CA ALA H 386 -15.05 -59.92 18.21
C ALA H 386 -14.67 -61.38 18.44
N ASP H 387 -15.53 -62.29 17.97
CA ASP H 387 -15.34 -63.75 18.05
C ASP H 387 -15.13 -64.23 19.48
N GLY H 388 -15.85 -63.63 20.42
CA GLY H 388 -15.68 -63.98 21.81
C GLY H 388 -14.38 -63.51 22.42
N MET H 389 -13.79 -62.45 21.89
CA MET H 389 -12.57 -61.87 22.45
C MET H 389 -12.83 -60.38 22.68
N PRO H 390 -12.56 -59.87 23.88
CA PRO H 390 -12.76 -58.44 24.13
C PRO H 390 -11.71 -57.62 23.40
N MET H 391 -12.13 -56.89 22.38
CA MET H 391 -11.17 -56.39 21.40
C MET H 391 -10.48 -55.10 21.87
N GLY H 392 -9.26 -54.91 21.38
CA GLY H 392 -8.48 -53.70 21.62
C GLY H 392 -7.43 -53.76 22.72
N TRP H 393 -6.61 -54.80 22.80
CA TRP H 393 -5.57 -54.89 23.81
C TRP H 393 -4.20 -54.97 23.16
N VAL H 394 -3.36 -54.01 23.50
CA VAL H 394 -1.99 -53.91 23.00
C VAL H 394 -1.06 -53.74 24.20
N VAL H 395 -0.01 -54.54 24.27
CA VAL H 395 0.90 -54.54 25.39
C VAL H 395 2.27 -54.06 24.93
N LEU H 396 2.67 -52.89 25.40
CA LEU H 396 4.02 -52.37 25.26
C LEU H 396 4.92 -52.98 26.32
N GLU H 397 6.22 -52.72 26.21
CA GLU H 397 7.15 -53.02 27.31
C GLU H 397 8.34 -52.07 27.29
#